data_2D7L
#
_entry.id   2D7L
#
_entity_poly.entity_id   1
_entity_poly.type   'polypeptide(L)'
_entity_poly.pdbx_seq_one_letter_code
;GSSGSSGRPKTGFQMWLEENRSNILSDNPDFSDEADIIKEGMIRFRVLSTEERKVWANKAKGETASEGTEAKKRKSGPSS
G
;
_entity_poly.pdbx_strand_id   A
#
# COMPACT_ATOMS: atom_id res chain seq x y z
N GLY A 1 -0.33 11.62 -22.23
CA GLY A 1 0.38 10.97 -21.14
C GLY A 1 -0.38 11.09 -19.83
N SER A 2 -0.98 9.98 -19.40
CA SER A 2 -1.73 9.94 -18.15
C SER A 2 -1.40 8.70 -17.34
N SER A 3 -1.06 8.90 -16.07
CA SER A 3 -0.71 7.78 -15.19
C SER A 3 -1.72 7.65 -14.06
N GLY A 4 -2.03 6.41 -13.69
CA GLY A 4 -2.99 6.17 -12.63
C GLY A 4 -3.29 4.69 -12.45
N SER A 5 -4.48 4.39 -11.93
CA SER A 5 -4.88 3.01 -11.69
C SER A 5 -6.36 2.82 -12.04
N SER A 6 -6.67 1.69 -12.65
CA SER A 6 -8.04 1.37 -13.04
C SER A 6 -8.60 0.23 -12.20
N GLY A 7 -9.50 0.56 -11.28
CA GLY A 7 -10.10 -0.44 -10.42
C GLY A 7 -9.10 -1.52 -10.03
N ARG A 8 -7.87 -1.12 -9.74
CA ARG A 8 -6.83 -2.06 -9.35
C ARG A 8 -6.79 -2.23 -7.84
N PRO A 9 -6.26 -3.37 -7.38
CA PRO A 9 -6.15 -3.68 -5.95
C PRO A 9 -5.12 -2.81 -5.24
N LYS A 10 -4.87 -3.09 -3.97
CA LYS A 10 -3.90 -2.34 -3.18
C LYS A 10 -2.67 -3.20 -2.88
N THR A 11 -1.54 -2.53 -2.65
CA THR A 11 -0.30 -3.23 -2.34
C THR A 11 0.20 -2.87 -0.94
N GLY A 12 1.20 -3.61 -0.47
CA GLY A 12 1.75 -3.36 0.85
C GLY A 12 2.18 -1.91 1.03
N PHE A 13 2.68 -1.31 -0.04
CA PHE A 13 3.13 0.08 0.00
C PHE A 13 1.95 1.03 0.10
N GLN A 14 0.84 0.66 -0.54
CA GLN A 14 -0.35 1.49 -0.52
C GLN A 14 -0.99 1.51 0.87
N MET A 15 -0.85 0.41 1.60
CA MET A 15 -1.41 0.31 2.94
C MET A 15 -0.51 1.02 3.95
N TRP A 16 0.79 0.74 3.88
CA TRP A 16 1.75 1.36 4.79
C TRP A 16 1.91 2.84 4.50
N LEU A 17 2.09 3.17 3.22
CA LEU A 17 2.26 4.56 2.81
C LEU A 17 1.09 5.41 3.29
N GLU A 18 -0.12 4.88 3.15
CA GLU A 18 -1.32 5.59 3.58
C GLU A 18 -1.49 5.53 5.09
N GLU A 19 -0.73 4.64 5.73
CA GLU A 19 -0.79 4.47 7.17
C GLU A 19 0.39 5.15 7.86
N ASN A 20 1.40 5.49 7.06
CA ASN A 20 2.60 6.15 7.59
C ASN A 20 2.69 7.59 7.09
N ARG A 21 2.06 7.86 5.96
CA ARG A 21 2.07 9.20 5.38
C ARG A 21 1.88 10.26 6.46
N SER A 22 0.92 10.03 7.35
CA SER A 22 0.63 10.98 8.43
C SER A 22 1.84 11.13 9.34
N ASN A 23 2.59 10.04 9.51
CA ASN A 23 3.78 10.06 10.35
C ASN A 23 4.94 10.75 9.66
N ILE A 24 4.96 10.67 8.33
CA ILE A 24 6.02 11.29 7.54
C ILE A 24 5.90 12.81 7.56
N LEU A 25 4.66 13.30 7.56
CA LEU A 25 4.40 14.73 7.59
C LEU A 25 4.71 15.32 8.96
N SER A 26 4.21 14.68 10.01
CA SER A 26 4.44 15.14 11.37
C SER A 26 5.89 15.53 11.58
N ASP A 27 6.79 14.85 10.87
CA ASP A 27 8.22 15.13 10.97
C ASP A 27 8.66 16.12 9.90
N ASN A 28 8.11 15.98 8.70
CA ASN A 28 8.45 16.86 7.59
C ASN A 28 7.18 17.44 6.95
N PRO A 29 6.73 18.58 7.46
CA PRO A 29 5.54 19.26 6.95
C PRO A 29 5.75 19.85 5.57
N ASP A 30 7.01 20.00 5.18
CA ASP A 30 7.35 20.55 3.87
C ASP A 30 6.60 19.81 2.77
N PHE A 31 6.40 18.51 2.95
CA PHE A 31 5.70 17.70 1.97
C PHE A 31 4.28 18.21 1.74
N SER A 32 4.03 18.72 0.54
CA SER A 32 2.72 19.25 0.20
C SER A 32 2.09 18.45 -0.94
N ASP A 33 2.89 17.58 -1.54
CA ASP A 33 2.41 16.74 -2.64
C ASP A 33 2.73 15.27 -2.40
N GLU A 34 1.84 14.40 -2.85
CA GLU A 34 2.03 12.97 -2.68
C GLU A 34 3.34 12.51 -3.32
N ALA A 35 3.71 13.16 -4.42
CA ALA A 35 4.94 12.82 -5.12
C ALA A 35 6.15 12.87 -4.19
N ASP A 36 6.14 13.83 -3.27
CA ASP A 36 7.23 13.98 -2.32
C ASP A 36 7.08 13.02 -1.15
N ILE A 37 5.83 12.64 -0.87
CA ILE A 37 5.54 11.73 0.23
C ILE A 37 5.89 10.29 -0.16
N ILE A 38 5.69 9.96 -1.43
CA ILE A 38 5.98 8.62 -1.93
C ILE A 38 7.49 8.36 -1.94
N LYS A 39 8.24 9.30 -2.50
CA LYS A 39 9.69 9.16 -2.58
C LYS A 39 10.28 8.83 -1.23
N GLU A 40 9.63 9.31 -0.16
CA GLU A 40 10.09 9.05 1.20
C GLU A 40 9.53 7.75 1.72
N GLY A 41 8.25 7.50 1.46
CA GLY A 41 7.62 6.29 1.92
C GLY A 41 8.34 5.04 1.44
N MET A 42 8.93 5.12 0.25
CA MET A 42 9.65 3.99 -0.30
C MET A 42 10.96 3.75 0.43
N ILE A 43 11.53 4.83 0.97
CA ILE A 43 12.78 4.74 1.71
C ILE A 43 12.59 4.01 3.04
N ARG A 44 11.45 4.26 3.68
CA ARG A 44 11.14 3.64 4.96
C ARG A 44 10.46 2.29 4.75
N PHE A 45 9.78 2.14 3.62
CA PHE A 45 9.09 0.90 3.30
C PHE A 45 10.06 -0.17 2.81
N ARG A 46 11.16 0.28 2.21
CA ARG A 46 12.17 -0.63 1.69
C ARG A 46 13.06 -1.15 2.82
N VAL A 47 13.10 -0.41 3.93
CA VAL A 47 13.92 -0.80 5.07
C VAL A 47 13.06 -1.42 6.16
N LEU A 48 11.78 -1.65 5.86
CA LEU A 48 10.85 -2.23 6.82
C LEU A 48 11.35 -3.60 7.29
N SER A 49 10.81 -4.07 8.41
CA SER A 49 11.21 -5.35 8.98
C SER A 49 10.74 -6.49 8.08
N THR A 50 11.62 -7.48 7.89
CA THR A 50 11.31 -8.63 7.05
C THR A 50 9.88 -9.10 7.27
N GLU A 51 9.34 -8.83 8.45
CA GLU A 51 7.98 -9.22 8.78
C GLU A 51 6.98 -8.14 8.34
N GLU A 52 7.31 -6.90 8.64
CA GLU A 52 6.44 -5.78 8.27
C GLU A 52 6.12 -5.80 6.78
N ARG A 53 7.14 -6.07 5.97
CA ARG A 53 6.96 -6.12 4.52
C ARG A 53 5.93 -7.16 4.13
N LYS A 54 6.25 -8.42 4.37
CA LYS A 54 5.34 -9.52 4.05
C LYS A 54 3.96 -9.28 4.64
N VAL A 55 3.93 -8.71 5.85
CA VAL A 55 2.67 -8.43 6.53
C VAL A 55 1.84 -7.41 5.74
N TRP A 56 2.38 -6.21 5.61
CA TRP A 56 1.68 -5.14 4.88
C TRP A 56 1.23 -5.63 3.51
N ALA A 57 2.03 -6.52 2.91
CA ALA A 57 1.72 -7.06 1.60
C ALA A 57 0.53 -8.02 1.66
N ASN A 58 0.31 -8.60 2.84
CA ASN A 58 -0.79 -9.53 3.03
C ASN A 58 -2.06 -8.79 3.47
N LYS A 59 -1.88 -7.62 4.07
CA LYS A 59 -3.00 -6.81 4.52
C LYS A 59 -3.77 -6.22 3.34
N ALA A 60 -3.05 -5.56 2.45
CA ALA A 60 -3.66 -4.95 1.27
C ALA A 60 -4.42 -5.99 0.45
N LYS A 61 -3.93 -7.22 0.47
CA LYS A 61 -4.56 -8.30 -0.28
C LYS A 61 -6.05 -8.37 0.02
N GLY A 62 -6.40 -8.44 1.30
CA GLY A 62 -7.80 -8.49 1.68
C GLY A 62 -8.09 -9.63 2.63
N GLU A 63 -7.51 -10.79 2.36
CA GLU A 63 -7.71 -11.97 3.20
C GLU A 63 -6.82 -11.92 4.44
N THR A 64 -7.04 -12.85 5.35
CA THR A 64 -6.27 -12.91 6.58
C THR A 64 -6.15 -11.53 7.23
N ALA A 65 -7.27 -10.83 7.31
CA ALA A 65 -7.31 -9.50 7.91
C ALA A 65 -8.37 -9.41 8.99
N SER A 66 -8.44 -8.26 9.65
CA SER A 66 -9.41 -8.05 10.72
C SER A 66 -10.84 -8.23 10.20
N GLU A 67 -11.13 -7.60 9.07
CA GLU A 67 -12.46 -7.69 8.48
C GLU A 67 -12.45 -8.61 7.27
N GLY A 68 -13.40 -9.53 7.23
CA GLY A 68 -13.48 -10.47 6.12
C GLY A 68 -14.70 -10.23 5.24
N THR A 69 -14.87 -11.07 4.23
CA THR A 69 -16.00 -10.93 3.31
C THR A 69 -16.90 -12.16 3.37
N GLU A 70 -18.20 -11.95 3.17
CA GLU A 70 -19.16 -13.03 3.19
C GLU A 70 -19.94 -13.11 1.88
N ALA A 71 -20.00 -14.30 1.30
CA ALA A 71 -20.71 -14.51 0.05
C ALA A 71 -21.78 -15.58 0.19
N LYS A 72 -23.04 -15.19 0.07
CA LYS A 72 -24.15 -16.12 0.18
C LYS A 72 -24.29 -16.96 -1.09
N LYS A 73 -24.48 -18.27 -0.92
CA LYS A 73 -24.63 -19.18 -2.04
C LYS A 73 -23.39 -19.14 -2.93
N ARG A 74 -22.21 -19.12 -2.31
CA ARG A 74 -20.95 -19.10 -3.06
C ARG A 74 -21.09 -18.25 -4.32
N LYS A 75 -21.81 -17.14 -4.20
CA LYS A 75 -22.01 -16.24 -5.34
C LYS A 75 -20.81 -15.34 -5.55
N SER A 76 -20.78 -14.65 -6.69
CA SER A 76 -19.68 -13.75 -7.01
C SER A 76 -19.97 -12.33 -6.52
N GLY A 77 -18.91 -11.57 -6.25
CA GLY A 77 -19.07 -10.21 -5.78
C GLY A 77 -17.82 -9.38 -5.97
N PRO A 78 -17.71 -8.28 -5.20
CA PRO A 78 -16.56 -7.38 -5.27
C PRO A 78 -15.29 -8.02 -4.71
N SER A 79 -15.41 -9.24 -4.21
CA SER A 79 -14.28 -9.95 -3.64
C SER A 79 -14.06 -11.28 -4.37
N SER A 80 -12.86 -11.46 -4.90
CA SER A 80 -12.52 -12.69 -5.63
C SER A 80 -12.97 -13.92 -4.85
N GLY A 81 -14.02 -14.57 -5.35
CA GLY A 81 -14.53 -15.75 -4.69
C GLY A 81 -14.44 -16.99 -5.57
N GLY A 1 -0.30 -12.41 -17.65
CA GLY A 1 -1.00 -11.55 -18.59
C GLY A 1 -1.48 -10.26 -17.94
N SER A 2 -2.79 -10.15 -17.76
CA SER A 2 -3.38 -8.97 -17.15
C SER A 2 -3.09 -7.72 -18.00
N SER A 3 -3.22 -7.87 -19.31
CA SER A 3 -2.97 -6.77 -20.23
C SER A 3 -4.29 -6.16 -20.72
N GLY A 4 -4.87 -5.29 -19.90
CA GLY A 4 -6.11 -4.65 -20.26
C GLY A 4 -7.02 -4.41 -19.06
N SER A 5 -7.09 -5.40 -18.17
CA SER A 5 -7.92 -5.29 -16.98
C SER A 5 -7.25 -4.41 -15.92
N SER A 6 -8.06 -3.62 -15.23
CA SER A 6 -7.55 -2.72 -14.19
C SER A 6 -6.36 -3.36 -13.47
N GLY A 7 -5.34 -2.55 -13.20
CA GLY A 7 -4.17 -3.05 -12.50
C GLY A 7 -4.51 -3.78 -11.22
N ARG A 8 -3.49 -4.20 -10.49
CA ARG A 8 -3.69 -4.91 -9.23
C ARG A 8 -4.23 -3.97 -8.16
N PRO A 9 -4.96 -4.55 -7.18
CA PRO A 9 -5.54 -3.79 -6.08
C PRO A 9 -4.49 -3.25 -5.12
N LYS A 10 -4.93 -2.43 -4.17
CA LYS A 10 -4.02 -1.85 -3.19
C LYS A 10 -2.90 -2.83 -2.82
N THR A 11 -1.69 -2.32 -2.67
CA THR A 11 -0.54 -3.14 -2.32
C THR A 11 0.00 -2.77 -0.95
N GLY A 12 0.85 -3.64 -0.41
CA GLY A 12 1.44 -3.38 0.89
C GLY A 12 1.85 -1.93 1.08
N PHE A 13 2.55 -1.40 0.08
CA PHE A 13 3.01 -0.01 0.14
C PHE A 13 1.83 0.95 0.21
N GLN A 14 0.75 0.61 -0.47
CA GLN A 14 -0.46 1.44 -0.48
C GLN A 14 -1.09 1.50 0.90
N MET A 15 -1.01 0.39 1.63
CA MET A 15 -1.58 0.32 2.98
C MET A 15 -0.68 1.03 3.98
N TRP A 16 0.60 0.72 3.95
CA TRP A 16 1.57 1.33 4.85
C TRP A 16 1.70 2.82 4.58
N LEU A 17 1.90 3.16 3.31
CA LEU A 17 2.05 4.57 2.91
C LEU A 17 0.89 5.40 3.44
N GLU A 18 -0.32 4.86 3.36
CA GLU A 18 -1.51 5.56 3.83
C GLU A 18 -1.62 5.48 5.35
N GLU A 19 -0.79 4.65 5.95
CA GLU A 19 -0.79 4.47 7.40
C GLU A 19 0.42 5.15 8.03
N ASN A 20 1.35 5.59 7.19
CA ASN A 20 2.56 6.26 7.66
C ASN A 20 2.64 7.68 7.13
N ARG A 21 2.02 7.91 5.98
CA ARG A 21 2.03 9.24 5.37
C ARG A 21 1.90 10.33 6.43
N SER A 22 0.94 10.15 7.33
CA SER A 22 0.71 11.13 8.40
C SER A 22 1.96 11.29 9.26
N ASN A 23 2.62 10.18 9.55
CA ASN A 23 3.83 10.18 10.36
C ASN A 23 4.98 10.85 9.62
N ILE A 24 4.98 10.73 8.30
CA ILE A 24 6.02 11.31 7.48
C ILE A 24 5.94 12.83 7.47
N LEU A 25 4.71 13.34 7.45
CA LEU A 25 4.47 14.78 7.45
C LEU A 25 4.78 15.39 8.81
N SER A 26 4.25 14.77 9.86
CA SER A 26 4.47 15.25 11.23
C SER A 26 5.93 15.64 11.44
N ASP A 27 6.83 14.91 10.78
CA ASP A 27 8.26 15.19 10.90
C ASP A 27 8.73 16.12 9.78
N ASN A 28 8.21 15.89 8.58
CA ASN A 28 8.57 16.71 7.42
C ASN A 28 7.33 17.33 6.78
N PRO A 29 6.95 18.52 7.24
CA PRO A 29 5.78 19.24 6.72
C PRO A 29 6.00 19.75 5.31
N ASP A 30 7.25 20.07 4.97
CA ASP A 30 7.59 20.57 3.66
C ASP A 30 6.83 19.81 2.57
N PHE A 31 6.56 18.53 2.83
CA PHE A 31 5.85 17.70 1.88
C PHE A 31 4.44 18.23 1.63
N SER A 32 4.19 18.65 0.39
CA SER A 32 2.88 19.19 0.02
C SER A 32 2.28 18.41 -1.14
N ASP A 33 3.10 17.57 -1.77
CA ASP A 33 2.65 16.75 -2.89
C ASP A 33 2.94 15.29 -2.65
N GLU A 34 2.04 14.42 -3.10
CA GLU A 34 2.21 12.98 -2.94
C GLU A 34 3.57 12.52 -3.48
N ALA A 35 3.99 13.13 -4.57
CA ALA A 35 5.27 12.79 -5.20
C ALA A 35 6.40 12.80 -4.17
N ASP A 36 6.35 13.76 -3.25
CA ASP A 36 7.37 13.88 -2.21
C ASP A 36 7.13 12.86 -1.10
N ILE A 37 5.85 12.55 -0.86
CA ILE A 37 5.48 11.59 0.18
C ILE A 37 5.87 10.17 -0.22
N ILE A 38 5.78 9.87 -1.52
CA ILE A 38 6.12 8.56 -2.03
C ILE A 38 7.62 8.29 -1.93
N LYS A 39 8.40 9.18 -2.54
CA LYS A 39 9.86 9.05 -2.52
C LYS A 39 10.36 8.77 -1.11
N GLU A 40 9.58 9.18 -0.11
CA GLU A 40 9.95 8.97 1.28
C GLU A 40 9.33 7.69 1.82
N GLY A 41 8.08 7.43 1.43
CA GLY A 41 7.41 6.23 1.88
C GLY A 41 8.12 4.96 1.48
N MET A 42 8.76 4.99 0.31
CA MET A 42 9.49 3.84 -0.19
C MET A 42 10.75 3.59 0.63
N ILE A 43 11.33 4.67 1.15
CA ILE A 43 12.54 4.58 1.95
C ILE A 43 12.27 3.90 3.29
N ARG A 44 11.16 4.28 3.92
CA ARG A 44 10.78 3.71 5.21
C ARG A 44 10.07 2.37 5.02
N PHE A 45 9.52 2.15 3.83
CA PHE A 45 8.82 0.92 3.53
C PHE A 45 9.78 -0.16 3.06
N ARG A 46 10.91 0.26 2.49
CA ARG A 46 11.91 -0.67 2.00
C ARG A 46 12.85 -1.10 3.12
N VAL A 47 12.91 -0.29 4.18
CA VAL A 47 13.76 -0.59 5.33
C VAL A 47 13.02 -1.41 6.37
N LEU A 48 11.69 -1.41 6.28
CA LEU A 48 10.86 -2.16 7.22
C LEU A 48 11.42 -3.56 7.45
N SER A 49 11.04 -4.18 8.56
CA SER A 49 11.51 -5.52 8.89
C SER A 49 11.01 -6.54 7.87
N THR A 50 11.87 -7.45 7.48
CA THR A 50 11.53 -8.49 6.51
C THR A 50 10.12 -9.02 6.77
N GLU A 51 9.69 -8.95 8.03
CA GLU A 51 8.37 -9.44 8.41
C GLU A 51 7.30 -8.39 8.12
N GLU A 52 7.59 -7.14 8.48
CA GLU A 52 6.65 -6.05 8.25
C GLU A 52 6.30 -5.93 6.78
N ARG A 53 7.32 -5.92 5.93
CA ARG A 53 7.12 -5.81 4.49
C ARG A 53 6.10 -6.84 4.00
N LYS A 54 6.44 -8.11 4.14
CA LYS A 54 5.55 -9.19 3.71
C LYS A 54 4.18 -9.07 4.36
N VAL A 55 4.17 -8.60 5.61
CA VAL A 55 2.92 -8.43 6.35
C VAL A 55 2.02 -7.41 5.66
N TRP A 56 2.49 -6.17 5.56
CA TRP A 56 1.73 -5.11 4.92
C TRP A 56 1.23 -5.54 3.55
N ALA A 57 2.08 -6.27 2.82
CA ALA A 57 1.72 -6.74 1.49
C ALA A 57 0.61 -7.77 1.55
N ASN A 58 0.42 -8.37 2.72
CA ASN A 58 -0.62 -9.37 2.92
C ASN A 58 -1.93 -8.72 3.34
N LYS A 59 -1.83 -7.59 4.03
CA LYS A 59 -3.01 -6.87 4.49
C LYS A 59 -3.77 -6.26 3.32
N ALA A 60 -3.05 -5.56 2.45
CA ALA A 60 -3.65 -4.93 1.28
C ALA A 60 -4.21 -5.98 0.32
N LYS A 61 -3.60 -7.15 0.31
CA LYS A 61 -4.03 -8.24 -0.56
C LYS A 61 -5.48 -8.62 -0.27
N GLY A 62 -5.76 -8.91 1.00
CA GLY A 62 -7.10 -9.29 1.39
C GLY A 62 -7.68 -10.38 0.51
N GLU A 63 -6.94 -11.47 0.37
CA GLU A 63 -7.39 -12.59 -0.47
C GLU A 63 -7.23 -13.91 0.27
N THR A 64 -8.31 -14.66 0.39
CA THR A 64 -8.28 -15.96 1.07
C THR A 64 -7.79 -17.06 0.14
N ALA A 65 -6.62 -17.60 0.44
CA ALA A 65 -6.04 -18.67 -0.38
C ALA A 65 -6.92 -19.92 -0.34
N SER A 66 -7.25 -20.43 -1.52
CA SER A 66 -8.08 -21.62 -1.62
C SER A 66 -7.33 -22.86 -1.15
N GLU A 67 -8.06 -23.94 -0.91
CA GLU A 67 -7.45 -25.19 -0.45
C GLU A 67 -6.47 -25.72 -1.47
N GLY A 68 -6.87 -25.71 -2.74
CA GLY A 68 -6.00 -26.20 -3.80
C GLY A 68 -6.72 -26.27 -5.14
N THR A 69 -6.05 -25.79 -6.18
CA THR A 69 -6.62 -25.80 -7.53
C THR A 69 -5.64 -26.40 -8.53
N GLU A 70 -6.04 -27.52 -9.12
CA GLU A 70 -5.20 -28.21 -10.10
C GLU A 70 -5.76 -28.02 -11.51
N ALA A 71 -5.25 -27.02 -12.22
CA ALA A 71 -5.69 -26.74 -13.58
C ALA A 71 -4.50 -26.56 -14.52
N LYS A 72 -4.73 -26.81 -15.81
CA LYS A 72 -3.69 -26.68 -16.81
C LYS A 72 -4.25 -26.85 -18.22
N LYS A 73 -4.01 -25.87 -19.07
CA LYS A 73 -4.49 -25.91 -20.45
C LYS A 73 -3.43 -25.37 -21.41
N ARG A 74 -2.97 -26.24 -22.30
CA ARG A 74 -1.95 -25.84 -23.27
C ARG A 74 -2.19 -26.55 -24.61
N LYS A 75 -1.60 -26.00 -25.67
CA LYS A 75 -1.74 -26.58 -27.00
C LYS A 75 -3.21 -26.59 -27.43
N SER A 76 -3.90 -25.49 -27.19
CA SER A 76 -5.30 -25.38 -27.56
C SER A 76 -5.53 -24.27 -28.57
N GLY A 77 -6.43 -24.49 -29.51
CA GLY A 77 -6.72 -23.50 -30.53
C GLY A 77 -5.79 -23.61 -31.72
N PRO A 78 -6.12 -22.91 -32.81
CA PRO A 78 -5.32 -22.91 -34.04
C PRO A 78 -3.99 -22.19 -33.86
N SER A 79 -3.82 -21.54 -32.71
CA SER A 79 -2.59 -20.81 -32.42
C SER A 79 -1.54 -21.74 -31.82
N SER A 80 -1.92 -22.45 -30.77
CA SER A 80 -1.01 -23.37 -30.09
C SER A 80 -1.27 -24.81 -30.53
N GLY A 81 -0.69 -25.20 -31.66
CA GLY A 81 -0.87 -26.54 -32.17
C GLY A 81 0.31 -27.44 -31.84
N GLY A 1 -6.84 8.84 -18.05
CA GLY A 1 -7.83 8.86 -19.12
C GLY A 1 -9.11 9.55 -18.70
N SER A 2 -9.72 10.28 -19.65
CA SER A 2 -10.95 11.01 -19.38
C SER A 2 -12.07 10.05 -18.98
N SER A 3 -12.72 10.34 -17.85
CA SER A 3 -13.81 9.51 -17.36
C SER A 3 -13.31 8.11 -17.03
N GLY A 4 -12.14 8.04 -16.40
CA GLY A 4 -11.56 6.75 -16.03
C GLY A 4 -11.26 6.66 -14.55
N SER A 5 -12.02 5.82 -13.84
CA SER A 5 -11.83 5.65 -12.41
C SER A 5 -10.70 4.66 -12.13
N SER A 6 -10.15 4.73 -10.92
CA SER A 6 -9.06 3.85 -10.53
C SER A 6 -9.58 2.44 -10.23
N GLY A 7 -9.08 1.47 -10.97
CA GLY A 7 -9.50 0.09 -10.77
C GLY A 7 -8.34 -0.88 -10.78
N ARG A 8 -7.56 -0.89 -9.70
CA ARG A 8 -6.42 -1.79 -9.60
C ARG A 8 -6.26 -2.32 -8.17
N PRO A 9 -5.62 -3.49 -8.05
CA PRO A 9 -5.40 -4.12 -6.74
C PRO A 9 -4.39 -3.37 -5.89
N LYS A 10 -4.72 -3.22 -4.61
CA LYS A 10 -3.83 -2.52 -3.68
C LYS A 10 -2.60 -3.35 -3.37
N THR A 11 -1.59 -2.72 -2.76
CA THR A 11 -0.36 -3.39 -2.41
C THR A 11 0.12 -2.98 -1.02
N GLY A 12 1.16 -3.65 -0.53
CA GLY A 12 1.70 -3.32 0.78
C GLY A 12 2.08 -1.86 0.92
N PHE A 13 2.74 -1.33 -0.11
CA PHE A 13 3.16 0.06 -0.09
C PHE A 13 1.95 1.00 0.01
N GLN A 14 0.86 0.60 -0.62
CA GLN A 14 -0.36 1.40 -0.61
C GLN A 14 -0.97 1.43 0.80
N MET A 15 -0.85 0.32 1.51
CA MET A 15 -1.39 0.23 2.86
C MET A 15 -0.50 0.95 3.86
N TRP A 16 0.81 0.70 3.78
CA TRP A 16 1.78 1.33 4.67
C TRP A 16 1.88 2.82 4.38
N LEU A 17 2.08 3.17 3.11
CA LEU A 17 2.21 4.56 2.71
C LEU A 17 1.02 5.38 3.22
N GLU A 18 -0.17 4.80 3.12
CA GLU A 18 -1.39 5.48 3.57
C GLU A 18 -1.52 5.40 5.09
N GLU A 19 -0.70 4.56 5.70
CA GLU A 19 -0.73 4.38 7.16
C GLU A 19 0.44 5.11 7.82
N ASN A 20 1.42 5.50 7.00
CA ASN A 20 2.59 6.21 7.51
C ASN A 20 2.62 7.65 7.01
N ARG A 21 2.02 7.87 5.85
CA ARG A 21 1.97 9.21 5.26
C ARG A 21 1.82 10.28 6.35
N SER A 22 0.89 10.05 7.27
CA SER A 22 0.64 10.99 8.35
C SER A 22 1.86 11.13 9.24
N ASN A 23 2.52 9.99 9.51
CA ASN A 23 3.71 9.98 10.36
C ASN A 23 4.88 10.64 9.65
N ILE A 24 4.90 10.56 8.33
CA ILE A 24 5.96 11.15 7.54
C ILE A 24 5.90 12.67 7.57
N LEU A 25 4.67 13.20 7.55
CA LEU A 25 4.47 14.65 7.58
C LEU A 25 4.78 15.21 8.97
N SER A 26 4.23 14.57 10.00
CA SER A 26 4.45 15.01 11.37
C SER A 26 5.91 15.37 11.60
N ASP A 27 6.81 14.66 10.94
CA ASP A 27 8.23 14.91 11.06
C ASP A 27 8.72 15.87 9.98
N ASN A 28 8.19 15.70 8.78
CA ASN A 28 8.57 16.55 7.65
C ASN A 28 7.35 17.22 7.04
N PRO A 29 7.00 18.41 7.55
CA PRO A 29 5.85 19.17 7.07
C PRO A 29 6.07 19.73 5.66
N ASP A 30 7.34 19.99 5.33
CA ASP A 30 7.68 20.52 4.02
C ASP A 30 6.91 19.82 2.92
N PHE A 31 6.59 18.55 3.14
CA PHE A 31 5.85 17.76 2.16
C PHE A 31 4.46 18.34 1.94
N SER A 32 4.21 18.85 0.74
CA SER A 32 2.92 19.43 0.41
C SER A 32 2.26 18.68 -0.74
N ASP A 33 3.02 17.78 -1.37
CA ASP A 33 2.51 16.99 -2.48
C ASP A 33 2.80 15.51 -2.27
N GLU A 34 1.93 14.66 -2.81
CA GLU A 34 2.09 13.22 -2.67
C GLU A 34 3.42 12.76 -3.26
N ALA A 35 3.81 13.38 -4.37
CA ALA A 35 5.07 13.03 -5.03
C ALA A 35 6.22 12.99 -4.02
N ASP A 36 6.24 13.96 -3.11
CA ASP A 36 7.28 14.03 -2.10
C ASP A 36 7.02 13.03 -0.97
N ILE A 37 5.75 12.70 -0.76
CA ILE A 37 5.37 11.75 0.28
C ILE A 37 5.69 10.32 -0.14
N ILE A 38 5.64 10.07 -1.44
CA ILE A 38 5.93 8.73 -1.96
C ILE A 38 7.43 8.47 -1.98
N LYS A 39 8.18 9.38 -2.59
CA LYS A 39 9.63 9.24 -2.68
C LYS A 39 10.22 8.89 -1.31
N GLU A 40 9.57 9.35 -0.26
CA GLU A 40 10.04 9.08 1.10
C GLU A 40 9.48 7.75 1.62
N GLY A 41 8.23 7.47 1.27
CA GLY A 41 7.60 6.24 1.71
C GLY A 41 8.35 5.01 1.23
N MET A 42 8.90 5.08 0.03
CA MET A 42 9.64 3.96 -0.54
C MET A 42 10.94 3.73 0.23
N ILE A 43 11.43 4.77 0.89
CA ILE A 43 12.67 4.69 1.66
C ILE A 43 12.43 3.98 2.99
N ARG A 44 11.34 4.34 3.66
CA ARG A 44 11.00 3.73 4.94
C ARG A 44 10.31 2.38 4.75
N PHE A 45 9.73 2.18 3.57
CA PHE A 45 9.06 0.93 3.25
C PHE A 45 10.04 -0.13 2.78
N ARG A 46 11.15 0.32 2.20
CA ARG A 46 12.17 -0.59 1.71
C ARG A 46 13.07 -1.08 2.84
N VAL A 47 13.09 -0.33 3.94
CA VAL A 47 13.90 -0.69 5.10
C VAL A 47 13.04 -1.31 6.19
N LEU A 48 11.78 -1.58 5.87
CA LEU A 48 10.87 -2.19 6.84
C LEU A 48 11.40 -3.52 7.33
N SER A 49 10.83 -4.03 8.42
CA SER A 49 11.24 -5.29 8.99
C SER A 49 10.78 -6.46 8.13
N THR A 50 11.65 -7.46 7.99
CA THR A 50 11.34 -8.64 7.18
C THR A 50 9.90 -9.09 7.41
N GLU A 51 9.36 -8.77 8.59
CA GLU A 51 8.00 -9.14 8.92
C GLU A 51 7.00 -8.08 8.45
N GLU A 52 7.28 -6.83 8.80
CA GLU A 52 6.42 -5.72 8.42
C GLU A 52 6.14 -5.75 6.92
N ARG A 53 7.18 -5.97 6.12
CA ARG A 53 7.04 -6.01 4.67
C ARG A 53 6.00 -7.05 4.27
N LYS A 54 6.28 -8.31 4.58
CA LYS A 54 5.38 -9.41 4.25
C LYS A 54 3.98 -9.16 4.83
N VAL A 55 3.95 -8.56 6.01
CA VAL A 55 2.67 -8.26 6.67
C VAL A 55 1.85 -7.29 5.85
N TRP A 56 2.38 -6.09 5.66
CA TRP A 56 1.69 -5.06 4.89
C TRP A 56 1.24 -5.59 3.54
N ALA A 57 2.07 -6.44 2.94
CA ALA A 57 1.75 -7.03 1.64
C ALA A 57 0.57 -7.99 1.75
N ASN A 58 0.35 -8.50 2.95
CA ASN A 58 -0.75 -9.44 3.19
C ASN A 58 -2.02 -8.69 3.58
N LYS A 59 -1.86 -7.47 4.08
CA LYS A 59 -2.99 -6.65 4.50
C LYS A 59 -3.74 -6.10 3.28
N ALA A 60 -3.00 -5.50 2.36
CA ALA A 60 -3.59 -4.93 1.15
C ALA A 60 -4.33 -6.00 0.35
N LYS A 61 -3.91 -7.25 0.52
CA LYS A 61 -4.53 -8.36 -0.20
C LYS A 61 -6.05 -8.28 -0.11
N GLY A 62 -6.56 -8.10 1.11
CA GLY A 62 -8.00 -8.01 1.31
C GLY A 62 -8.47 -8.86 2.47
N GLU A 63 -7.86 -10.02 2.64
CA GLU A 63 -8.24 -10.93 3.72
C GLU A 63 -8.24 -10.20 5.06
N THR A 64 -7.46 -9.13 5.15
CA THR A 64 -7.37 -8.36 6.39
C THR A 64 -6.95 -6.93 6.10
N ALA A 65 -7.84 -5.98 6.37
CA ALA A 65 -7.56 -4.57 6.14
C ALA A 65 -8.14 -3.71 7.26
N SER A 66 -7.39 -2.67 7.65
CA SER A 66 -7.83 -1.78 8.71
C SER A 66 -8.11 -0.38 8.16
N GLU A 67 -9.17 0.25 8.67
CA GLU A 67 -9.54 1.58 8.23
C GLU A 67 -8.51 2.62 8.68
N GLY A 68 -7.93 2.38 9.85
CA GLY A 68 -6.94 3.30 10.39
C GLY A 68 -7.50 4.70 10.60
N THR A 69 -7.52 5.14 11.86
CA THR A 69 -8.04 6.46 12.19
C THR A 69 -6.92 7.37 12.70
N GLU A 70 -6.57 8.36 11.89
CA GLU A 70 -5.51 9.30 12.26
C GLU A 70 -5.99 10.74 12.08
N ALA A 71 -5.29 11.67 12.72
CA ALA A 71 -5.63 13.07 12.63
C ALA A 71 -4.65 13.82 11.73
N LYS A 72 -4.94 15.10 11.48
CA LYS A 72 -4.08 15.92 10.63
C LYS A 72 -4.17 17.39 11.04
N LYS A 73 -3.22 18.20 10.56
CA LYS A 73 -3.19 19.62 10.87
C LYS A 73 -3.02 20.44 9.60
N ARG A 74 -3.32 21.74 9.71
CA ARG A 74 -3.20 22.64 8.57
C ARG A 74 -1.82 23.30 8.53
N LYS A 75 -1.34 23.59 7.33
CA LYS A 75 -0.03 24.22 7.16
C LYS A 75 0.19 25.30 8.21
N SER A 76 1.10 25.04 9.14
CA SER A 76 1.41 26.00 10.19
C SER A 76 2.17 27.21 9.64
N GLY A 77 2.13 28.31 10.38
CA GLY A 77 2.81 29.51 9.94
C GLY A 77 4.30 29.30 9.76
N PRO A 78 5.07 30.39 9.81
CA PRO A 78 6.52 30.34 9.64
C PRO A 78 7.22 29.68 10.84
N SER A 79 7.69 28.46 10.64
CA SER A 79 8.38 27.72 11.69
C SER A 79 9.15 26.54 11.12
N SER A 80 9.87 25.83 11.98
CA SER A 80 10.66 24.68 11.56
C SER A 80 11.15 23.89 12.76
N GLY A 81 10.93 22.58 12.74
CA GLY A 81 11.36 21.73 13.84
C GLY A 81 10.26 21.47 14.84
N GLY A 1 -3.57 -14.86 -11.34
CA GLY A 1 -3.90 -14.96 -12.75
C GLY A 1 -2.83 -14.33 -13.63
N SER A 2 -2.48 -15.02 -14.71
CA SER A 2 -1.47 -14.52 -15.64
C SER A 2 -2.09 -14.09 -16.95
N SER A 3 -2.91 -14.98 -17.53
CA SER A 3 -3.57 -14.68 -18.80
C SER A 3 -4.43 -13.43 -18.69
N GLY A 4 -4.29 -12.54 -19.67
CA GLY A 4 -5.05 -11.31 -19.67
C GLY A 4 -4.73 -10.43 -18.49
N SER A 5 -5.42 -9.29 -18.38
CA SER A 5 -5.19 -8.35 -17.29
C SER A 5 -6.51 -7.77 -16.79
N SER A 6 -6.57 -7.47 -15.51
CA SER A 6 -7.78 -6.91 -14.90
C SER A 6 -7.44 -6.11 -13.65
N GLY A 7 -8.35 -5.23 -13.25
CA GLY A 7 -8.12 -4.41 -12.06
C GLY A 7 -7.67 -5.23 -10.87
N ARG A 8 -6.96 -4.60 -9.95
CA ARG A 8 -6.45 -5.28 -8.76
C ARG A 8 -6.50 -4.36 -7.54
N PRO A 9 -6.60 -4.96 -6.36
CA PRO A 9 -6.65 -4.21 -5.10
C PRO A 9 -5.32 -3.55 -4.76
N LYS A 10 -5.33 -2.72 -3.71
CA LYS A 10 -4.12 -2.02 -3.29
C LYS A 10 -3.02 -3.01 -2.92
N THR A 11 -1.82 -2.49 -2.67
CA THR A 11 -0.69 -3.32 -2.32
C THR A 11 -0.17 -2.97 -0.92
N GLY A 12 0.92 -3.63 -0.52
CA GLY A 12 1.49 -3.38 0.79
C GLY A 12 1.93 -1.94 0.95
N PHE A 13 2.62 -1.42 -0.05
CA PHE A 13 3.10 -0.03 0.00
C PHE A 13 1.94 0.94 0.11
N GLN A 14 0.84 0.63 -0.58
CA GLN A 14 -0.34 1.49 -0.55
C GLN A 14 -0.96 1.51 0.84
N MET A 15 -0.91 0.38 1.52
CA MET A 15 -1.48 0.27 2.87
C MET A 15 -0.60 0.98 3.88
N TRP A 16 0.70 0.68 3.85
CA TRP A 16 1.64 1.30 4.77
C TRP A 16 1.78 2.79 4.49
N LEU A 17 2.01 3.14 3.23
CA LEU A 17 2.16 4.53 2.84
C LEU A 17 1.00 5.37 3.37
N GLU A 18 -0.21 4.86 3.24
CA GLU A 18 -1.41 5.56 3.71
C GLU A 18 -1.53 5.47 5.22
N GLU A 19 -0.68 4.64 5.83
CA GLU A 19 -0.70 4.47 7.27
C GLU A 19 0.51 5.13 7.92
N ASN A 20 1.49 5.49 7.10
CA ASN A 20 2.70 6.13 7.60
C ASN A 20 2.80 7.57 7.10
N ARG A 21 2.16 7.83 5.96
CA ARG A 21 2.16 9.17 5.38
C ARG A 21 1.97 10.24 6.46
N SER A 22 1.01 10.01 7.34
CA SER A 22 0.72 10.95 8.41
C SER A 22 1.94 11.14 9.31
N ASN A 23 2.71 10.07 9.48
CA ASN A 23 3.91 10.13 10.32
C ASN A 23 5.05 10.84 9.59
N ILE A 24 5.10 10.66 8.28
CA ILE A 24 6.14 11.29 7.47
C ILE A 24 6.00 12.80 7.48
N LEU A 25 4.77 13.28 7.55
CA LEU A 25 4.51 14.72 7.57
C LEU A 25 4.81 15.30 8.94
N SER A 26 4.27 14.68 9.98
CA SER A 26 4.49 15.15 11.35
C SER A 26 5.95 15.55 11.56
N ASP A 27 6.86 14.85 10.88
CA ASP A 27 8.28 15.13 10.99
C ASP A 27 8.73 16.08 9.89
N ASN A 28 8.18 15.90 8.70
CA ASN A 28 8.53 16.74 7.56
C ASN A 28 7.27 17.34 6.92
N PRO A 29 6.87 18.53 7.41
CA PRO A 29 5.69 19.23 6.91
C PRO A 29 5.89 19.78 5.50
N ASP A 30 7.16 20.01 5.14
CA ASP A 30 7.49 20.53 3.81
C ASP A 30 6.71 19.79 2.74
N PHE A 31 6.45 18.50 2.96
CA PHE A 31 5.73 17.68 2.00
C PHE A 31 4.34 18.25 1.75
N SER A 32 4.10 18.68 0.51
CA SER A 32 2.81 19.25 0.14
C SER A 32 2.20 18.50 -1.05
N ASP A 33 2.99 17.61 -1.64
CA ASP A 33 2.54 16.82 -2.77
C ASP A 33 2.81 15.33 -2.55
N GLU A 34 1.90 14.49 -3.02
CA GLU A 34 2.05 13.04 -2.88
C GLU A 34 3.39 12.57 -3.44
N ALA A 35 3.80 13.16 -4.55
CA ALA A 35 5.07 12.81 -5.17
C ALA A 35 6.21 12.80 -4.16
N ASP A 36 6.20 13.78 -3.26
CA ASP A 36 7.23 13.88 -2.24
C ASP A 36 6.96 12.90 -1.10
N ILE A 37 5.70 12.60 -0.87
CA ILE A 37 5.31 11.67 0.19
C ILE A 37 5.64 10.23 -0.19
N ILE A 38 5.68 9.96 -1.49
CA ILE A 38 5.99 8.63 -1.99
C ILE A 38 7.49 8.37 -1.96
N LYS A 39 8.26 9.29 -2.56
CA LYS A 39 9.71 9.16 -2.60
C LYS A 39 10.27 8.85 -1.22
N GLU A 40 9.57 9.29 -0.18
CA GLU A 40 10.00 9.06 1.19
C GLU A 40 9.40 7.75 1.73
N GLY A 41 8.15 7.49 1.37
CA GLY A 41 7.49 6.28 1.83
C GLY A 41 8.22 5.02 1.41
N MET A 42 8.86 5.07 0.24
CA MET A 42 9.59 3.92 -0.27
C MET A 42 10.89 3.71 0.50
N ILE A 43 11.45 4.81 1.02
CA ILE A 43 12.68 4.74 1.79
C ILE A 43 12.46 4.04 3.13
N ARG A 44 11.31 4.32 3.75
CA ARG A 44 10.98 3.73 5.04
C ARG A 44 10.30 2.38 4.85
N PHE A 45 9.72 2.17 3.66
CA PHE A 45 9.04 0.92 3.36
C PHE A 45 10.02 -0.14 2.90
N ARG A 46 11.14 0.30 2.32
CA ARG A 46 12.17 -0.61 1.84
C ARG A 46 13.05 -1.10 2.98
N VAL A 47 13.11 -0.31 4.05
CA VAL A 47 13.92 -0.67 5.21
C VAL A 47 13.07 -1.30 6.30
N LEU A 48 11.82 -1.59 5.98
CA LEU A 48 10.89 -2.19 6.92
C LEU A 48 11.41 -3.56 7.38
N SER A 49 10.80 -4.08 8.45
CA SER A 49 11.20 -5.38 8.98
C SER A 49 10.76 -6.51 8.06
N THR A 50 11.62 -7.50 7.89
CA THR A 50 11.32 -8.64 7.04
C THR A 50 9.87 -9.10 7.22
N GLU A 51 9.33 -8.83 8.40
CA GLU A 51 7.95 -9.22 8.70
C GLU A 51 6.97 -8.13 8.27
N GLU A 52 7.32 -6.89 8.59
CA GLU A 52 6.46 -5.75 8.24
C GLU A 52 6.16 -5.73 6.75
N ARG A 53 7.18 -6.04 5.94
CA ARG A 53 7.01 -6.07 4.49
C ARG A 53 6.00 -7.11 4.07
N LYS A 54 6.30 -8.38 4.33
CA LYS A 54 5.40 -9.47 3.97
C LYS A 54 4.02 -9.27 4.58
N VAL A 55 3.99 -8.67 5.77
CA VAL A 55 2.73 -8.42 6.46
C VAL A 55 1.89 -7.39 5.70
N TRP A 56 2.42 -6.18 5.58
CA TRP A 56 1.73 -5.10 4.88
C TRP A 56 1.27 -5.57 3.50
N ALA A 57 2.08 -6.39 2.85
CA ALA A 57 1.76 -6.91 1.53
C ALA A 57 0.58 -7.86 1.59
N ASN A 58 0.37 -8.47 2.75
CA ASN A 58 -0.72 -9.42 2.93
C ASN A 58 -2.00 -8.69 3.36
N LYS A 59 -1.83 -7.58 4.07
CA LYS A 59 -2.96 -6.80 4.54
C LYS A 59 -3.75 -6.22 3.37
N ALA A 60 -3.03 -5.64 2.41
CA ALA A 60 -3.66 -5.06 1.23
C ALA A 60 -4.25 -6.13 0.33
N LYS A 61 -3.65 -7.32 0.38
CA LYS A 61 -4.11 -8.44 -0.44
C LYS A 61 -5.53 -8.86 -0.03
N GLY A 62 -5.70 -9.13 1.26
CA GLY A 62 -7.00 -9.54 1.75
C GLY A 62 -7.94 -8.37 1.98
N GLU A 63 -7.57 -7.21 1.45
CA GLU A 63 -8.38 -6.01 1.58
C GLU A 63 -8.90 -5.87 3.02
N THR A 64 -8.04 -6.18 3.98
CA THR A 64 -8.41 -6.10 5.38
C THR A 64 -8.97 -4.71 5.72
N ALA A 65 -8.27 -3.67 5.28
CA ALA A 65 -8.69 -2.31 5.53
C ALA A 65 -8.70 -1.49 4.24
N SER A 66 -9.89 -1.14 3.78
CA SER A 66 -10.04 -0.35 2.55
C SER A 66 -11.00 0.81 2.76
N GLU A 67 -10.64 1.97 2.21
CA GLU A 67 -11.48 3.16 2.34
C GLU A 67 -11.46 3.96 1.04
N GLY A 68 -12.65 4.18 0.48
CA GLY A 68 -12.75 4.94 -0.76
C GLY A 68 -12.03 4.27 -1.91
N THR A 69 -12.30 2.99 -2.10
CA THR A 69 -11.67 2.23 -3.18
C THR A 69 -12.71 1.66 -4.14
N GLU A 70 -12.87 2.32 -5.29
CA GLU A 70 -13.83 1.88 -6.29
C GLU A 70 -13.39 2.30 -7.69
N ALA A 71 -13.40 1.35 -8.61
CA ALA A 71 -13.00 1.63 -10.00
C ALA A 71 -14.21 1.84 -10.88
N LYS A 72 -14.15 2.85 -11.75
CA LYS A 72 -15.25 3.15 -12.66
C LYS A 72 -14.94 2.66 -14.07
N LYS A 73 -15.18 1.38 -14.32
CA LYS A 73 -14.93 0.79 -15.63
C LYS A 73 -13.66 1.37 -16.25
N ARG A 74 -12.60 1.44 -15.46
CA ARG A 74 -11.33 1.97 -15.95
C ARG A 74 -10.33 0.85 -16.24
N LYS A 75 -9.59 0.99 -17.32
CA LYS A 75 -8.60 0.00 -17.71
C LYS A 75 -7.26 0.65 -18.04
N SER A 76 -6.18 -0.12 -17.90
CA SER A 76 -4.85 0.38 -18.17
C SER A 76 -4.56 0.37 -19.67
N GLY A 77 -4.02 1.48 -20.17
CA GLY A 77 -3.71 1.58 -21.59
C GLY A 77 -2.42 0.87 -21.94
N PRO A 78 -1.87 1.20 -23.12
CA PRO A 78 -0.62 0.59 -23.60
C PRO A 78 0.59 1.05 -22.81
N SER A 79 0.37 1.98 -21.88
CA SER A 79 1.45 2.50 -21.05
C SER A 79 2.27 1.36 -20.45
N SER A 80 1.58 0.37 -19.91
CA SER A 80 2.26 -0.78 -19.31
C SER A 80 3.43 -0.33 -18.44
N GLY A 81 3.15 0.62 -17.53
CA GLY A 81 4.20 1.13 -16.65
C GLY A 81 3.89 0.86 -15.20
N GLY A 1 -24.74 -7.75 -17.31
CA GLY A 1 -23.39 -7.55 -17.80
C GLY A 1 -22.33 -7.88 -16.77
N SER A 2 -21.54 -6.88 -16.38
CA SER A 2 -20.49 -7.08 -15.40
C SER A 2 -20.89 -6.51 -14.05
N SER A 3 -20.58 -7.24 -12.98
CA SER A 3 -20.92 -6.81 -11.63
C SER A 3 -20.51 -5.36 -11.41
N GLY A 4 -19.49 -4.92 -12.13
CA GLY A 4 -19.02 -3.55 -11.99
C GLY A 4 -18.40 -3.28 -10.64
N SER A 5 -17.24 -3.87 -10.39
CA SER A 5 -16.55 -3.68 -9.12
C SER A 5 -16.03 -2.26 -8.97
N SER A 6 -16.32 -1.65 -7.83
CA SER A 6 -15.89 -0.28 -7.56
C SER A 6 -14.64 -0.26 -6.68
N GLY A 7 -13.61 0.44 -7.15
CA GLY A 7 -12.38 0.53 -6.41
C GLY A 7 -11.19 -0.04 -7.16
N ARG A 8 -9.99 0.36 -6.77
CA ARG A 8 -8.77 -0.12 -7.42
C ARG A 8 -7.95 -0.99 -6.48
N PRO A 9 -7.12 -1.86 -7.05
CA PRO A 9 -6.26 -2.77 -6.28
C PRO A 9 -5.14 -2.03 -5.55
N LYS A 10 -4.88 -2.43 -4.31
CA LYS A 10 -3.83 -1.81 -3.51
C LYS A 10 -2.75 -2.82 -3.15
N THR A 11 -1.53 -2.33 -2.89
CA THR A 11 -0.42 -3.19 -2.53
C THR A 11 0.08 -2.87 -1.12
N GLY A 12 1.06 -3.65 -0.65
CA GLY A 12 1.61 -3.43 0.67
C GLY A 12 2.04 -2.00 0.89
N PHE A 13 2.69 -1.42 -0.12
CA PHE A 13 3.15 -0.04 -0.03
C PHE A 13 1.97 0.93 0.04
N GLN A 14 0.87 0.56 -0.58
CA GLN A 14 -0.33 1.40 -0.58
C GLN A 14 -0.97 1.44 0.79
N MET A 15 -0.93 0.31 1.50
CA MET A 15 -1.49 0.22 2.83
C MET A 15 -0.61 0.92 3.86
N TRP A 16 0.68 0.65 3.80
CA TRP A 16 1.64 1.27 4.71
C TRP A 16 1.77 2.76 4.45
N LEU A 17 1.98 3.12 3.19
CA LEU A 17 2.13 4.52 2.80
C LEU A 17 0.96 5.35 3.33
N GLU A 18 -0.23 4.77 3.33
CA GLU A 18 -1.43 5.45 3.80
C GLU A 18 -1.51 5.41 5.33
N GLU A 19 -0.73 4.50 5.92
CA GLU A 19 -0.72 4.35 7.37
C GLU A 19 0.51 5.01 7.98
N ASN A 20 1.41 5.47 7.12
CA ASN A 20 2.63 6.14 7.57
C ASN A 20 2.69 7.58 7.06
N ARG A 21 2.04 7.83 5.93
CA ARG A 21 2.02 9.16 5.34
C ARG A 21 1.89 10.23 6.43
N SER A 22 0.95 10.03 7.34
CA SER A 22 0.72 10.98 8.43
C SER A 22 1.95 11.08 9.32
N ASN A 23 2.64 9.96 9.51
CA ASN A 23 3.84 9.93 10.34
C ASN A 23 5.01 10.61 9.63
N ILE A 24 4.99 10.58 8.31
CA ILE A 24 6.05 11.19 7.52
C ILE A 24 5.91 12.71 7.50
N LEU A 25 4.68 13.20 7.60
CA LEU A 25 4.41 14.63 7.60
C LEU A 25 4.71 15.24 8.97
N SER A 26 4.25 14.58 10.02
CA SER A 26 4.47 15.05 11.38
C SER A 26 5.93 15.44 11.60
N ASP A 27 6.82 14.74 10.92
CA ASP A 27 8.26 15.01 11.03
C ASP A 27 8.71 15.97 9.93
N ASN A 28 8.17 15.77 8.73
CA ASN A 28 8.53 16.61 7.59
C ASN A 28 7.29 17.28 6.99
N PRO A 29 6.94 18.46 7.50
CA PRO A 29 5.79 19.23 7.03
C PRO A 29 5.98 19.78 5.63
N ASP A 30 7.24 19.97 5.24
CA ASP A 30 7.56 20.49 3.92
C ASP A 30 6.77 19.75 2.83
N PHE A 31 6.45 18.49 3.11
CA PHE A 31 5.70 17.67 2.16
C PHE A 31 4.28 18.22 1.97
N SER A 32 3.98 18.64 0.74
CA SER A 32 2.67 19.19 0.43
C SER A 32 2.04 18.44 -0.74
N ASP A 33 2.83 17.59 -1.38
CA ASP A 33 2.35 16.81 -2.53
C ASP A 33 2.67 15.33 -2.34
N GLU A 34 1.75 14.48 -2.79
CA GLU A 34 1.95 13.03 -2.67
C GLU A 34 3.29 12.61 -3.26
N ALA A 35 3.65 13.22 -4.39
CA ALA A 35 4.90 12.91 -5.05
C ALA A 35 6.07 12.88 -4.06
N ASP A 36 6.08 13.86 -3.15
CA ASP A 36 7.13 13.94 -2.15
C ASP A 36 6.89 12.94 -1.02
N ILE A 37 5.62 12.61 -0.79
CA ILE A 37 5.26 11.67 0.26
C ILE A 37 5.60 10.23 -0.15
N ILE A 38 5.70 10.01 -1.45
CA ILE A 38 6.03 8.69 -1.97
C ILE A 38 7.53 8.44 -1.96
N LYS A 39 8.28 9.37 -2.54
CA LYS A 39 9.73 9.26 -2.59
C LYS A 39 10.30 8.91 -1.22
N GLU A 40 9.56 9.27 -0.18
CA GLU A 40 9.99 9.00 1.19
C GLU A 40 9.42 7.67 1.69
N GLY A 41 8.16 7.42 1.36
CA GLY A 41 7.52 6.19 1.78
C GLY A 41 8.26 4.95 1.29
N MET A 42 8.89 5.05 0.13
CA MET A 42 9.63 3.94 -0.44
C MET A 42 10.94 3.72 0.32
N ILE A 43 11.48 4.78 0.87
CA ILE A 43 12.73 4.70 1.63
C ILE A 43 12.52 3.97 2.96
N ARG A 44 11.36 4.19 3.56
CA ARG A 44 11.03 3.55 4.84
C ARG A 44 10.37 2.20 4.61
N PHE A 45 9.69 2.06 3.47
CA PHE A 45 9.02 0.81 3.15
C PHE A 45 10.01 -0.22 2.63
N ARG A 46 11.13 0.25 2.11
CA ARG A 46 12.17 -0.63 1.57
C ARG A 46 13.08 -1.14 2.68
N VAL A 47 13.04 -0.46 3.82
CA VAL A 47 13.87 -0.84 4.97
C VAL A 47 13.01 -1.44 6.08
N LEU A 48 11.72 -1.56 5.83
CA LEU A 48 10.79 -2.12 6.81
C LEU A 48 11.31 -3.45 7.34
N SER A 49 10.78 -3.86 8.49
CA SER A 49 11.17 -5.12 9.11
C SER A 49 10.73 -6.32 8.26
N THR A 50 11.62 -7.30 8.13
CA THR A 50 11.33 -8.49 7.35
C THR A 50 9.89 -8.95 7.56
N GLU A 51 9.36 -8.69 8.75
CA GLU A 51 7.99 -9.07 9.08
C GLU A 51 7.00 -8.02 8.58
N GLU A 52 7.31 -6.76 8.83
CA GLU A 52 6.44 -5.66 8.41
C GLU A 52 6.15 -5.75 6.92
N ARG A 53 7.19 -5.95 6.12
CA ARG A 53 7.04 -6.05 4.67
C ARG A 53 5.99 -7.09 4.30
N LYS A 54 6.27 -8.35 4.65
CA LYS A 54 5.35 -9.44 4.35
C LYS A 54 3.96 -9.15 4.92
N VAL A 55 3.93 -8.47 6.07
CA VAL A 55 2.67 -8.13 6.72
C VAL A 55 1.85 -7.17 5.86
N TRP A 56 2.38 -5.96 5.67
CA TRP A 56 1.70 -4.95 4.86
C TRP A 56 1.30 -5.51 3.51
N ALA A 57 2.15 -6.37 2.96
CA ALA A 57 1.89 -6.98 1.66
C ALA A 57 0.68 -7.90 1.72
N ASN A 58 0.37 -8.38 2.93
CA ASN A 58 -0.77 -9.28 3.11
C ASN A 58 -2.03 -8.49 3.42
N LYS A 59 -1.86 -7.28 3.94
CA LYS A 59 -3.00 -6.43 4.28
C LYS A 59 -3.68 -5.89 3.03
N ALA A 60 -2.88 -5.32 2.14
CA ALA A 60 -3.39 -4.77 0.89
C ALA A 60 -4.06 -5.85 0.05
N LYS A 61 -3.59 -7.09 0.20
CA LYS A 61 -4.15 -8.21 -0.55
C LYS A 61 -5.68 -8.23 -0.45
N GLY A 62 -6.18 -8.24 0.78
CA GLY A 62 -7.62 -8.26 0.98
C GLY A 62 -8.12 -9.60 1.48
N GLU A 63 -8.14 -10.58 0.58
CA GLU A 63 -8.60 -11.93 0.93
C GLU A 63 -7.60 -12.62 1.85
N THR A 64 -8.03 -12.89 3.08
CA THR A 64 -7.18 -13.56 4.06
C THR A 64 -7.32 -15.07 3.97
N ALA A 65 -8.56 -15.55 4.02
CA ALA A 65 -8.83 -16.98 3.96
C ALA A 65 -8.68 -17.49 2.53
N SER A 66 -7.44 -17.72 2.12
CA SER A 66 -7.15 -18.21 0.78
C SER A 66 -7.54 -19.68 0.64
N GLU A 67 -8.82 -19.92 0.35
CA GLU A 67 -9.32 -21.29 0.20
C GLU A 67 -8.63 -21.99 -0.96
N GLY A 68 -7.91 -23.06 -0.66
CA GLY A 68 -7.22 -23.82 -1.68
C GLY A 68 -8.15 -24.68 -2.51
N THR A 69 -8.61 -25.77 -1.92
CA THR A 69 -9.52 -26.69 -2.61
C THR A 69 -10.50 -27.32 -1.65
N GLU A 70 -11.80 -27.20 -1.95
CA GLU A 70 -12.83 -27.76 -1.10
C GLU A 70 -13.77 -28.64 -1.91
N ALA A 71 -14.34 -28.08 -2.97
CA ALA A 71 -15.26 -28.82 -3.82
C ALA A 71 -16.46 -29.33 -3.04
N LYS A 72 -17.02 -28.46 -2.19
CA LYS A 72 -18.18 -28.82 -1.38
C LYS A 72 -19.45 -28.22 -1.96
N LYS A 73 -19.39 -26.96 -2.35
CA LYS A 73 -20.54 -26.27 -2.93
C LYS A 73 -20.22 -25.79 -4.35
N ARG A 74 -20.76 -26.50 -5.33
CA ARG A 74 -20.53 -26.14 -6.73
C ARG A 74 -21.83 -26.24 -7.53
N LYS A 75 -22.34 -25.09 -7.98
CA LYS A 75 -23.57 -25.06 -8.76
C LYS A 75 -23.27 -25.09 -10.25
N SER A 76 -24.22 -25.59 -11.02
CA SER A 76 -24.06 -25.69 -12.47
C SER A 76 -24.84 -24.57 -13.18
N GLY A 77 -24.11 -23.53 -13.59
CA GLY A 77 -24.75 -22.42 -14.27
C GLY A 77 -24.85 -22.63 -15.77
N PRO A 78 -25.72 -21.86 -16.44
CA PRO A 78 -25.93 -21.95 -17.88
C PRO A 78 -24.73 -21.43 -18.67
N SER A 79 -24.11 -20.37 -18.17
CA SER A 79 -22.96 -19.77 -18.83
C SER A 79 -21.87 -20.82 -19.06
N SER A 80 -21.06 -20.60 -20.10
CA SER A 80 -19.99 -21.52 -20.44
C SER A 80 -18.73 -21.18 -19.64
N GLY A 81 -17.70 -22.01 -19.80
CA GLY A 81 -16.45 -21.80 -19.10
C GLY A 81 -16.33 -22.63 -17.84
N GLY A 1 -21.59 -4.41 -10.48
CA GLY A 1 -21.63 -5.74 -11.08
C GLY A 1 -20.26 -6.39 -11.12
N SER A 2 -20.23 -7.66 -11.52
CA SER A 2 -18.98 -8.40 -11.61
C SER A 2 -18.13 -7.90 -12.76
N SER A 3 -16.83 -8.16 -12.69
CA SER A 3 -15.90 -7.74 -13.73
C SER A 3 -14.74 -8.72 -13.87
N GLY A 4 -14.05 -8.65 -15.01
CA GLY A 4 -12.93 -9.54 -15.25
C GLY A 4 -11.62 -8.96 -14.76
N SER A 5 -11.24 -9.33 -13.53
CA SER A 5 -9.99 -8.83 -12.94
C SER A 5 -9.85 -7.33 -13.17
N SER A 6 -10.91 -6.59 -12.90
CA SER A 6 -10.90 -5.14 -13.07
C SER A 6 -9.64 -4.53 -12.45
N GLY A 7 -8.79 -3.97 -13.30
CA GLY A 7 -7.56 -3.37 -12.82
C GLY A 7 -6.84 -4.24 -11.80
N ARG A 8 -6.11 -3.60 -10.89
CA ARG A 8 -5.37 -4.33 -9.87
C ARG A 8 -5.72 -3.80 -8.48
N PRO A 9 -5.75 -4.71 -7.50
CA PRO A 9 -6.07 -4.38 -6.11
C PRO A 9 -4.98 -3.56 -5.45
N LYS A 10 -5.18 -3.23 -4.17
CA LYS A 10 -4.21 -2.44 -3.42
C LYS A 10 -2.96 -3.26 -3.12
N THR A 11 -1.90 -2.59 -2.67
CA THR A 11 -0.64 -3.26 -2.36
C THR A 11 -0.15 -2.87 -0.97
N GLY A 12 0.85 -3.60 -0.48
CA GLY A 12 1.39 -3.31 0.83
C GLY A 12 1.76 -1.84 1.00
N PHE A 13 2.45 -1.30 0.01
CA PHE A 13 2.87 0.10 0.05
C PHE A 13 1.66 1.03 0.14
N GLN A 14 0.55 0.61 -0.47
CA GLN A 14 -0.67 1.40 -0.46
C GLN A 14 -1.28 1.44 0.94
N MET A 15 -1.10 0.36 1.69
CA MET A 15 -1.64 0.27 3.04
C MET A 15 -0.72 0.98 4.03
N TRP A 16 0.58 0.73 3.93
CA TRP A 16 1.55 1.35 4.81
C TRP A 16 1.69 2.84 4.52
N LEU A 17 1.86 3.17 3.25
CA LEU A 17 1.99 4.57 2.83
C LEU A 17 0.84 5.41 3.37
N GLU A 18 -0.37 4.88 3.26
CA GLU A 18 -1.56 5.58 3.73
C GLU A 18 -1.68 5.49 5.25
N GLU A 19 -0.85 4.64 5.85
CA GLU A 19 -0.86 4.45 7.30
C GLU A 19 0.35 5.12 7.94
N ASN A 20 1.33 5.46 7.13
CA ASN A 20 2.55 6.11 7.61
C ASN A 20 2.63 7.55 7.12
N ARG A 21 2.01 7.82 5.99
CA ARG A 21 2.01 9.15 5.40
C ARG A 21 1.90 10.22 6.49
N SER A 22 0.96 10.02 7.41
CA SER A 22 0.75 10.98 8.50
C SER A 22 2.00 11.09 9.37
N ASN A 23 2.68 9.96 9.56
CA ASN A 23 3.89 9.93 10.37
C ASN A 23 5.07 10.57 9.63
N ILE A 24 5.03 10.50 8.31
CA ILE A 24 6.08 11.09 7.48
C ILE A 24 5.98 12.61 7.44
N LEU A 25 4.76 13.12 7.57
CA LEU A 25 4.52 14.56 7.56
C LEU A 25 4.87 15.18 8.91
N SER A 26 4.39 14.56 9.98
CA SER A 26 4.64 15.05 11.33
C SER A 26 6.11 15.42 11.50
N ASP A 27 6.99 14.68 10.81
CA ASP A 27 8.42 14.93 10.89
C ASP A 27 8.87 15.85 9.75
N ASN A 28 8.29 15.66 8.58
CA ASN A 28 8.64 16.46 7.40
C ASN A 28 7.40 17.13 6.82
N PRO A 29 7.09 18.34 7.31
CA PRO A 29 5.93 19.12 6.85
C PRO A 29 6.12 19.62 5.43
N ASP A 30 7.35 19.96 5.07
CA ASP A 30 7.65 20.46 3.74
C ASP A 30 6.86 19.70 2.67
N PHE A 31 6.61 18.42 2.93
CA PHE A 31 5.87 17.59 2.00
C PHE A 31 4.45 18.11 1.81
N SER A 32 4.18 18.62 0.61
CA SER A 32 2.86 19.16 0.29
C SER A 32 2.22 18.41 -0.87
N ASP A 33 3.01 17.55 -1.50
CA ASP A 33 2.52 16.76 -2.63
C ASP A 33 2.83 15.28 -2.44
N GLU A 34 1.90 14.43 -2.85
CA GLU A 34 2.08 12.98 -2.73
C GLU A 34 3.39 12.53 -3.36
N ALA A 35 3.79 13.23 -4.41
CA ALA A 35 5.03 12.91 -5.12
C ALA A 35 6.21 12.85 -4.15
N ASP A 36 6.26 13.79 -3.22
CA ASP A 36 7.33 13.85 -2.24
C ASP A 36 7.11 12.83 -1.12
N ILE A 37 5.84 12.48 -0.90
CA ILE A 37 5.49 11.51 0.13
C ILE A 37 5.81 10.09 -0.32
N ILE A 38 5.64 9.83 -1.60
CA ILE A 38 5.91 8.51 -2.16
C ILE A 38 7.41 8.21 -2.15
N LYS A 39 8.19 9.13 -2.69
CA LYS A 39 9.65 8.97 -2.74
C LYS A 39 10.19 8.59 -1.37
N GLU A 40 9.61 9.15 -0.32
CA GLU A 40 10.04 8.86 1.05
C GLU A 40 9.42 7.57 1.55
N GLY A 41 8.12 7.41 1.33
CA GLY A 41 7.43 6.22 1.77
C GLY A 41 8.19 4.95 1.42
N MET A 42 8.80 4.94 0.24
CA MET A 42 9.56 3.77 -0.21
C MET A 42 10.82 3.59 0.63
N ILE A 43 11.37 4.70 1.11
CA ILE A 43 12.58 4.66 1.93
C ILE A 43 12.31 4.03 3.29
N ARG A 44 11.17 4.40 3.89
CA ARG A 44 10.80 3.86 5.19
C ARG A 44 10.11 2.51 5.04
N PHE A 45 9.58 2.24 3.86
CA PHE A 45 8.90 0.98 3.59
C PHE A 45 9.90 -0.11 3.23
N ARG A 46 11.00 0.29 2.59
CA ARG A 46 12.04 -0.66 2.19
C ARG A 46 12.91 -1.05 3.38
N VAL A 47 13.02 -0.14 4.34
CA VAL A 47 13.83 -0.40 5.54
C VAL A 47 13.05 -1.19 6.57
N LEU A 48 11.72 -1.19 6.44
CA LEU A 48 10.85 -1.91 7.35
C LEU A 48 11.41 -3.31 7.64
N SER A 49 10.94 -3.92 8.72
CA SER A 49 11.38 -5.26 9.10
C SER A 49 10.93 -6.29 8.08
N THR A 50 11.85 -7.15 7.66
CA THR A 50 11.54 -8.19 6.69
C THR A 50 10.12 -8.71 6.86
N GLU A 51 9.66 -8.74 8.11
CA GLU A 51 8.32 -9.22 8.42
C GLU A 51 7.28 -8.15 8.09
N GLU A 52 7.50 -6.94 8.60
CA GLU A 52 6.58 -5.83 8.36
C GLU A 52 6.23 -5.72 6.88
N ARG A 53 7.26 -5.77 6.03
CA ARG A 53 7.05 -5.68 4.58
C ARG A 53 6.06 -6.73 4.11
N LYS A 54 6.46 -8.00 4.17
CA LYS A 54 5.62 -9.10 3.75
C LYS A 54 4.22 -8.98 4.35
N VAL A 55 4.17 -8.56 5.62
CA VAL A 55 2.89 -8.41 6.31
C VAL A 55 2.01 -7.38 5.62
N TRP A 56 2.51 -6.16 5.51
CA TRP A 56 1.76 -5.08 4.86
C TRP A 56 1.28 -5.50 3.48
N ALA A 57 2.14 -6.21 2.75
CA ALA A 57 1.81 -6.68 1.41
C ALA A 57 0.70 -7.73 1.47
N ASN A 58 0.50 -8.33 2.63
CA ASN A 58 -0.52 -9.35 2.80
C ASN A 58 -1.84 -8.72 3.26
N LYS A 59 -1.75 -7.53 3.86
CA LYS A 59 -2.93 -6.83 4.35
C LYS A 59 -3.68 -6.18 3.19
N ALA A 60 -2.96 -5.43 2.35
CA ALA A 60 -3.56 -4.76 1.21
C ALA A 60 -4.25 -5.76 0.29
N LYS A 61 -3.78 -7.01 0.32
CA LYS A 61 -4.34 -8.06 -0.52
C LYS A 61 -5.87 -8.01 -0.48
N GLY A 62 -6.43 -8.00 0.72
CA GLY A 62 -7.87 -7.95 0.87
C GLY A 62 -8.38 -8.95 1.89
N GLU A 63 -7.76 -10.13 1.91
CA GLU A 63 -8.15 -11.17 2.85
C GLU A 63 -8.41 -10.60 4.24
N THR A 64 -7.77 -9.48 4.53
CA THR A 64 -7.92 -8.83 5.83
C THR A 64 -8.85 -7.62 5.73
N ALA A 65 -9.45 -7.26 6.87
CA ALA A 65 -10.36 -6.12 6.90
C ALA A 65 -9.85 -4.97 6.04
N SER A 66 -10.62 -4.61 5.02
CA SER A 66 -10.24 -3.53 4.11
C SER A 66 -11.47 -2.72 3.70
N GLU A 67 -11.23 -1.60 3.03
CA GLU A 67 -12.31 -0.72 2.58
C GLU A 67 -12.63 -0.96 1.12
N GLY A 68 -13.49 -1.93 0.85
CA GLY A 68 -13.86 -2.25 -0.52
C GLY A 68 -12.66 -2.33 -1.44
N THR A 69 -12.87 -1.99 -2.70
CA THR A 69 -11.79 -2.03 -3.69
C THR A 69 -11.84 -0.82 -4.62
N GLU A 70 -10.84 -0.70 -5.48
CA GLU A 70 -10.77 0.42 -6.41
C GLU A 70 -11.12 -0.04 -7.83
N ALA A 71 -11.28 0.92 -8.73
CA ALA A 71 -11.60 0.62 -10.12
C ALA A 71 -10.95 1.62 -11.07
N LYS A 72 -11.16 1.41 -12.37
CA LYS A 72 -10.59 2.30 -13.38
C LYS A 72 -11.67 2.77 -14.36
N LYS A 73 -11.31 3.69 -15.23
CA LYS A 73 -12.24 4.22 -16.23
C LYS A 73 -11.53 4.52 -17.55
N ARG A 74 -12.09 4.00 -18.64
CA ARG A 74 -11.51 4.22 -19.96
C ARG A 74 -12.44 3.71 -21.06
N LYS A 75 -12.64 4.53 -22.08
CA LYS A 75 -13.51 4.17 -23.19
C LYS A 75 -12.71 4.00 -24.49
N SER A 76 -13.07 2.98 -25.27
CA SER A 76 -12.39 2.70 -26.52
C SER A 76 -13.19 3.22 -27.70
N GLY A 77 -12.57 3.25 -28.87
CA GLY A 77 -13.23 3.72 -30.07
C GLY A 77 -12.53 4.92 -30.68
N PRO A 78 -11.35 4.69 -31.25
CA PRO A 78 -10.55 5.75 -31.89
C PRO A 78 -11.18 6.24 -33.18
N SER A 79 -10.79 7.44 -33.61
CA SER A 79 -11.32 8.04 -34.83
C SER A 79 -11.48 6.97 -35.91
N SER A 80 -12.49 7.16 -36.77
CA SER A 80 -12.74 6.22 -37.85
C SER A 80 -11.80 6.46 -39.02
N GLY A 81 -11.78 7.70 -39.52
CA GLY A 81 -10.92 8.03 -40.63
C GLY A 81 -11.39 9.27 -41.38
N GLY A 1 -15.72 14.88 -18.36
CA GLY A 1 -16.46 14.31 -19.47
C GLY A 1 -16.33 12.80 -19.53
N SER A 2 -15.15 12.32 -19.93
CA SER A 2 -14.90 10.88 -20.03
C SER A 2 -13.96 10.42 -18.94
N SER A 3 -14.49 9.64 -18.00
CA SER A 3 -13.69 9.13 -16.89
C SER A 3 -14.06 7.68 -16.58
N GLY A 4 -13.34 7.07 -15.65
CA GLY A 4 -13.60 5.70 -15.27
C GLY A 4 -12.47 5.09 -14.46
N SER A 5 -12.83 4.33 -13.43
CA SER A 5 -11.84 3.69 -12.57
C SER A 5 -11.27 2.44 -13.22
N SER A 6 -10.08 2.05 -12.79
CA SER A 6 -9.42 0.86 -13.34
C SER A 6 -9.86 -0.40 -12.59
N GLY A 7 -9.75 -0.35 -11.27
CA GLY A 7 -10.14 -1.49 -10.46
C GLY A 7 -8.97 -2.44 -10.22
N ARG A 8 -7.90 -1.94 -9.63
CA ARG A 8 -6.72 -2.75 -9.35
C ARG A 8 -6.58 -3.00 -7.85
N PRO A 9 -6.02 -4.17 -7.50
CA PRO A 9 -5.81 -4.55 -6.09
C PRO A 9 -4.74 -3.71 -5.41
N LYS A 10 -4.97 -3.40 -4.14
CA LYS A 10 -4.02 -2.61 -3.37
C LYS A 10 -2.77 -3.41 -3.04
N THR A 11 -1.75 -2.73 -2.52
CA THR A 11 -0.49 -3.39 -2.17
C THR A 11 -0.01 -2.93 -0.79
N GLY A 12 0.93 -3.68 -0.23
CA GLY A 12 1.46 -3.34 1.08
C GLY A 12 1.84 -1.88 1.20
N PHE A 13 2.56 -1.38 0.20
CA PHE A 13 2.99 0.02 0.20
C PHE A 13 1.78 0.95 0.29
N GLN A 14 0.69 0.56 -0.35
CA GLN A 14 -0.52 1.37 -0.35
C GLN A 14 -1.16 1.39 1.04
N MET A 15 -1.00 0.29 1.77
CA MET A 15 -1.55 0.20 3.12
C MET A 15 -0.67 0.92 4.12
N TRP A 16 0.63 0.68 4.04
CA TRP A 16 1.59 1.32 4.95
C TRP A 16 1.72 2.80 4.63
N LEU A 17 1.92 3.12 3.36
CA LEU A 17 2.07 4.51 2.94
C LEU A 17 0.91 5.36 3.44
N GLU A 18 -0.30 4.81 3.35
CA GLU A 18 -1.50 5.51 3.79
C GLU A 18 -1.63 5.47 5.32
N GLU A 19 -0.82 4.61 5.94
CA GLU A 19 -0.85 4.46 7.39
C GLU A 19 0.35 5.16 8.03
N ASN A 20 1.32 5.52 7.20
CA ASN A 20 2.52 6.20 7.69
C ASN A 20 2.60 7.63 7.13
N ARG A 21 1.93 7.86 6.01
CA ARG A 21 1.92 9.18 5.39
C ARG A 21 1.83 10.29 6.44
N SER A 22 0.90 10.12 7.39
CA SER A 22 0.72 11.09 8.45
C SER A 22 1.95 11.20 9.32
N ASN A 23 2.62 10.07 9.53
CA ASN A 23 3.83 10.04 10.34
C ASN A 23 5.00 10.68 9.62
N ILE A 24 4.97 10.62 8.29
CA ILE A 24 6.03 11.19 7.47
C ILE A 24 5.92 12.71 7.42
N LEU A 25 4.70 13.21 7.52
CA LEU A 25 4.45 14.65 7.49
C LEU A 25 4.78 15.29 8.83
N SER A 26 4.32 14.65 9.91
CA SER A 26 4.56 15.16 11.26
C SER A 26 6.02 15.57 11.43
N ASP A 27 6.91 14.84 10.77
CA ASP A 27 8.35 15.12 10.85
C ASP A 27 8.78 16.03 9.71
N ASN A 28 8.20 15.83 8.53
CA ASN A 28 8.54 16.64 7.37
C ASN A 28 7.28 17.23 6.74
N PRO A 29 6.91 18.43 7.21
CA PRO A 29 5.72 19.14 6.72
C PRO A 29 5.91 19.65 5.28
N ASP A 30 7.14 20.01 4.94
CA ASP A 30 7.45 20.51 3.61
C ASP A 30 6.68 19.74 2.55
N PHE A 31 6.45 18.45 2.81
CA PHE A 31 5.73 17.60 1.87
C PHE A 31 4.31 18.13 1.64
N SER A 32 4.04 18.53 0.41
CA SER A 32 2.72 19.06 0.05
C SER A 32 2.12 18.27 -1.11
N ASP A 33 2.93 17.41 -1.72
CA ASP A 33 2.48 16.60 -2.83
C ASP A 33 2.81 15.12 -2.61
N GLU A 34 1.94 14.25 -3.09
CA GLU A 34 2.14 12.81 -2.94
C GLU A 34 3.50 12.39 -3.49
N ALA A 35 3.95 13.09 -4.52
CA ALA A 35 5.23 12.78 -5.14
C ALA A 35 6.36 12.77 -4.11
N ASP A 36 6.31 13.73 -3.18
CA ASP A 36 7.32 13.83 -2.13
C ASP A 36 7.05 12.81 -1.02
N ILE A 37 5.79 12.45 -0.85
CA ILE A 37 5.41 11.47 0.17
C ILE A 37 5.77 10.05 -0.25
N ILE A 38 5.76 9.81 -1.56
CA ILE A 38 6.10 8.49 -2.08
C ILE A 38 7.61 8.25 -2.03
N LYS A 39 8.37 9.18 -2.60
CA LYS A 39 9.82 9.06 -2.62
C LYS A 39 10.36 8.74 -1.22
N GLU A 40 9.64 9.18 -0.20
CA GLU A 40 10.05 8.93 1.18
C GLU A 40 9.45 7.61 1.69
N GLY A 41 8.18 7.39 1.39
CA GLY A 41 7.51 6.18 1.82
C GLY A 41 8.28 4.93 1.45
N MET A 42 8.89 4.95 0.26
CA MET A 42 9.65 3.80 -0.22
C MET A 42 10.93 3.62 0.60
N ILE A 43 11.45 4.72 1.13
CA ILE A 43 12.67 4.68 1.94
C ILE A 43 12.41 3.98 3.27
N ARG A 44 11.26 4.27 3.87
CA ARG A 44 10.90 3.67 5.15
C ARG A 44 10.27 2.29 4.95
N PHE A 45 9.64 2.11 3.80
CA PHE A 45 8.99 0.84 3.49
C PHE A 45 10.01 -0.21 3.07
N ARG A 46 11.17 0.25 2.62
CA ARG A 46 12.23 -0.65 2.19
C ARG A 46 13.09 -1.07 3.37
N VAL A 47 13.15 -0.22 4.39
CA VAL A 47 13.95 -0.50 5.57
C VAL A 47 13.13 -1.31 6.59
N LEU A 48 11.82 -1.26 6.46
CA LEU A 48 10.93 -1.99 7.37
C LEU A 48 11.46 -3.39 7.63
N SER A 49 10.93 -4.02 8.68
CA SER A 49 11.34 -5.37 9.04
C SER A 49 10.90 -6.38 7.98
N THR A 50 11.84 -7.23 7.55
CA THR A 50 11.54 -8.24 6.54
C THR A 50 10.13 -8.78 6.71
N GLU A 51 9.65 -8.80 7.95
CA GLU A 51 8.31 -9.30 8.23
C GLU A 51 7.25 -8.25 7.91
N GLU A 52 7.48 -7.03 8.39
CA GLU A 52 6.55 -5.93 8.15
C GLU A 52 6.22 -5.81 6.66
N ARG A 53 7.26 -5.73 5.84
CA ARG A 53 7.08 -5.61 4.39
C ARG A 53 6.08 -6.63 3.88
N LYS A 54 6.38 -7.91 4.09
CA LYS A 54 5.51 -8.98 3.65
C LYS A 54 4.15 -8.89 4.32
N VAL A 55 4.13 -8.40 5.55
CA VAL A 55 2.89 -8.26 6.31
C VAL A 55 1.94 -7.27 5.62
N TRP A 56 2.40 -6.02 5.50
CA TRP A 56 1.60 -4.98 4.87
C TRP A 56 1.10 -5.44 3.50
N ALA A 57 1.98 -6.10 2.75
CA ALA A 57 1.62 -6.58 1.43
C ALA A 57 0.55 -7.67 1.50
N ASN A 58 0.39 -8.25 2.68
CA ASN A 58 -0.60 -9.30 2.89
C ASN A 58 -1.93 -8.71 3.33
N LYS A 59 -1.88 -7.52 3.91
CA LYS A 59 -3.08 -6.84 4.38
C LYS A 59 -3.90 -6.30 3.20
N ALA A 60 -3.26 -5.50 2.36
CA ALA A 60 -3.93 -4.92 1.20
C ALA A 60 -4.68 -5.98 0.42
N LYS A 61 -4.31 -7.25 0.62
CA LYS A 61 -4.96 -8.36 -0.06
C LYS A 61 -6.45 -8.37 0.22
N GLY A 62 -6.82 -8.65 1.46
CA GLY A 62 -8.23 -8.68 1.84
C GLY A 62 -8.51 -7.91 3.10
N GLU A 63 -7.80 -6.81 3.29
CA GLU A 63 -7.98 -5.98 4.48
C GLU A 63 -8.43 -4.57 4.10
N THR A 64 -8.09 -4.15 2.88
CA THR A 64 -8.45 -2.83 2.39
C THR A 64 -9.90 -2.49 2.75
N ALA A 65 -10.08 -1.39 3.46
CA ALA A 65 -11.41 -0.95 3.87
C ALA A 65 -12.16 -0.32 2.70
N SER A 66 -11.59 0.75 2.13
CA SER A 66 -12.22 1.43 1.01
C SER A 66 -11.17 1.83 -0.02
N GLU A 67 -11.62 2.53 -1.07
CA GLU A 67 -10.72 2.96 -2.13
C GLU A 67 -11.00 4.41 -2.51
N GLY A 68 -10.01 5.28 -2.35
CA GLY A 68 -10.17 6.68 -2.68
C GLY A 68 -10.42 6.90 -4.16
N THR A 69 -10.80 8.12 -4.52
CA THR A 69 -11.07 8.46 -5.91
C THR A 69 -9.96 9.32 -6.49
N GLU A 70 -9.55 9.00 -7.71
CA GLU A 70 -8.48 9.75 -8.38
C GLU A 70 -9.08 10.83 -9.30
N ALA A 71 -8.21 11.71 -9.79
CA ALA A 71 -8.65 12.78 -10.68
C ALA A 71 -9.02 12.24 -12.05
N LYS A 72 -9.84 12.99 -12.77
CA LYS A 72 -10.28 12.58 -14.10
C LYS A 72 -9.13 11.99 -14.90
N LYS A 73 -9.20 10.69 -15.17
CA LYS A 73 -8.16 10.00 -15.92
C LYS A 73 -8.75 8.88 -16.77
N ARG A 74 -7.98 8.42 -17.75
CA ARG A 74 -8.43 7.35 -18.63
C ARG A 74 -7.25 6.55 -19.16
N LYS A 75 -7.23 5.26 -18.85
CA LYS A 75 -6.16 4.37 -19.28
C LYS A 75 -6.26 4.09 -20.78
N SER A 76 -5.22 4.45 -21.53
CA SER A 76 -5.20 4.23 -22.96
C SER A 76 -3.96 3.43 -23.38
N GLY A 77 -4.11 2.62 -24.41
CA GLY A 77 -3.00 1.81 -24.89
C GLY A 77 -3.45 0.63 -25.72
N PRO A 78 -3.97 0.91 -26.93
CA PRO A 78 -4.46 -0.13 -27.84
C PRO A 78 -3.32 -0.97 -28.42
N SER A 79 -3.07 -2.12 -27.80
CA SER A 79 -2.01 -3.01 -28.25
C SER A 79 -2.21 -4.42 -27.71
N SER A 80 -2.32 -5.39 -28.61
CA SER A 80 -2.52 -6.78 -28.22
C SER A 80 -1.34 -7.30 -27.40
N GLY A 81 -1.62 -8.21 -26.48
CA GLY A 81 -0.57 -8.76 -25.65
C GLY A 81 -0.83 -8.55 -24.16
N GLY A 1 12.25 4.31 -10.50
CA GLY A 1 11.81 5.54 -9.88
C GLY A 1 10.54 5.36 -9.07
N SER A 2 9.70 6.39 -9.06
CA SER A 2 8.45 6.34 -8.33
C SER A 2 7.61 5.13 -8.75
N SER A 3 6.48 4.94 -8.07
CA SER A 3 5.59 3.82 -8.38
C SER A 3 4.42 4.28 -9.24
N GLY A 4 4.28 3.68 -10.41
CA GLY A 4 3.20 4.04 -11.31
C GLY A 4 1.99 3.13 -11.15
N SER A 5 0.80 3.69 -11.38
CA SER A 5 -0.44 2.92 -11.26
C SER A 5 -1.07 2.69 -12.62
N SER A 6 -1.15 1.42 -13.01
CA SER A 6 -1.73 1.05 -14.30
C SER A 6 -3.09 0.38 -14.12
N GLY A 7 -3.13 -0.60 -13.22
CA GLY A 7 -4.38 -1.31 -12.96
C GLY A 7 -4.20 -2.45 -11.99
N ARG A 8 -4.19 -2.14 -10.70
CA ARG A 8 -4.02 -3.15 -9.66
C ARG A 8 -4.61 -2.67 -8.33
N PRO A 9 -5.08 -3.62 -7.52
CA PRO A 9 -5.67 -3.31 -6.22
C PRO A 9 -4.64 -2.83 -5.21
N LYS A 10 -5.11 -2.15 -4.16
CA LYS A 10 -4.23 -1.63 -3.13
C LYS A 10 -3.13 -2.64 -2.80
N THR A 11 -1.89 -2.16 -2.71
CA THR A 11 -0.75 -3.02 -2.40
C THR A 11 -0.16 -2.66 -1.04
N GLY A 12 0.69 -3.55 -0.53
CA GLY A 12 1.31 -3.31 0.76
C GLY A 12 1.76 -1.87 0.93
N PHE A 13 2.46 -1.35 -0.07
CA PHE A 13 2.94 0.03 -0.03
C PHE A 13 1.78 1.01 0.11
N GLN A 14 0.66 0.68 -0.51
CA GLN A 14 -0.52 1.53 -0.47
C GLN A 14 -1.13 1.55 0.94
N MET A 15 -1.08 0.40 1.61
CA MET A 15 -1.62 0.28 2.95
C MET A 15 -0.72 0.98 3.97
N TRP A 16 0.58 0.74 3.85
CA TRP A 16 1.54 1.34 4.77
C TRP A 16 1.69 2.83 4.49
N LEU A 17 1.88 3.17 3.22
CA LEU A 17 2.04 4.57 2.81
C LEU A 17 0.89 5.42 3.33
N GLU A 18 -0.33 4.89 3.20
CA GLU A 18 -1.52 5.60 3.65
C GLU A 18 -1.66 5.52 5.18
N GLU A 19 -0.82 4.69 5.79
CA GLU A 19 -0.86 4.52 7.24
C GLU A 19 0.33 5.20 7.90
N ASN A 20 1.33 5.55 7.09
CA ASN A 20 2.53 6.22 7.59
C ASN A 20 2.60 7.65 7.10
N ARG A 21 1.99 7.91 5.95
CA ARG A 21 1.99 9.25 5.37
C ARG A 21 1.87 10.31 6.45
N SER A 22 0.92 10.12 7.36
CA SER A 22 0.69 11.06 8.44
C SER A 22 1.94 11.19 9.32
N ASN A 23 2.59 10.06 9.56
CA ASN A 23 3.80 10.05 10.39
C ASN A 23 4.97 10.69 9.65
N ILE A 24 4.95 10.60 8.32
CA ILE A 24 6.01 11.18 7.50
C ILE A 24 5.90 12.70 7.44
N LEU A 25 4.66 13.20 7.51
CA LEU A 25 4.43 14.63 7.47
C LEU A 25 4.71 15.28 8.82
N SER A 26 4.22 14.66 9.88
CA SER A 26 4.42 15.17 11.23
C SER A 26 5.88 15.50 11.47
N ASP A 27 6.77 14.74 10.83
CA ASP A 27 8.21 14.96 10.98
C ASP A 27 8.72 15.90 9.89
N ASN A 28 8.18 15.76 8.68
CA ASN A 28 8.59 16.59 7.55
C ASN A 28 7.38 17.27 6.92
N PRO A 29 7.03 18.46 7.41
CA PRO A 29 5.89 19.22 6.90
C PRO A 29 6.15 19.78 5.50
N ASP A 30 7.43 19.96 5.17
CA ASP A 30 7.81 20.48 3.86
C ASP A 30 7.05 19.76 2.74
N PHE A 31 6.72 18.50 2.98
CA PHE A 31 6.00 17.69 2.01
C PHE A 31 4.64 18.31 1.69
N SER A 32 4.52 18.84 0.47
CA SER A 32 3.27 19.47 0.04
C SER A 32 2.68 18.73 -1.16
N ASP A 33 3.47 17.84 -1.76
CA ASP A 33 3.03 17.08 -2.91
C ASP A 33 3.20 15.58 -2.66
N GLU A 34 2.25 14.79 -3.16
CA GLU A 34 2.30 13.34 -3.00
C GLU A 34 3.63 12.78 -3.49
N ALA A 35 4.15 13.37 -4.56
CA ALA A 35 5.42 12.92 -5.12
C ALA A 35 6.51 12.86 -4.06
N ASP A 36 6.51 13.83 -3.15
CA ASP A 36 7.50 13.89 -2.08
C ASP A 36 7.14 12.89 -0.97
N ILE A 37 5.85 12.60 -0.84
CA ILE A 37 5.38 11.67 0.19
C ILE A 37 5.65 10.22 -0.23
N ILE A 38 5.64 9.98 -1.52
CA ILE A 38 5.90 8.63 -2.04
C ILE A 38 7.38 8.29 -2.00
N LYS A 39 8.20 9.12 -2.62
CA LYS A 39 9.63 8.92 -2.65
C LYS A 39 10.16 8.55 -1.26
N GLU A 40 9.58 9.15 -0.24
CA GLU A 40 9.98 8.89 1.14
C GLU A 40 9.39 7.58 1.64
N GLY A 41 8.10 7.38 1.36
CA GLY A 41 7.44 6.17 1.79
C GLY A 41 8.19 4.91 1.39
N MET A 42 8.81 4.96 0.21
CA MET A 42 9.57 3.82 -0.30
C MET A 42 10.83 3.59 0.53
N ILE A 43 11.45 4.68 0.98
CA ILE A 43 12.65 4.59 1.79
C ILE A 43 12.39 3.88 3.12
N ARG A 44 11.26 4.23 3.74
CA ARG A 44 10.88 3.64 5.02
C ARG A 44 10.23 2.28 4.80
N PHE A 45 9.65 2.09 3.63
CA PHE A 45 8.98 0.83 3.30
C PHE A 45 9.99 -0.24 2.90
N ARG A 46 11.15 0.21 2.42
CA ARG A 46 12.20 -0.71 2.01
C ARG A 46 13.07 -1.13 3.18
N VAL A 47 13.11 -0.28 4.22
CA VAL A 47 13.90 -0.57 5.41
C VAL A 47 13.07 -1.35 6.43
N LEU A 48 11.76 -1.39 6.23
CA LEU A 48 10.87 -2.10 7.13
C LEU A 48 11.40 -3.49 7.45
N SER A 49 10.98 -4.04 8.59
CA SER A 49 11.42 -5.36 9.00
C SER A 49 10.94 -6.43 8.02
N THR A 50 11.84 -7.32 7.64
CA THR A 50 11.51 -8.39 6.71
C THR A 50 10.11 -8.93 6.96
N GLU A 51 9.65 -8.82 8.20
CA GLU A 51 8.32 -9.29 8.57
C GLU A 51 7.26 -8.24 8.23
N GLU A 52 7.53 -7.00 8.63
CA GLU A 52 6.60 -5.90 8.37
C GLU A 52 6.26 -5.81 6.89
N ARG A 53 7.30 -5.80 6.05
CA ARG A 53 7.11 -5.71 4.61
C ARG A 53 6.08 -6.73 4.12
N LYS A 54 6.44 -8.01 4.23
CA LYS A 54 5.56 -9.09 3.82
C LYS A 54 4.17 -8.92 4.42
N VAL A 55 4.12 -8.54 5.70
CA VAL A 55 2.87 -8.35 6.40
C VAL A 55 1.99 -7.32 5.69
N TRP A 56 2.49 -6.09 5.61
CA TRP A 56 1.75 -5.01 4.95
C TRP A 56 1.28 -5.44 3.57
N ALA A 57 2.12 -6.19 2.87
CA ALA A 57 1.78 -6.67 1.53
C ALA A 57 0.67 -7.70 1.59
N ASN A 58 0.51 -8.34 2.74
CA ASN A 58 -0.52 -9.37 2.93
C ASN A 58 -1.83 -8.73 3.41
N LYS A 59 -1.72 -7.54 3.99
CA LYS A 59 -2.89 -6.84 4.50
C LYS A 59 -3.68 -6.21 3.36
N ALA A 60 -2.97 -5.56 2.44
CA ALA A 60 -3.61 -4.92 1.29
C ALA A 60 -4.23 -5.95 0.35
N LYS A 61 -3.73 -7.19 0.43
CA LYS A 61 -4.23 -8.27 -0.41
C LYS A 61 -5.75 -8.32 -0.37
N GLY A 62 -6.31 -8.55 0.81
CA GLY A 62 -7.75 -8.63 0.95
C GLY A 62 -8.28 -10.02 0.71
N GLU A 63 -7.93 -10.60 -0.43
CA GLU A 63 -8.39 -11.94 -0.78
C GLU A 63 -8.41 -12.84 0.46
N THR A 64 -9.61 -13.13 0.95
CA THR A 64 -9.77 -13.98 2.13
C THR A 64 -11.17 -14.56 2.19
N ALA A 65 -11.25 -15.89 2.16
CA ALA A 65 -12.54 -16.58 2.22
C ALA A 65 -13.52 -15.98 1.24
N SER A 66 -13.05 -15.69 0.02
CA SER A 66 -13.89 -15.11 -1.01
C SER A 66 -13.74 -15.88 -2.32
N GLU A 67 -14.84 -16.00 -3.06
CA GLU A 67 -14.84 -16.72 -4.33
C GLU A 67 -13.88 -16.05 -5.32
N GLY A 68 -13.40 -16.83 -6.28
CA GLY A 68 -12.49 -16.31 -7.27
C GLY A 68 -13.17 -15.46 -8.31
N THR A 69 -12.41 -15.00 -9.31
CA THR A 69 -12.97 -14.17 -10.37
C THR A 69 -12.90 -14.88 -11.72
N GLU A 70 -11.68 -15.08 -12.21
CA GLU A 70 -11.48 -15.75 -13.50
C GLU A 70 -12.14 -14.97 -14.62
N ALA A 71 -12.03 -13.65 -14.56
CA ALA A 71 -12.62 -12.79 -15.59
C ALA A 71 -11.54 -12.14 -16.44
N LYS A 72 -11.45 -12.57 -17.70
CA LYS A 72 -10.46 -12.03 -18.63
C LYS A 72 -10.73 -10.56 -18.92
N LYS A 73 -9.71 -9.72 -18.77
CA LYS A 73 -9.85 -8.29 -19.03
C LYS A 73 -8.48 -7.64 -19.18
N ARG A 74 -8.25 -7.02 -20.34
CA ARG A 74 -6.99 -6.36 -20.61
C ARG A 74 -7.19 -4.86 -20.79
N LYS A 75 -6.15 -4.08 -20.50
CA LYS A 75 -6.21 -2.63 -20.63
C LYS A 75 -5.66 -2.19 -21.99
N SER A 76 -4.55 -2.80 -22.40
CA SER A 76 -3.92 -2.46 -23.67
C SER A 76 -4.97 -2.21 -24.75
N GLY A 77 -4.58 -1.49 -25.79
CA GLY A 77 -5.50 -1.18 -26.87
C GLY A 77 -4.89 -0.27 -27.91
N PRO A 78 -5.74 0.42 -28.68
CA PRO A 78 -5.31 1.34 -29.72
C PRO A 78 -4.67 2.60 -29.16
N SER A 79 -3.65 3.11 -29.85
CA SER A 79 -2.95 4.31 -29.40
C SER A 79 -3.59 5.56 -29.99
N SER A 80 -3.75 5.58 -31.30
CA SER A 80 -4.36 6.73 -31.98
C SER A 80 -5.70 7.10 -31.34
N GLY A 81 -6.13 8.33 -31.57
CA GLY A 81 -7.38 8.79 -31.00
C GLY A 81 -8.41 9.14 -32.07
N GLY A 1 8.28 -5.97 -18.22
CA GLY A 1 7.49 -4.76 -18.22
C GLY A 1 6.06 -4.99 -18.71
N SER A 2 5.09 -4.70 -17.86
CA SER A 2 3.69 -4.88 -18.20
C SER A 2 3.07 -3.58 -18.70
N SER A 3 2.67 -3.56 -19.96
CA SER A 3 2.06 -2.37 -20.56
C SER A 3 0.56 -2.58 -20.77
N GLY A 4 -0.21 -1.51 -20.56
CA GLY A 4 -1.64 -1.60 -20.73
C GLY A 4 -2.28 -2.63 -19.83
N SER A 5 -1.87 -2.64 -18.56
CA SER A 5 -2.41 -3.60 -17.59
C SER A 5 -3.92 -3.46 -17.47
N SER A 6 -4.58 -4.54 -17.06
CA SER A 6 -6.03 -4.53 -16.90
C SER A 6 -6.42 -3.88 -15.58
N GLY A 7 -5.78 -4.30 -14.49
CA GLY A 7 -6.08 -3.73 -13.19
C GLY A 7 -5.71 -4.68 -12.07
N ARG A 8 -5.20 -4.12 -10.98
CA ARG A 8 -4.80 -4.91 -9.82
C ARG A 8 -5.22 -4.23 -8.52
N PRO A 9 -5.42 -5.04 -7.46
CA PRO A 9 -5.83 -4.53 -6.15
C PRO A 9 -4.72 -3.75 -5.46
N LYS A 10 -5.02 -3.20 -4.30
CA LYS A 10 -4.04 -2.43 -3.53
C LYS A 10 -2.80 -3.26 -3.24
N THR A 11 -1.76 -2.60 -2.74
CA THR A 11 -0.51 -3.28 -2.41
C THR A 11 -0.02 -2.89 -1.02
N GLY A 12 0.98 -3.62 -0.53
CA GLY A 12 1.52 -3.33 0.79
C GLY A 12 1.89 -1.88 0.96
N PHE A 13 2.60 -1.33 -0.03
CA PHE A 13 3.01 0.07 0.01
C PHE A 13 1.82 1.00 0.15
N GLN A 14 0.72 0.64 -0.52
CA GLN A 14 -0.50 1.44 -0.48
C GLN A 14 -1.11 1.43 0.91
N MET A 15 -0.94 0.31 1.62
CA MET A 15 -1.48 0.18 2.96
C MET A 15 -0.60 0.90 3.98
N TRP A 16 0.71 0.67 3.89
CA TRP A 16 1.65 1.31 4.80
C TRP A 16 1.75 2.81 4.53
N LEU A 17 1.92 3.17 3.26
CA LEU A 17 2.04 4.56 2.87
C LEU A 17 0.85 5.37 3.39
N GLU A 18 -0.34 4.80 3.28
CA GLU A 18 -1.55 5.47 3.75
C GLU A 18 -1.67 5.37 5.27
N GLU A 19 -0.81 4.57 5.87
CA GLU A 19 -0.82 4.39 7.32
C GLU A 19 0.37 5.09 7.97
N ASN A 20 1.34 5.46 7.14
CA ASN A 20 2.55 6.14 7.63
C ASN A 20 2.60 7.58 7.13
N ARG A 21 1.93 7.83 6.00
CA ARG A 21 1.91 9.16 5.41
C ARG A 21 1.78 10.23 6.48
N SER A 22 0.84 10.02 7.41
CA SER A 22 0.60 10.97 8.49
C SER A 22 1.85 11.13 9.35
N ASN A 23 2.59 10.04 9.52
CA ASN A 23 3.81 10.06 10.32
C ASN A 23 4.95 10.74 9.57
N ILE A 24 4.94 10.59 8.25
CA ILE A 24 5.98 11.19 7.41
C ILE A 24 5.89 12.71 7.43
N LEU A 25 4.66 13.23 7.50
CA LEU A 25 4.45 14.67 7.53
C LEU A 25 4.77 15.24 8.91
N SER A 26 4.24 14.59 9.95
CA SER A 26 4.46 15.02 11.32
C SER A 26 5.92 15.36 11.55
N ASP A 27 6.80 14.65 10.86
CA ASP A 27 8.25 14.88 10.98
C ASP A 27 8.74 15.83 9.90
N ASN A 28 8.20 15.68 8.70
CA ASN A 28 8.59 16.52 7.57
C ASN A 28 7.37 17.14 6.90
N PRO A 29 6.96 18.33 7.39
CA PRO A 29 5.81 19.05 6.85
C PRO A 29 6.06 19.59 5.45
N ASP A 30 7.32 19.90 5.17
CA ASP A 30 7.71 20.43 3.86
C ASP A 30 6.94 19.72 2.74
N PHE A 31 6.69 18.43 2.93
CA PHE A 31 5.98 17.64 1.93
C PHE A 31 4.61 18.25 1.65
N SER A 32 4.42 18.70 0.41
CA SER A 32 3.15 19.30 0.00
C SER A 32 2.57 18.59 -1.21
N ASP A 33 3.36 17.69 -1.79
CA ASP A 33 2.93 16.93 -2.96
C ASP A 33 3.12 15.43 -2.75
N GLU A 34 2.18 14.64 -3.25
CA GLU A 34 2.25 13.19 -3.12
C GLU A 34 3.59 12.66 -3.62
N ALA A 35 4.08 13.25 -4.70
CA ALA A 35 5.36 12.83 -5.28
C ALA A 35 6.46 12.79 -4.22
N ASP A 36 6.42 13.74 -3.30
CA ASP A 36 7.41 13.81 -2.23
C ASP A 36 7.09 12.80 -1.13
N ILE A 37 5.81 12.51 -0.96
CA ILE A 37 5.38 11.57 0.06
C ILE A 37 5.68 10.13 -0.35
N ILE A 38 5.74 9.90 -1.66
CA ILE A 38 6.03 8.57 -2.18
C ILE A 38 7.52 8.27 -2.13
N LYS A 39 8.32 9.14 -2.73
CA LYS A 39 9.77 8.98 -2.75
C LYS A 39 10.29 8.64 -1.36
N GLU A 40 9.63 9.18 -0.33
CA GLU A 40 10.03 8.92 1.04
C GLU A 40 9.43 7.63 1.57
N GLY A 41 8.16 7.40 1.26
CA GLY A 41 7.47 6.20 1.70
C GLY A 41 8.24 4.94 1.33
N MET A 42 8.85 4.94 0.14
CA MET A 42 9.61 3.80 -0.32
C MET A 42 10.87 3.60 0.53
N ILE A 43 11.41 4.69 1.05
CA ILE A 43 12.61 4.64 1.88
C ILE A 43 12.32 3.97 3.22
N ARG A 44 11.19 4.35 3.83
CA ARG A 44 10.80 3.78 5.12
C ARG A 44 10.11 2.43 4.94
N PHE A 45 9.59 2.19 3.74
CA PHE A 45 8.90 0.94 3.44
C PHE A 45 9.91 -0.14 3.05
N ARG A 46 11.07 0.28 2.58
CA ARG A 46 12.11 -0.66 2.17
C ARG A 46 12.96 -1.08 3.35
N VAL A 47 13.12 -0.17 4.32
CA VAL A 47 13.91 -0.45 5.51
C VAL A 47 13.13 -1.28 6.51
N LEU A 48 11.80 -1.29 6.36
CA LEU A 48 10.94 -2.05 7.25
C LEU A 48 11.51 -3.43 7.53
N SER A 49 11.03 -4.06 8.59
CA SER A 49 11.51 -5.39 8.97
C SER A 49 11.03 -6.44 7.97
N THR A 50 11.94 -7.33 7.58
CA THR A 50 11.61 -8.38 6.63
C THR A 50 10.18 -8.89 6.83
N GLU A 51 9.72 -8.84 8.07
CA GLU A 51 8.37 -9.29 8.40
C GLU A 51 7.34 -8.23 8.05
N GLU A 52 7.54 -7.02 8.57
CA GLU A 52 6.63 -5.92 8.32
C GLU A 52 6.29 -5.82 6.82
N ARG A 53 7.32 -5.85 5.99
CA ARG A 53 7.14 -5.76 4.55
C ARG A 53 6.09 -6.77 4.07
N LYS A 54 6.37 -8.05 4.31
CA LYS A 54 5.46 -9.11 3.91
C LYS A 54 4.09 -8.93 4.56
N VAL A 55 4.08 -8.42 5.79
CA VAL A 55 2.84 -8.20 6.52
C VAL A 55 1.95 -7.19 5.80
N TRP A 56 2.47 -5.98 5.61
CA TRP A 56 1.72 -4.93 4.93
C TRP A 56 1.25 -5.39 3.55
N ALA A 57 2.11 -6.12 2.85
CA ALA A 57 1.79 -6.64 1.53
C ALA A 57 0.61 -7.61 1.60
N ASN A 58 0.40 -8.20 2.76
CA ASN A 58 -0.68 -9.16 2.96
C ASN A 58 -1.97 -8.44 3.36
N LYS A 59 -1.82 -7.32 4.05
CA LYS A 59 -2.98 -6.54 4.49
C LYS A 59 -3.75 -5.98 3.30
N ALA A 60 -3.04 -5.35 2.38
CA ALA A 60 -3.65 -4.77 1.19
C ALA A 60 -4.38 -5.84 0.39
N LYS A 61 -3.93 -7.08 0.50
CA LYS A 61 -4.54 -8.19 -0.22
C LYS A 61 -6.07 -8.07 -0.21
N GLY A 62 -6.66 -8.10 0.98
CA GLY A 62 -8.10 -7.99 1.10
C GLY A 62 -8.70 -9.15 1.87
N GLU A 63 -8.56 -10.36 1.33
CA GLU A 63 -9.10 -11.54 1.98
C GLU A 63 -8.07 -12.16 2.93
N THR A 64 -8.50 -12.45 4.15
CA THR A 64 -7.62 -13.05 5.16
C THR A 64 -6.70 -14.08 4.52
N ALA A 65 -5.39 -13.87 4.68
CA ALA A 65 -4.40 -14.79 4.13
C ALA A 65 -4.75 -16.24 4.45
N SER A 66 -5.37 -16.92 3.48
CA SER A 66 -5.76 -18.31 3.67
C SER A 66 -4.60 -19.15 4.20
N GLU A 67 -4.51 -19.26 5.52
CA GLU A 67 -3.45 -20.02 6.15
C GLU A 67 -3.98 -21.33 6.71
N GLY A 68 -3.09 -22.31 6.87
CA GLY A 68 -3.48 -23.60 7.40
C GLY A 68 -2.52 -24.71 7.01
N THR A 69 -1.72 -25.15 7.97
CA THR A 69 -0.74 -26.21 7.73
C THR A 69 -1.36 -27.58 7.96
N GLU A 70 -2.43 -27.88 7.22
CA GLU A 70 -3.10 -29.16 7.34
C GLU A 70 -2.28 -30.27 6.69
N ALA A 71 -2.50 -31.50 7.15
CA ALA A 71 -1.77 -32.65 6.62
C ALA A 71 -2.66 -33.89 6.60
N LYS A 72 -2.18 -34.94 5.96
CA LYS A 72 -2.93 -36.20 5.87
C LYS A 72 -2.09 -37.36 6.39
N LYS A 73 -2.77 -38.50 6.62
CA LYS A 73 -2.08 -39.69 7.12
C LYS A 73 -1.72 -40.62 5.96
N ARG A 74 -0.59 -41.31 6.11
CA ARG A 74 -0.14 -42.24 5.08
C ARG A 74 0.95 -43.17 5.63
N LYS A 75 0.81 -44.46 5.35
CA LYS A 75 1.77 -45.45 5.81
C LYS A 75 2.88 -45.67 4.78
N SER A 76 4.11 -45.78 5.26
CA SER A 76 5.26 -45.99 4.39
C SER A 76 5.71 -47.44 4.41
N GLY A 77 6.61 -47.79 3.50
CA GLY A 77 7.12 -49.15 3.44
C GLY A 77 7.45 -49.59 2.02
N PRO A 78 8.64 -49.22 1.55
CA PRO A 78 9.10 -49.57 0.20
C PRO A 78 9.38 -51.05 0.05
N SER A 79 8.43 -51.77 -0.55
CA SER A 79 8.58 -53.21 -0.76
C SER A 79 8.73 -53.53 -2.25
N SER A 80 9.94 -53.90 -2.65
CA SER A 80 10.21 -54.23 -4.04
C SER A 80 10.09 -53.00 -4.93
N GLY A 81 10.61 -51.88 -4.45
CA GLY A 81 10.54 -50.64 -5.21
C GLY A 81 9.73 -49.57 -4.51
N GLY A 1 -25.57 -1.99 -6.05
CA GLY A 1 -25.06 -2.53 -7.30
C GLY A 1 -23.63 -3.05 -7.16
N SER A 2 -23.19 -3.82 -8.15
CA SER A 2 -21.84 -4.38 -8.13
C SER A 2 -20.99 -3.81 -9.26
N SER A 3 -19.85 -3.22 -8.90
CA SER A 3 -18.96 -2.64 -9.88
C SER A 3 -17.56 -3.26 -9.79
N GLY A 4 -16.89 -3.36 -10.94
CA GLY A 4 -15.56 -3.94 -10.96
C GLY A 4 -14.77 -3.54 -12.19
N SER A 5 -14.55 -2.24 -12.34
CA SER A 5 -13.81 -1.71 -13.49
C SER A 5 -12.49 -2.47 -13.67
N SER A 6 -11.95 -2.39 -14.88
CA SER A 6 -10.68 -3.07 -15.19
C SER A 6 -9.51 -2.39 -14.48
N GLY A 7 -9.19 -2.88 -13.28
CA GLY A 7 -8.10 -2.31 -12.52
C GLY A 7 -7.41 -3.34 -11.64
N ARG A 8 -6.77 -2.86 -10.58
CA ARG A 8 -6.06 -3.74 -9.66
C ARG A 8 -6.24 -3.28 -8.21
N PRO A 9 -6.21 -4.25 -7.27
CA PRO A 9 -6.37 -3.95 -5.84
C PRO A 9 -5.17 -3.21 -5.27
N LYS A 10 -5.29 -2.77 -4.02
CA LYS A 10 -4.22 -2.05 -3.35
C LYS A 10 -3.06 -2.98 -3.01
N THR A 11 -1.89 -2.40 -2.76
CA THR A 11 -0.71 -3.19 -2.43
C THR A 11 -0.21 -2.84 -1.03
N GLY A 12 0.86 -3.52 -0.61
CA GLY A 12 1.43 -3.27 0.71
C GLY A 12 1.82 -1.82 0.90
N PHE A 13 2.51 -1.26 -0.09
CA PHE A 13 2.95 0.12 -0.02
C PHE A 13 1.77 1.07 0.12
N GLN A 14 0.66 0.72 -0.53
CA GLN A 14 -0.54 1.54 -0.47
C GLN A 14 -1.16 1.52 0.92
N MET A 15 -1.00 0.39 1.61
CA MET A 15 -1.53 0.25 2.96
C MET A 15 -0.64 0.94 3.98
N TRP A 16 0.65 0.69 3.89
CA TRP A 16 1.62 1.30 4.80
C TRP A 16 1.74 2.80 4.56
N LEU A 17 1.92 3.17 3.30
CA LEU A 17 2.05 4.58 2.93
C LEU A 17 0.90 5.40 3.51
N GLU A 18 -0.31 4.86 3.40
CA GLU A 18 -1.49 5.55 3.91
C GLU A 18 -1.58 5.43 5.43
N GLU A 19 -0.69 4.62 6.01
CA GLU A 19 -0.67 4.42 7.46
C GLU A 19 0.54 5.11 8.08
N ASN A 20 1.50 5.48 7.23
CA ASN A 20 2.71 6.14 7.70
C ASN A 20 2.78 7.58 7.19
N ARG A 21 2.10 7.83 6.08
CA ARG A 21 2.08 9.16 5.49
C ARG A 21 1.93 10.24 6.56
N SER A 22 0.99 10.03 7.47
CA SER A 22 0.76 10.99 8.54
C SER A 22 2.00 11.15 9.40
N ASN A 23 2.74 10.07 9.59
CA ASN A 23 3.96 10.10 10.40
C ASN A 23 5.09 10.80 9.66
N ILE A 24 5.11 10.64 8.33
CA ILE A 24 6.13 11.27 7.51
C ILE A 24 5.97 12.78 7.49
N LEU A 25 4.72 13.23 7.46
CA LEU A 25 4.43 14.67 7.43
C LEU A 25 4.71 15.30 8.80
N SER A 26 4.26 14.64 9.85
CA SER A 26 4.47 15.14 11.21
C SER A 26 5.92 15.58 11.42
N ASP A 27 6.83 14.88 10.76
CA ASP A 27 8.25 15.21 10.87
C ASP A 27 8.68 16.17 9.76
N ASN A 28 8.14 15.97 8.57
CA ASN A 28 8.46 16.81 7.42
C ASN A 28 7.20 17.39 6.79
N PRO A 29 6.76 18.56 7.27
CA PRO A 29 5.56 19.22 6.77
C PRO A 29 5.75 19.78 5.37
N ASP A 30 7.01 19.87 4.94
CA ASP A 30 7.33 20.38 3.61
C ASP A 30 6.55 19.63 2.54
N PHE A 31 6.43 18.31 2.72
CA PHE A 31 5.71 17.48 1.77
C PHE A 31 4.33 18.05 1.46
N SER A 32 4.14 18.50 0.23
CA SER A 32 2.87 19.09 -0.18
C SER A 32 2.27 18.30 -1.35
N ASP A 33 3.07 17.43 -1.94
CA ASP A 33 2.62 16.61 -3.07
C ASP A 33 2.93 15.14 -2.84
N GLU A 34 2.06 14.27 -3.33
CA GLU A 34 2.25 12.83 -3.16
C GLU A 34 3.64 12.41 -3.65
N ALA A 35 4.10 13.02 -4.73
CA ALA A 35 5.41 12.71 -5.29
C ALA A 35 6.48 12.71 -4.20
N ASP A 36 6.40 13.69 -3.29
CA ASP A 36 7.37 13.81 -2.21
C ASP A 36 7.05 12.80 -1.10
N ILE A 37 5.78 12.44 -0.98
CA ILE A 37 5.35 11.49 0.04
C ILE A 37 5.72 10.07 -0.34
N ILE A 38 5.79 9.81 -1.65
CA ILE A 38 6.13 8.48 -2.15
C ILE A 38 7.64 8.24 -2.05
N LYS A 39 8.42 9.13 -2.65
CA LYS A 39 9.88 9.01 -2.63
C LYS A 39 10.37 8.63 -1.24
N GLU A 40 9.72 9.17 -0.21
CA GLU A 40 10.10 8.88 1.16
C GLU A 40 9.49 7.57 1.64
N GLY A 41 8.17 7.47 1.52
CA GLY A 41 7.49 6.26 1.94
C GLY A 41 8.20 5.00 1.48
N MET A 42 8.83 5.07 0.32
CA MET A 42 9.55 3.93 -0.23
C MET A 42 10.82 3.65 0.58
N ILE A 43 11.44 4.72 1.08
CA ILE A 43 12.66 4.59 1.86
C ILE A 43 12.38 3.94 3.21
N ARG A 44 11.24 4.29 3.80
CA ARG A 44 10.86 3.73 5.09
C ARG A 44 10.13 2.40 4.93
N PHE A 45 9.60 2.16 3.73
CA PHE A 45 8.89 0.93 3.44
C PHE A 45 9.85 -0.18 3.06
N ARG A 46 11.01 0.20 2.54
CA ARG A 46 12.02 -0.76 2.13
C ARG A 46 12.89 -1.18 3.32
N VAL A 47 13.03 -0.28 4.28
CA VAL A 47 13.83 -0.56 5.47
C VAL A 47 13.05 -1.39 6.48
N LEU A 48 11.73 -1.36 6.36
CA LEU A 48 10.86 -2.12 7.25
C LEU A 48 11.41 -3.52 7.50
N SER A 49 10.98 -4.14 8.59
CA SER A 49 11.45 -5.49 8.93
C SER A 49 10.93 -6.51 7.93
N THR A 50 11.82 -7.40 7.49
CA THR A 50 11.45 -8.44 6.53
C THR A 50 10.02 -8.93 6.76
N GLU A 51 9.60 -8.92 8.03
CA GLU A 51 8.26 -9.36 8.38
C GLU A 51 7.23 -8.27 8.08
N GLU A 52 7.48 -7.07 8.58
CA GLU A 52 6.58 -5.95 8.37
C GLU A 52 6.21 -5.81 6.89
N ARG A 53 7.22 -5.95 6.03
CA ARG A 53 7.00 -5.84 4.59
C ARG A 53 6.00 -6.88 4.11
N LYS A 54 6.39 -8.16 4.17
CA LYS A 54 5.54 -9.25 3.74
C LYS A 54 4.14 -9.11 4.35
N VAL A 55 4.08 -8.59 5.57
CA VAL A 55 2.81 -8.41 6.26
C VAL A 55 1.97 -7.32 5.59
N TRP A 56 2.50 -6.11 5.58
CA TRP A 56 1.80 -4.98 4.97
C TRP A 56 1.31 -5.34 3.57
N ALA A 57 2.09 -6.14 2.86
CA ALA A 57 1.72 -6.55 1.52
C ALA A 57 0.62 -7.60 1.54
N ASN A 58 0.51 -8.33 2.64
CA ASN A 58 -0.51 -9.36 2.80
C ASN A 58 -1.82 -8.75 3.29
N LYS A 59 -1.73 -7.57 3.88
CA LYS A 59 -2.91 -6.88 4.39
C LYS A 59 -3.71 -6.24 3.26
N ALA A 60 -3.00 -5.56 2.36
CA ALA A 60 -3.65 -4.91 1.22
C ALA A 60 -4.36 -5.93 0.34
N LYS A 61 -3.91 -7.17 0.39
CA LYS A 61 -4.50 -8.25 -0.40
C LYS A 61 -6.02 -8.24 -0.26
N GLY A 62 -6.49 -8.12 0.97
CA GLY A 62 -7.93 -8.11 1.21
C GLY A 62 -8.33 -8.99 2.37
N GLU A 63 -7.68 -10.14 2.50
CA GLU A 63 -7.98 -11.07 3.58
C GLU A 63 -8.14 -10.34 4.89
N THR A 64 -8.91 -10.93 5.81
CA THR A 64 -9.15 -10.33 7.11
C THR A 64 -7.93 -9.57 7.61
N ALA A 65 -8.07 -8.26 7.74
CA ALA A 65 -6.98 -7.41 8.20
C ALA A 65 -7.45 -5.99 8.45
N SER A 66 -6.62 -5.20 9.13
CA SER A 66 -6.96 -3.82 9.44
C SER A 66 -7.62 -3.13 8.25
N GLU A 67 -8.47 -2.15 8.53
CA GLU A 67 -9.17 -1.42 7.48
C GLU A 67 -9.44 0.02 7.90
N GLY A 68 -9.12 0.97 7.02
CA GLY A 68 -9.32 2.37 7.33
C GLY A 68 -9.35 3.23 6.07
N THR A 69 -10.47 3.90 5.85
CA THR A 69 -10.63 4.77 4.69
C THR A 69 -11.13 6.14 5.09
N GLU A 70 -10.66 7.18 4.38
CA GLU A 70 -11.07 8.54 4.66
C GLU A 70 -11.80 9.15 3.47
N ALA A 71 -11.12 9.20 2.33
CA ALA A 71 -11.72 9.75 1.11
C ALA A 71 -11.26 8.98 -0.12
N LYS A 72 -12.16 8.19 -0.69
CA LYS A 72 -11.85 7.40 -1.88
C LYS A 72 -11.45 8.31 -3.04
N LYS A 73 -10.83 7.72 -4.06
CA LYS A 73 -10.39 8.47 -5.23
C LYS A 73 -11.33 8.23 -6.41
N ARG A 74 -11.82 9.31 -7.00
CA ARG A 74 -12.72 9.21 -8.15
C ARG A 74 -12.01 8.63 -9.36
N LYS A 75 -12.71 7.80 -10.11
CA LYS A 75 -12.15 7.17 -11.31
C LYS A 75 -12.82 7.71 -12.56
N SER A 76 -14.15 7.69 -12.57
CA SER A 76 -14.91 8.17 -13.71
C SER A 76 -14.38 9.51 -14.20
N GLY A 77 -14.89 9.97 -15.33
CA GLY A 77 -14.46 11.23 -15.89
C GLY A 77 -13.36 11.07 -16.92
N PRO A 78 -12.87 12.20 -17.45
CA PRO A 78 -11.81 12.20 -18.46
C PRO A 78 -10.46 11.77 -17.88
N SER A 79 -9.70 11.00 -18.65
CA SER A 79 -8.40 10.53 -18.21
C SER A 79 -7.43 10.45 -19.39
N SER A 80 -6.28 11.12 -19.25
CA SER A 80 -5.27 11.13 -20.30
C SER A 80 -4.27 9.98 -20.11
N GLY A 81 -3.73 9.89 -18.90
CA GLY A 81 -2.77 8.84 -18.61
C GLY A 81 -3.22 7.48 -19.12
N GLY A 1 8.35 -3.91 -6.76
CA GLY A 1 7.79 -2.76 -7.43
C GLY A 1 7.01 -3.13 -8.68
N SER A 2 5.94 -3.89 -8.50
CA SER A 2 5.12 -4.33 -9.62
C SER A 2 4.20 -3.19 -10.09
N SER A 3 4.02 -3.10 -11.40
CA SER A 3 3.17 -2.07 -11.99
C SER A 3 1.70 -2.30 -11.64
N GLY A 4 0.86 -1.34 -11.98
CA GLY A 4 -0.56 -1.45 -11.69
C GLY A 4 -1.33 -0.19 -12.02
N SER A 5 -1.37 0.17 -13.30
CA SER A 5 -2.07 1.36 -13.74
C SER A 5 -3.56 1.13 -13.79
N SER A 6 -4.21 1.21 -12.63
CA SER A 6 -5.65 0.99 -12.55
C SER A 6 -6.03 -0.39 -13.06
N GLY A 7 -5.34 -1.41 -12.57
CA GLY A 7 -5.61 -2.78 -13.00
C GLY A 7 -5.59 -3.75 -11.84
N ARG A 8 -4.61 -3.59 -10.94
CA ARG A 8 -4.48 -4.47 -9.78
C ARG A 8 -4.96 -3.78 -8.52
N PRO A 9 -5.34 -4.59 -7.52
CA PRO A 9 -5.84 -4.07 -6.23
C PRO A 9 -4.73 -3.40 -5.41
N LYS A 10 -5.08 -2.96 -4.21
CA LYS A 10 -4.12 -2.30 -3.33
C LYS A 10 -2.95 -3.22 -3.02
N THR A 11 -1.90 -2.66 -2.42
CA THR A 11 -0.72 -3.44 -2.06
C THR A 11 -0.19 -3.03 -0.69
N GLY A 12 0.91 -3.66 -0.28
CA GLY A 12 1.50 -3.35 1.00
C GLY A 12 1.88 -1.89 1.13
N PHE A 13 2.55 -1.36 0.11
CA PHE A 13 2.97 0.03 0.11
C PHE A 13 1.77 0.97 0.21
N GLN A 14 0.66 0.57 -0.39
CA GLN A 14 -0.56 1.37 -0.36
C GLN A 14 -1.16 1.41 1.04
N MET A 15 -1.07 0.29 1.74
CA MET A 15 -1.61 0.20 3.10
C MET A 15 -0.69 0.92 4.09
N TRP A 16 0.61 0.67 3.98
CA TRP A 16 1.59 1.30 4.86
C TRP A 16 1.69 2.80 4.59
N LEU A 17 1.87 3.15 3.32
CA LEU A 17 1.98 4.54 2.93
C LEU A 17 0.81 5.36 3.47
N GLU A 18 -0.38 4.79 3.41
CA GLU A 18 -1.58 5.45 3.89
C GLU A 18 -1.67 5.38 5.41
N GLU A 19 -0.81 4.55 6.01
CA GLU A 19 -0.80 4.38 7.46
C GLU A 19 0.41 5.08 8.08
N ASN A 20 1.32 5.55 7.21
CA ASN A 20 2.52 6.24 7.68
C ASN A 20 2.57 7.66 7.14
N ARG A 21 1.94 7.87 5.98
CA ARG A 21 1.92 9.19 5.36
C ARG A 21 1.81 10.29 6.40
N SER A 22 0.88 10.11 7.34
CA SER A 22 0.67 11.10 8.40
C SER A 22 1.92 11.24 9.26
N ASN A 23 2.55 10.12 9.56
CA ASN A 23 3.76 10.12 10.38
C ASN A 23 4.93 10.75 9.63
N ILE A 24 4.90 10.64 8.30
CA ILE A 24 5.95 11.20 7.47
C ILE A 24 5.90 12.73 7.46
N LEU A 25 4.68 13.26 7.47
CA LEU A 25 4.48 14.71 7.47
C LEU A 25 4.82 15.31 8.82
N SER A 26 4.29 14.71 9.88
CA SER A 26 4.54 15.19 11.24
C SER A 26 6.01 15.54 11.42
N ASP A 27 6.88 14.78 10.78
CA ASP A 27 8.32 15.01 10.87
C ASP A 27 8.80 15.93 9.75
N ASN A 28 8.23 15.75 8.57
CA ASN A 28 8.60 16.56 7.41
C ASN A 28 7.37 17.18 6.76
N PRO A 29 6.99 18.38 7.22
CA PRO A 29 5.83 19.11 6.70
C PRO A 29 6.06 19.61 5.28
N ASP A 30 7.30 19.93 4.96
CA ASP A 30 7.65 20.43 3.63
C ASP A 30 6.87 19.67 2.55
N PHE A 31 6.56 18.41 2.82
CA PHE A 31 5.84 17.59 1.87
C PHE A 31 4.44 18.16 1.62
N SER A 32 4.21 18.60 0.38
CA SER A 32 2.93 19.17 0.01
C SER A 32 2.30 18.40 -1.15
N ASP A 33 3.08 17.50 -1.74
CA ASP A 33 2.60 16.70 -2.86
C ASP A 33 2.89 15.21 -2.62
N GLU A 34 2.04 14.35 -3.16
CA GLU A 34 2.20 12.92 -3.00
C GLU A 34 3.55 12.46 -3.54
N ALA A 35 4.06 13.17 -4.54
CA ALA A 35 5.34 12.84 -5.15
C ALA A 35 6.44 12.78 -4.09
N ASP A 36 6.41 13.72 -3.16
CA ASP A 36 7.41 13.78 -2.09
C ASP A 36 7.10 12.75 -1.01
N ILE A 37 5.82 12.42 -0.84
CA ILE A 37 5.40 11.45 0.16
C ILE A 37 5.75 10.03 -0.29
N ILE A 38 5.73 9.80 -1.59
CA ILE A 38 6.04 8.49 -2.15
C ILE A 38 7.53 8.20 -2.06
N LYS A 39 8.34 9.08 -2.65
CA LYS A 39 9.79 8.91 -2.64
C LYS A 39 10.28 8.59 -1.24
N GLU A 40 9.62 9.13 -0.23
CA GLU A 40 10.00 8.89 1.16
C GLU A 40 9.38 7.59 1.67
N GLY A 41 8.11 7.38 1.33
CA GLY A 41 7.42 6.18 1.77
C GLY A 41 8.16 4.91 1.38
N MET A 42 8.87 4.97 0.26
CA MET A 42 9.62 3.81 -0.22
C MET A 42 10.89 3.62 0.61
N ILE A 43 11.42 4.71 1.14
CA ILE A 43 12.64 4.65 1.96
C ILE A 43 12.35 4.00 3.31
N ARG A 44 11.21 4.32 3.89
CA ARG A 44 10.82 3.77 5.18
C ARG A 44 10.18 2.41 5.03
N PHE A 45 9.56 2.18 3.86
CA PHE A 45 8.90 0.91 3.59
C PHE A 45 9.91 -0.16 3.19
N ARG A 46 11.01 0.27 2.58
CA ARG A 46 12.06 -0.64 2.16
C ARG A 46 12.94 -1.07 3.33
N VAL A 47 13.08 -0.17 4.30
CA VAL A 47 13.89 -0.45 5.48
C VAL A 47 13.11 -1.28 6.49
N LEU A 48 11.78 -1.25 6.39
CA LEU A 48 10.92 -2.01 7.30
C LEU A 48 11.47 -3.41 7.52
N SER A 49 11.01 -4.05 8.59
CA SER A 49 11.45 -5.40 8.92
C SER A 49 10.94 -6.41 7.89
N THR A 50 11.83 -7.28 7.43
CA THR A 50 11.47 -8.30 6.45
C THR A 50 10.07 -8.82 6.69
N GLU A 51 9.64 -8.83 7.95
CA GLU A 51 8.31 -9.29 8.31
C GLU A 51 7.26 -8.23 8.02
N GLU A 52 7.54 -7.00 8.44
CA GLU A 52 6.63 -5.89 8.23
C GLU A 52 6.26 -5.75 6.75
N ARG A 53 7.29 -5.69 5.91
CA ARG A 53 7.08 -5.55 4.47
C ARG A 53 6.10 -6.60 3.96
N LYS A 54 6.46 -7.86 4.10
CA LYS A 54 5.61 -8.96 3.65
C LYS A 54 4.23 -8.88 4.30
N VAL A 55 4.20 -8.47 5.56
CA VAL A 55 2.94 -8.35 6.29
C VAL A 55 2.02 -7.34 5.62
N TRP A 56 2.48 -6.09 5.54
CA TRP A 56 1.69 -5.03 4.92
C TRP A 56 1.20 -5.44 3.55
N ALA A 57 2.05 -6.14 2.80
CA ALA A 57 1.70 -6.60 1.46
C ALA A 57 0.59 -7.64 1.52
N ASN A 58 0.44 -8.27 2.68
CA ASN A 58 -0.58 -9.30 2.86
C ASN A 58 -1.92 -8.68 3.29
N LYS A 59 -1.82 -7.50 3.92
CA LYS A 59 -3.02 -6.79 4.38
C LYS A 59 -3.78 -6.19 3.21
N ALA A 60 -3.08 -5.41 2.39
CA ALA A 60 -3.69 -4.77 1.23
C ALA A 60 -4.27 -5.81 0.28
N LYS A 61 -3.62 -6.96 0.20
CA LYS A 61 -4.07 -8.04 -0.68
C LYS A 61 -5.53 -8.39 -0.41
N GLY A 62 -5.84 -8.68 0.84
CA GLY A 62 -7.21 -9.02 1.21
C GLY A 62 -7.91 -9.82 0.13
N GLU A 63 -7.34 -10.97 -0.22
CA GLU A 63 -7.92 -11.82 -1.26
C GLU A 63 -9.43 -12.02 -1.02
N THR A 64 -10.24 -11.18 -1.64
CA THR A 64 -11.68 -11.25 -1.49
C THR A 64 -12.28 -12.25 -2.48
N ALA A 65 -13.48 -12.74 -2.17
CA ALA A 65 -14.16 -13.70 -3.04
C ALA A 65 -15.13 -13.00 -3.97
N SER A 66 -14.60 -12.44 -5.06
CA SER A 66 -15.43 -11.74 -6.03
C SER A 66 -14.71 -11.61 -7.36
N GLU A 67 -15.46 -11.72 -8.46
CA GLU A 67 -14.89 -11.62 -9.79
C GLU A 67 -15.60 -10.54 -10.61
N GLY A 68 -14.94 -10.08 -11.68
CA GLY A 68 -15.52 -9.06 -12.51
C GLY A 68 -14.70 -7.78 -12.51
N THR A 69 -14.02 -7.51 -13.62
CA THR A 69 -13.19 -6.32 -13.74
C THR A 69 -13.31 -5.71 -15.13
N GLU A 70 -13.33 -4.38 -15.19
CA GLU A 70 -13.45 -3.67 -16.46
C GLU A 70 -12.66 -2.36 -16.42
N ALA A 71 -11.71 -2.23 -17.35
CA ALA A 71 -10.88 -1.03 -17.42
C ALA A 71 -9.96 -1.09 -18.63
N LYS A 72 -9.74 0.08 -19.25
CA LYS A 72 -8.88 0.17 -20.43
C LYS A 72 -7.58 -0.60 -20.21
N LYS A 73 -7.51 -1.81 -20.77
CA LYS A 73 -6.32 -2.65 -20.64
C LYS A 73 -5.06 -1.85 -20.93
N ARG A 74 -3.90 -2.43 -20.60
CA ARG A 74 -2.63 -1.76 -20.83
C ARG A 74 -1.83 -2.48 -21.91
N LYS A 75 -0.88 -1.76 -22.51
CA LYS A 75 -0.05 -2.34 -23.56
C LYS A 75 1.28 -2.83 -22.99
N SER A 76 2.00 -3.64 -23.77
CA SER A 76 3.28 -4.19 -23.34
C SER A 76 4.40 -3.75 -24.28
N GLY A 77 4.18 -3.95 -25.57
CA GLY A 77 5.17 -3.58 -26.56
C GLY A 77 5.71 -4.77 -27.33
N PRO A 78 6.75 -4.54 -28.14
CA PRO A 78 7.37 -5.59 -28.95
C PRO A 78 8.12 -6.61 -28.10
N SER A 79 8.59 -7.68 -28.74
CA SER A 79 9.32 -8.73 -28.03
C SER A 79 10.79 -8.72 -28.43
N SER A 80 11.61 -9.44 -27.67
CA SER A 80 13.04 -9.52 -27.94
C SER A 80 13.30 -9.94 -29.39
N GLY A 81 14.56 -9.89 -29.79
CA GLY A 81 14.92 -10.27 -31.14
C GLY A 81 16.18 -9.58 -31.63
N GLY A 1 -15.17 -6.14 -18.55
CA GLY A 1 -14.16 -7.16 -18.34
C GLY A 1 -13.89 -7.40 -16.86
N SER A 2 -12.72 -6.97 -16.40
CA SER A 2 -12.34 -7.15 -15.00
C SER A 2 -12.15 -5.80 -14.32
N SER A 3 -11.27 -4.98 -14.87
CA SER A 3 -10.99 -3.66 -14.31
C SER A 3 -11.63 -2.56 -15.15
N GLY A 4 -11.64 -1.34 -14.62
CA GLY A 4 -12.23 -0.23 -15.35
C GLY A 4 -11.19 0.79 -15.77
N SER A 5 -11.13 1.91 -15.05
CA SER A 5 -10.18 2.96 -15.36
C SER A 5 -9.72 3.67 -14.09
N SER A 6 -8.47 4.15 -14.10
CA SER A 6 -7.90 4.84 -12.95
C SER A 6 -8.31 4.14 -11.66
N GLY A 7 -8.05 2.85 -11.57
CA GLY A 7 -8.39 2.09 -10.38
C GLY A 7 -7.39 0.99 -10.09
N ARG A 8 -6.12 1.35 -10.01
CA ARG A 8 -5.05 0.39 -9.73
C ARG A 8 -5.34 -0.37 -8.44
N PRO A 9 -4.82 -1.60 -8.35
CA PRO A 9 -5.01 -2.46 -7.18
C PRO A 9 -4.24 -1.95 -5.96
N LYS A 10 -4.59 -2.46 -4.78
CA LYS A 10 -3.93 -2.06 -3.55
C LYS A 10 -2.75 -2.96 -3.25
N THR A 11 -1.73 -2.39 -2.61
CA THR A 11 -0.52 -3.15 -2.27
C THR A 11 -0.02 -2.77 -0.88
N GLY A 12 0.88 -3.59 -0.34
CA GLY A 12 1.43 -3.31 0.97
C GLY A 12 1.84 -1.86 1.15
N PHE A 13 2.56 -1.33 0.16
CA PHE A 13 3.01 0.05 0.21
C PHE A 13 1.84 1.01 0.27
N GLN A 14 0.74 0.64 -0.38
CA GLN A 14 -0.46 1.47 -0.40
C GLN A 14 -1.11 1.53 0.98
N MET A 15 -1.02 0.42 1.72
CA MET A 15 -1.60 0.35 3.05
C MET A 15 -0.70 1.04 4.07
N TRP A 16 0.61 0.77 3.97
CA TRP A 16 1.57 1.37 4.89
C TRP A 16 1.74 2.87 4.60
N LEU A 17 1.94 3.20 3.33
CA LEU A 17 2.13 4.58 2.93
C LEU A 17 0.97 5.46 3.43
N GLU A 18 -0.24 4.91 3.35
CA GLU A 18 -1.43 5.64 3.79
C GLU A 18 -1.57 5.59 5.31
N GLU A 19 -0.77 4.72 5.94
CA GLU A 19 -0.81 4.57 7.39
C GLU A 19 0.42 5.23 8.03
N ASN A 20 1.40 5.56 7.19
CA ASN A 20 2.62 6.19 7.68
C ASN A 20 2.73 7.63 7.18
N ARG A 21 2.09 7.90 6.05
CA ARG A 21 2.11 9.24 5.45
C ARG A 21 1.97 10.31 6.53
N SER A 22 1.02 10.12 7.43
CA SER A 22 0.77 11.07 8.51
C SER A 22 2.01 11.21 9.39
N ASN A 23 2.69 10.09 9.63
CA ASN A 23 3.89 10.09 10.46
C ASN A 23 5.05 10.78 9.74
N ILE A 24 5.04 10.71 8.42
CA ILE A 24 6.09 11.32 7.61
C ILE A 24 5.90 12.84 7.52
N LEU A 25 4.65 13.27 7.56
CA LEU A 25 4.33 14.70 7.49
C LEU A 25 4.59 15.38 8.83
N SER A 26 4.12 14.75 9.91
CA SER A 26 4.31 15.31 11.25
C SER A 26 5.75 15.79 11.45
N ASP A 27 6.69 15.09 10.82
CA ASP A 27 8.11 15.44 10.93
C ASP A 27 8.52 16.38 9.80
N ASN A 28 7.98 16.13 8.61
CA ASN A 28 8.28 16.96 7.45
C ASN A 28 7.02 17.48 6.79
N PRO A 29 6.55 18.65 7.25
CA PRO A 29 5.33 19.28 6.71
C PRO A 29 5.52 19.80 5.29
N ASP A 30 6.78 19.96 4.89
CA ASP A 30 7.10 20.44 3.55
C ASP A 30 6.39 19.61 2.49
N PHE A 31 6.17 18.33 2.80
CA PHE A 31 5.50 17.42 1.87
C PHE A 31 4.09 17.90 1.56
N SER A 32 3.89 18.43 0.36
CA SER A 32 2.59 18.93 -0.05
C SER A 32 2.04 18.11 -1.21
N ASP A 33 2.91 17.36 -1.87
CA ASP A 33 2.52 16.52 -3.00
C ASP A 33 2.87 15.06 -2.74
N GLU A 34 2.00 14.16 -3.20
CA GLU A 34 2.23 12.73 -3.02
C GLU A 34 3.59 12.30 -3.56
N ALA A 35 4.00 12.96 -4.65
CA ALA A 35 5.28 12.66 -5.27
C ALA A 35 6.42 12.68 -4.25
N ASP A 36 6.38 13.67 -3.35
CA ASP A 36 7.39 13.80 -2.32
C ASP A 36 7.14 12.82 -1.18
N ILE A 37 5.87 12.50 -0.95
CA ILE A 37 5.50 11.57 0.10
C ILE A 37 5.90 10.14 -0.25
N ILE A 38 5.93 9.84 -1.54
CA ILE A 38 6.29 8.51 -2.01
C ILE A 38 7.80 8.29 -1.92
N LYS A 39 8.56 9.24 -2.47
CA LYS A 39 10.02 9.14 -2.46
C LYS A 39 10.53 8.78 -1.06
N GLU A 40 9.76 9.15 -0.05
CA GLU A 40 10.14 8.86 1.33
C GLU A 40 9.54 7.54 1.79
N GLY A 41 8.22 7.41 1.68
CA GLY A 41 7.55 6.20 2.08
C GLY A 41 8.23 4.95 1.55
N MET A 42 8.82 5.05 0.36
CA MET A 42 9.51 3.93 -0.25
C MET A 42 10.80 3.61 0.50
N ILE A 43 11.39 4.63 1.10
CA ILE A 43 12.64 4.46 1.85
C ILE A 43 12.38 3.76 3.19
N ARG A 44 11.30 4.17 3.85
CA ARG A 44 10.94 3.58 5.14
C ARG A 44 10.24 2.24 4.96
N PHE A 45 9.65 2.05 3.78
CA PHE A 45 8.94 0.81 3.48
C PHE A 45 9.92 -0.27 3.02
N ARG A 46 11.02 0.15 2.41
CA ARG A 46 12.02 -0.79 1.91
C ARG A 46 12.91 -1.28 3.06
N VAL A 47 13.07 -0.43 4.08
CA VAL A 47 13.90 -0.79 5.23
C VAL A 47 13.10 -1.59 6.25
N LEU A 48 11.77 -1.57 6.11
CA LEU A 48 10.90 -2.29 7.02
C LEU A 48 11.45 -3.69 7.30
N SER A 49 11.05 -4.26 8.43
CA SER A 49 11.50 -5.59 8.82
C SER A 49 10.98 -6.65 7.85
N THR A 50 11.85 -7.56 7.45
CA THR A 50 11.49 -8.62 6.52
C THR A 50 10.05 -9.07 6.75
N GLU A 51 9.61 -9.02 8.00
CA GLU A 51 8.25 -9.43 8.34
C GLU A 51 7.26 -8.31 8.02
N GLU A 52 7.53 -7.11 8.52
CA GLU A 52 6.65 -5.97 8.28
C GLU A 52 6.30 -5.86 6.80
N ARG A 53 7.32 -5.97 5.94
CA ARG A 53 7.12 -5.88 4.50
C ARG A 53 6.07 -6.89 4.03
N LYS A 54 6.39 -8.17 4.18
CA LYS A 54 5.48 -9.23 3.78
C LYS A 54 4.12 -9.06 4.43
N VAL A 55 4.12 -8.57 5.66
CA VAL A 55 2.88 -8.36 6.40
C VAL A 55 1.98 -7.35 5.68
N TRP A 56 2.47 -6.12 5.56
CA TRP A 56 1.72 -5.07 4.89
C TRP A 56 1.23 -5.51 3.52
N ALA A 57 2.08 -6.27 2.82
CA ALA A 57 1.73 -6.76 1.49
C ALA A 57 0.59 -7.78 1.56
N ASN A 58 0.38 -8.34 2.75
CA ASN A 58 -0.68 -9.33 2.95
C ASN A 58 -1.98 -8.65 3.39
N LYS A 59 -1.84 -7.48 4.03
CA LYS A 59 -3.00 -6.74 4.50
C LYS A 59 -3.77 -6.14 3.33
N ALA A 60 -3.06 -5.45 2.45
CA ALA A 60 -3.68 -4.82 1.28
C ALA A 60 -4.28 -5.87 0.35
N LYS A 61 -3.74 -7.08 0.42
CA LYS A 61 -4.22 -8.18 -0.43
C LYS A 61 -5.57 -8.69 0.08
N GLY A 62 -5.55 -9.31 1.26
CA GLY A 62 -6.78 -9.85 1.83
C GLY A 62 -7.95 -8.90 1.66
N GLU A 63 -7.66 -7.61 1.54
CA GLU A 63 -8.70 -6.61 1.37
C GLU A 63 -8.92 -6.29 -0.11
N THR A 64 -9.25 -7.31 -0.89
CA THR A 64 -9.48 -7.14 -2.33
C THR A 64 -10.96 -7.26 -2.66
N ALA A 65 -11.35 -6.72 -3.82
CA ALA A 65 -12.74 -6.77 -4.26
C ALA A 65 -13.19 -8.21 -4.47
N SER A 66 -14.03 -8.71 -3.56
CA SER A 66 -14.54 -10.07 -3.65
C SER A 66 -15.62 -10.31 -2.62
N GLU A 67 -16.18 -11.52 -2.62
CA GLU A 67 -17.23 -11.89 -1.68
C GLU A 67 -16.79 -13.05 -0.80
N GLY A 68 -15.96 -13.93 -1.36
CA GLY A 68 -15.49 -15.08 -0.61
C GLY A 68 -15.87 -16.40 -1.27
N THR A 69 -14.88 -17.13 -1.74
CA THR A 69 -15.11 -18.41 -2.39
C THR A 69 -14.56 -19.57 -1.56
N GLU A 70 -15.29 -20.67 -1.52
CA GLU A 70 -14.87 -21.84 -0.76
C GLU A 70 -14.49 -22.98 -1.70
N ALA A 71 -13.51 -23.79 -1.28
CA ALA A 71 -13.05 -24.92 -2.07
C ALA A 71 -13.96 -26.13 -1.89
N LYS A 72 -13.79 -27.13 -2.74
CA LYS A 72 -14.58 -28.35 -2.66
C LYS A 72 -13.69 -29.58 -2.58
N LYS A 73 -13.22 -29.88 -1.37
CA LYS A 73 -12.37 -31.03 -1.14
C LYS A 73 -13.11 -32.33 -1.44
N ARG A 74 -12.37 -33.43 -1.54
CA ARG A 74 -12.95 -34.73 -1.83
C ARG A 74 -14.09 -35.04 -0.87
N LYS A 75 -14.92 -36.01 -1.23
CA LYS A 75 -16.05 -36.41 -0.40
C LYS A 75 -15.65 -37.51 0.57
N SER A 76 -14.38 -37.90 0.53
CA SER A 76 -13.87 -38.95 1.40
C SER A 76 -14.52 -38.88 2.78
N GLY A 77 -14.60 -40.02 3.46
CA GLY A 77 -15.19 -40.07 4.78
C GLY A 77 -14.81 -41.31 5.55
N PRO A 78 -13.64 -41.28 6.18
CA PRO A 78 -13.14 -42.41 6.97
C PRO A 78 -13.94 -42.64 8.25
N SER A 79 -14.54 -43.82 8.37
CA SER A 79 -15.34 -44.16 9.54
C SER A 79 -14.53 -43.95 10.81
N SER A 80 -14.92 -42.94 11.59
CA SER A 80 -14.24 -42.63 12.84
C SER A 80 -12.73 -42.66 12.66
N GLY A 81 -12.25 -42.03 11.58
CA GLY A 81 -10.84 -41.99 11.31
C GLY A 81 -10.19 -40.69 11.76
N GLY A 1 5.92 6.36 -22.37
CA GLY A 1 5.21 7.37 -21.60
C GLY A 1 4.88 6.90 -20.20
N SER A 2 4.24 7.76 -19.42
CA SER A 2 3.86 7.44 -18.05
C SER A 2 2.35 7.47 -17.88
N SER A 3 1.71 6.31 -18.03
CA SER A 3 0.27 6.21 -17.90
C SER A 3 -0.11 5.45 -16.63
N GLY A 4 -0.97 6.06 -15.82
CA GLY A 4 -1.40 5.42 -14.59
C GLY A 4 -2.44 4.34 -14.81
N SER A 5 -1.99 3.18 -15.27
CA SER A 5 -2.89 2.06 -15.53
C SER A 5 -2.91 1.09 -14.37
N SER A 6 -4.11 0.81 -13.86
CA SER A 6 -4.26 -0.11 -12.73
C SER A 6 -4.46 -1.55 -13.23
N GLY A 7 -4.08 -2.51 -12.39
CA GLY A 7 -4.22 -3.90 -12.76
C GLY A 7 -4.27 -4.81 -11.55
N ARG A 8 -3.37 -4.59 -10.60
CA ARG A 8 -3.32 -5.40 -9.39
C ARG A 8 -4.01 -4.69 -8.23
N PRO A 9 -4.48 -5.48 -7.25
CA PRO A 9 -5.17 -4.95 -6.06
C PRO A 9 -4.22 -4.19 -5.14
N LYS A 10 -4.78 -3.58 -4.10
CA LYS A 10 -4.00 -2.83 -3.13
C LYS A 10 -2.68 -3.55 -2.83
N THR A 11 -1.61 -2.77 -2.72
CA THR A 11 -0.29 -3.34 -2.42
C THR A 11 0.21 -2.89 -1.06
N GLY A 12 1.13 -3.66 -0.49
CA GLY A 12 1.67 -3.33 0.82
C GLY A 12 2.02 -1.86 0.94
N PHE A 13 2.65 -1.32 -0.09
CA PHE A 13 3.04 0.09 -0.09
C PHE A 13 1.81 0.99 -0.03
N GLN A 14 0.75 0.58 -0.71
CA GLN A 14 -0.49 1.35 -0.73
C GLN A 14 -1.15 1.38 0.65
N MET A 15 -0.91 0.33 1.42
CA MET A 15 -1.49 0.22 2.76
C MET A 15 -0.61 0.95 3.78
N TRP A 16 0.68 0.63 3.77
CA TRP A 16 1.62 1.25 4.70
C TRP A 16 1.75 2.75 4.42
N LEU A 17 1.95 3.10 3.16
CA LEU A 17 2.08 4.50 2.77
C LEU A 17 0.91 5.33 3.30
N GLU A 18 -0.29 4.76 3.20
CA GLU A 18 -1.49 5.45 3.67
C GLU A 18 -1.61 5.36 5.19
N GLU A 19 -0.81 4.50 5.79
CA GLU A 19 -0.82 4.33 7.24
C GLU A 19 0.38 5.01 7.88
N ASN A 20 1.31 5.46 7.05
CA ASN A 20 2.52 6.13 7.52
C ASN A 20 2.58 7.56 7.02
N ARG A 21 1.96 7.82 5.87
CA ARG A 21 1.95 9.15 5.28
C ARG A 21 1.77 10.22 6.35
N SER A 22 0.82 10.00 7.25
CA SER A 22 0.56 10.95 8.32
C SER A 22 1.77 11.10 9.24
N ASN A 23 2.49 9.99 9.42
CA ASN A 23 3.68 10.00 10.27
C ASN A 23 4.86 10.67 9.57
N ILE A 24 4.88 10.56 8.24
CA ILE A 24 5.95 11.15 7.45
C ILE A 24 5.89 12.67 7.50
N LEU A 25 4.68 13.22 7.50
CA LEU A 25 4.48 14.66 7.55
C LEU A 25 4.78 15.20 8.95
N SER A 26 4.27 14.52 9.96
CA SER A 26 4.48 14.94 11.34
C SER A 26 5.95 15.26 11.59
N ASP A 27 6.83 14.54 10.91
CA ASP A 27 8.27 14.75 11.06
C ASP A 27 8.78 15.72 10.01
N ASN A 28 8.22 15.66 8.81
CA ASN A 28 8.62 16.54 7.72
C ASN A 28 7.41 17.21 7.08
N PRO A 29 7.01 18.37 7.60
CA PRO A 29 5.86 19.13 7.10
C PRO A 29 6.13 19.72 5.72
N ASP A 30 7.40 19.75 5.33
CA ASP A 30 7.79 20.31 4.03
C ASP A 30 7.03 19.62 2.90
N PHE A 31 6.65 18.37 3.13
CA PHE A 31 5.91 17.60 2.13
C PHE A 31 4.52 18.19 1.92
N SER A 32 4.26 18.67 0.70
CA SER A 32 2.97 19.25 0.37
C SER A 32 2.32 18.51 -0.80
N ASP A 33 3.09 17.64 -1.43
CA ASP A 33 2.58 16.86 -2.57
C ASP A 33 2.88 15.38 -2.39
N GLU A 34 2.01 14.53 -2.92
CA GLU A 34 2.18 13.09 -2.81
C GLU A 34 3.52 12.65 -3.38
N ALA A 35 3.93 13.28 -4.47
CA ALA A 35 5.20 12.96 -5.11
C ALA A 35 6.35 12.96 -4.10
N ASP A 36 6.28 13.88 -3.15
CA ASP A 36 7.30 13.99 -2.11
C ASP A 36 7.08 12.95 -1.02
N ILE A 37 5.82 12.60 -0.79
CA ILE A 37 5.47 11.62 0.23
C ILE A 37 5.84 10.21 -0.21
N ILE A 38 5.78 9.96 -1.52
CA ILE A 38 6.12 8.66 -2.07
C ILE A 38 7.62 8.41 -2.03
N LYS A 39 8.38 9.30 -2.65
CA LYS A 39 9.83 9.19 -2.69
C LYS A 39 10.38 8.86 -1.30
N GLU A 40 9.61 9.19 -0.27
CA GLU A 40 10.03 8.93 1.10
C GLU A 40 9.40 7.63 1.62
N GLY A 41 8.15 7.40 1.25
CA GLY A 41 7.45 6.20 1.68
C GLY A 41 8.16 4.93 1.25
N MET A 42 8.72 4.95 0.04
CA MET A 42 9.43 3.79 -0.50
C MET A 42 10.71 3.54 0.29
N ILE A 43 11.32 4.61 0.77
CA ILE A 43 12.56 4.50 1.53
C ILE A 43 12.33 3.82 2.88
N ARG A 44 11.26 4.23 3.56
CA ARG A 44 10.92 3.66 4.86
C ARG A 44 10.19 2.33 4.69
N PHE A 45 9.64 2.11 3.51
CA PHE A 45 8.91 0.88 3.22
C PHE A 45 9.87 -0.23 2.80
N ARG A 46 11.01 0.16 2.24
CA ARG A 46 12.02 -0.80 1.80
C ARG A 46 12.93 -1.21 2.95
N VAL A 47 12.92 -0.41 4.01
CA VAL A 47 13.75 -0.69 5.18
C VAL A 47 12.94 -1.39 6.27
N LEU A 48 11.63 -1.38 6.12
CA LEU A 48 10.74 -2.02 7.09
C LEU A 48 11.27 -3.41 7.47
N SER A 49 10.86 -3.89 8.64
CA SER A 49 11.28 -5.20 9.12
C SER A 49 10.81 -6.30 8.18
N THR A 50 11.71 -7.24 7.88
CA THR A 50 11.37 -8.35 7.00
C THR A 50 9.95 -8.85 7.25
N GLU A 51 9.47 -8.64 8.46
CA GLU A 51 8.13 -9.07 8.83
C GLU A 51 7.09 -8.02 8.46
N GLU A 52 7.42 -6.76 8.73
CA GLU A 52 6.52 -5.65 8.43
C GLU A 52 6.22 -5.58 6.93
N ARG A 53 7.26 -5.77 6.12
CA ARG A 53 7.11 -5.73 4.67
C ARG A 53 6.16 -6.81 4.18
N LYS A 54 6.47 -8.06 4.52
CA LYS A 54 5.63 -9.19 4.12
C LYS A 54 4.21 -9.03 4.66
N VAL A 55 4.10 -8.57 5.90
CA VAL A 55 2.80 -8.37 6.54
C VAL A 55 2.01 -7.29 5.82
N TRP A 56 2.54 -6.08 5.81
CA TRP A 56 1.86 -4.96 5.16
C TRP A 56 1.42 -5.33 3.75
N ALA A 57 2.24 -6.15 3.08
CA ALA A 57 1.93 -6.58 1.72
C ALA A 57 0.75 -7.56 1.71
N ASN A 58 0.57 -8.27 2.81
CA ASN A 58 -0.50 -9.24 2.93
C ASN A 58 -1.79 -8.57 3.39
N LYS A 59 -1.65 -7.46 4.12
CA LYS A 59 -2.80 -6.72 4.61
C LYS A 59 -3.63 -6.16 3.45
N ALA A 60 -2.94 -5.50 2.51
CA ALA A 60 -3.61 -4.92 1.35
C ALA A 60 -4.36 -5.99 0.55
N LYS A 61 -3.85 -7.21 0.61
CA LYS A 61 -4.47 -8.33 -0.11
C LYS A 61 -5.98 -8.25 -0.03
N GLY A 62 -6.51 -8.08 1.19
CA GLY A 62 -7.94 -7.99 1.38
C GLY A 62 -8.42 -8.84 2.54
N GLU A 63 -7.94 -10.07 2.61
CA GLU A 63 -8.32 -10.99 3.68
C GLU A 63 -9.81 -10.86 3.99
N THR A 64 -10.60 -10.56 2.96
CA THR A 64 -12.04 -10.40 3.13
C THR A 64 -12.59 -11.40 4.14
N ALA A 65 -13.56 -10.97 4.93
CA ALA A 65 -14.18 -11.82 5.94
C ALA A 65 -15.61 -11.39 6.24
N SER A 66 -16.40 -12.31 6.78
CA SER A 66 -17.79 -12.03 7.11
C SER A 66 -18.04 -12.20 8.61
N GLU A 67 -18.17 -11.08 9.31
CA GLU A 67 -18.42 -11.11 10.75
C GLU A 67 -19.92 -11.06 11.04
N GLY A 68 -20.63 -10.19 10.36
CA GLY A 68 -22.06 -10.07 10.56
C GLY A 68 -22.73 -9.21 9.51
N THR A 69 -22.12 -8.07 9.20
CA THR A 69 -22.67 -7.16 8.19
C THR A 69 -21.57 -6.32 7.57
N GLU A 70 -21.94 -5.52 6.57
CA GLU A 70 -20.98 -4.67 5.87
C GLU A 70 -21.28 -3.19 6.14
N ALA A 71 -20.23 -2.38 6.18
CA ALA A 71 -20.37 -0.95 6.42
C ALA A 71 -20.66 -0.20 5.12
N LYS A 72 -21.40 0.90 5.23
CA LYS A 72 -21.74 1.71 4.07
C LYS A 72 -20.69 2.79 3.84
N LYS A 73 -19.93 2.64 2.76
CA LYS A 73 -18.89 3.60 2.41
C LYS A 73 -19.48 4.99 2.20
N ARG A 74 -18.67 6.02 2.44
CA ARG A 74 -19.12 7.40 2.27
C ARG A 74 -18.82 7.90 0.86
N LYS A 75 -19.64 8.83 0.39
CA LYS A 75 -19.46 9.41 -0.95
C LYS A 75 -19.63 10.92 -0.92
N SER A 76 -19.33 11.56 -2.05
CA SER A 76 -19.44 13.01 -2.15
C SER A 76 -20.52 13.39 -3.16
N GLY A 77 -20.47 12.77 -4.34
CA GLY A 77 -21.45 13.06 -5.37
C GLY A 77 -20.80 13.32 -6.71
N PRO A 78 -21.63 13.59 -7.73
CA PRO A 78 -21.15 13.87 -9.10
C PRO A 78 -20.45 15.21 -9.20
N SER A 79 -20.89 16.18 -8.41
CA SER A 79 -20.29 17.51 -8.41
C SER A 79 -20.07 18.00 -9.83
N SER A 80 -21.04 17.76 -10.70
CA SER A 80 -20.95 18.17 -12.09
C SER A 80 -21.03 19.69 -12.21
N GLY A 81 -20.73 20.20 -13.41
CA GLY A 81 -20.76 21.63 -13.64
C GLY A 81 -21.52 21.99 -14.90
N GLY A 1 3.65 -12.65 -15.01
CA GLY A 1 3.72 -12.66 -16.45
C GLY A 1 2.38 -12.99 -17.09
N SER A 2 1.36 -12.22 -16.76
CA SER A 2 0.02 -12.44 -17.30
C SER A 2 -0.74 -11.14 -17.43
N SER A 3 -1.70 -11.10 -18.35
CA SER A 3 -2.50 -9.90 -18.58
C SER A 3 -3.97 -10.27 -18.76
N GLY A 4 -4.80 -9.83 -17.80
CA GLY A 4 -6.22 -10.12 -17.88
C GLY A 4 -7.07 -8.98 -17.34
N SER A 5 -8.20 -9.33 -16.73
CA SER A 5 -9.10 -8.32 -16.18
C SER A 5 -8.34 -7.32 -15.31
N SER A 6 -8.69 -6.04 -15.44
CA SER A 6 -8.04 -4.98 -14.69
C SER A 6 -8.80 -4.70 -13.40
N GLY A 7 -8.05 -4.28 -12.37
CA GLY A 7 -8.67 -3.97 -11.09
C GLY A 7 -7.98 -4.68 -9.94
N ARG A 8 -6.68 -4.85 -10.04
CA ARG A 8 -5.90 -5.52 -8.99
C ARG A 8 -6.05 -4.79 -7.67
N PRO A 9 -5.94 -5.56 -6.56
CA PRO A 9 -6.06 -5.00 -5.21
C PRO A 9 -4.87 -4.13 -4.84
N LYS A 10 -4.96 -3.49 -3.68
CA LYS A 10 -3.88 -2.61 -3.20
C LYS A 10 -2.65 -3.43 -2.84
N THR A 11 -1.53 -2.74 -2.62
CA THR A 11 -0.28 -3.39 -2.27
C THR A 11 0.23 -2.94 -0.91
N GLY A 12 1.04 -3.77 -0.27
CA GLY A 12 1.58 -3.43 1.03
C GLY A 12 1.96 -1.96 1.14
N PHE A 13 2.65 -1.46 0.13
CA PHE A 13 3.08 -0.07 0.10
C PHE A 13 1.88 0.87 0.19
N GLN A 14 0.81 0.51 -0.52
CA GLN A 14 -0.40 1.33 -0.52
C GLN A 14 -1.01 1.41 0.88
N MET A 15 -0.96 0.29 1.60
CA MET A 15 -1.50 0.25 2.96
C MET A 15 -0.59 0.98 3.93
N TRP A 16 0.68 0.61 3.96
CA TRP A 16 1.65 1.24 4.85
C TRP A 16 1.75 2.74 4.56
N LEU A 17 1.93 3.09 3.30
CA LEU A 17 2.04 4.49 2.90
C LEU A 17 0.90 5.32 3.49
N GLU A 18 -0.33 4.84 3.28
CA GLU A 18 -1.51 5.54 3.79
C GLU A 18 -1.61 5.39 5.30
N GLU A 19 -0.74 4.57 5.87
CA GLU A 19 -0.74 4.33 7.31
C GLU A 19 0.48 4.97 7.96
N ASN A 20 1.43 5.41 7.14
CA ASN A 20 2.64 6.04 7.64
C ASN A 20 2.76 7.47 7.15
N ARG A 21 1.97 7.81 6.12
CA ARG A 21 1.98 9.15 5.57
C ARG A 21 1.92 10.20 6.67
N SER A 22 0.97 10.04 7.59
CA SER A 22 0.79 10.97 8.70
C SER A 22 2.09 11.10 9.50
N ASN A 23 2.86 10.02 9.55
CA ASN A 23 4.13 10.02 10.27
C ASN A 23 5.22 10.72 9.48
N ILE A 24 5.10 10.67 8.16
CA ILE A 24 6.08 11.31 7.28
C ILE A 24 5.87 12.82 7.23
N LEU A 25 4.63 13.24 7.38
CA LEU A 25 4.29 14.67 7.35
C LEU A 25 4.54 15.31 8.71
N SER A 26 4.03 14.68 9.76
CA SER A 26 4.19 15.19 11.11
C SER A 26 5.64 15.57 11.39
N ASP A 27 6.56 14.87 10.71
CA ASP A 27 7.99 15.13 10.88
C ASP A 27 8.50 16.07 9.79
N ASN A 28 8.00 15.90 8.57
CA ASN A 28 8.39 16.72 7.44
C ASN A 28 7.18 17.38 6.79
N PRO A 29 6.82 18.57 7.28
CA PRO A 29 5.67 19.33 6.75
C PRO A 29 5.94 19.86 5.34
N ASP A 30 7.20 19.97 4.99
CA ASP A 30 7.59 20.48 3.68
C ASP A 30 6.84 19.73 2.57
N PHE A 31 6.56 18.46 2.81
CA PHE A 31 5.85 17.64 1.83
C PHE A 31 4.46 18.21 1.54
N SER A 32 4.28 18.73 0.34
CA SER A 32 3.01 19.31 -0.06
C SER A 32 2.39 18.53 -1.22
N ASP A 33 3.18 17.63 -1.81
CA ASP A 33 2.72 16.83 -2.92
C ASP A 33 3.01 15.35 -2.69
N GLU A 34 2.09 14.49 -3.13
CA GLU A 34 2.24 13.05 -2.96
C GLU A 34 3.61 12.58 -3.47
N ALA A 35 4.05 13.18 -4.58
CA ALA A 35 5.33 12.84 -5.18
C ALA A 35 6.43 12.76 -4.12
N ASP A 36 6.42 13.72 -3.20
CA ASP A 36 7.41 13.76 -2.13
C ASP A 36 7.08 12.76 -1.03
N ILE A 37 5.80 12.50 -0.85
CA ILE A 37 5.35 11.56 0.17
C ILE A 37 5.68 10.12 -0.22
N ILE A 38 5.69 9.86 -1.53
CA ILE A 38 6.00 8.53 -2.04
C ILE A 38 7.49 8.25 -1.98
N LYS A 39 8.27 9.08 -2.64
CA LYS A 39 9.73 8.93 -2.66
C LYS A 39 10.26 8.63 -1.26
N GLU A 40 9.55 9.13 -0.25
CA GLU A 40 9.95 8.90 1.14
C GLU A 40 9.38 7.60 1.67
N GLY A 41 8.12 7.34 1.34
CA GLY A 41 7.47 6.12 1.80
C GLY A 41 8.26 4.87 1.44
N MET A 42 8.93 4.92 0.29
CA MET A 42 9.72 3.79 -0.18
C MET A 42 11.00 3.64 0.64
N ILE A 43 11.50 4.77 1.14
CA ILE A 43 12.72 4.77 1.94
C ILE A 43 12.49 4.09 3.29
N ARG A 44 11.29 4.29 3.85
CA ARG A 44 10.95 3.72 5.14
C ARG A 44 10.31 2.33 4.96
N PHE A 45 9.71 2.11 3.80
CA PHE A 45 9.07 0.84 3.51
C PHE A 45 10.10 -0.20 3.06
N ARG A 46 11.25 0.27 2.58
CA ARG A 46 12.31 -0.62 2.13
C ARG A 46 13.14 -1.10 3.31
N VAL A 47 13.25 -0.27 4.34
CA VAL A 47 14.03 -0.61 5.52
C VAL A 47 13.20 -1.43 6.50
N LEU A 48 11.88 -1.36 6.37
CA LEU A 48 10.97 -2.09 7.24
C LEU A 48 11.49 -3.50 7.48
N SER A 49 11.03 -4.11 8.57
CA SER A 49 11.45 -5.47 8.92
C SER A 49 10.94 -6.48 7.89
N THR A 50 11.82 -7.36 7.44
CA THR A 50 11.46 -8.37 6.46
C THR A 50 10.04 -8.87 6.68
N GLU A 51 9.61 -8.87 7.94
CA GLU A 51 8.27 -9.33 8.29
C GLU A 51 7.23 -8.25 7.98
N GLU A 52 7.51 -7.03 8.44
CA GLU A 52 6.60 -5.91 8.23
C GLU A 52 6.24 -5.78 6.75
N ARG A 53 7.25 -5.85 5.89
CA ARG A 53 7.04 -5.73 4.45
C ARG A 53 6.01 -6.74 3.97
N LYS A 54 6.33 -8.02 4.14
CA LYS A 54 5.43 -9.09 3.73
C LYS A 54 4.05 -8.94 4.37
N VAL A 55 4.05 -8.57 5.65
CA VAL A 55 2.80 -8.39 6.38
C VAL A 55 1.91 -7.37 5.69
N TRP A 56 2.40 -6.14 5.58
CA TRP A 56 1.63 -5.07 4.93
C TRP A 56 1.14 -5.50 3.57
N ALA A 57 1.98 -6.22 2.83
CA ALA A 57 1.62 -6.70 1.50
C ALA A 57 0.46 -7.69 1.57
N ASN A 58 0.25 -8.27 2.75
CA ASN A 58 -0.82 -9.24 2.95
C ASN A 58 -2.11 -8.54 3.36
N LYS A 59 -1.97 -7.42 4.05
CA LYS A 59 -3.13 -6.65 4.51
C LYS A 59 -3.84 -6.00 3.33
N ALA A 60 -3.09 -5.26 2.52
CA ALA A 60 -3.66 -4.59 1.35
C ALA A 60 -4.49 -5.56 0.52
N LYS A 61 -4.07 -6.81 0.48
CA LYS A 61 -4.76 -7.83 -0.29
C LYS A 61 -6.27 -7.75 -0.07
N GLY A 62 -6.67 -7.74 1.21
CA GLY A 62 -8.09 -7.65 1.53
C GLY A 62 -8.89 -8.78 0.92
N GLU A 63 -8.35 -10.00 0.98
CA GLU A 63 -9.02 -11.16 0.41
C GLU A 63 -10.39 -11.36 1.06
N THR A 64 -11.39 -10.67 0.53
CA THR A 64 -12.75 -10.77 1.05
C THR A 64 -13.25 -12.21 1.02
N ALA A 65 -14.08 -12.57 2.00
CA ALA A 65 -14.63 -13.92 2.08
C ALA A 65 -15.78 -14.10 1.10
N SER A 66 -16.77 -13.23 1.18
CA SER A 66 -17.94 -13.31 0.31
C SER A 66 -18.58 -14.68 0.37
N GLU A 67 -18.74 -15.21 1.58
CA GLU A 67 -19.34 -16.52 1.78
C GLU A 67 -20.65 -16.63 1.00
N GLY A 68 -20.64 -17.47 -0.03
CA GLY A 68 -21.83 -17.66 -0.84
C GLY A 68 -22.39 -19.07 -0.73
N THR A 69 -23.68 -19.21 -0.97
CA THR A 69 -24.34 -20.52 -0.89
C THR A 69 -23.90 -21.41 -2.04
N GLU A 70 -22.89 -22.24 -1.79
CA GLU A 70 -22.37 -23.14 -2.80
C GLU A 70 -23.06 -24.50 -2.72
N ALA A 71 -23.17 -25.18 -3.86
CA ALA A 71 -23.81 -26.49 -3.90
C ALA A 71 -22.90 -27.52 -4.57
N LYS A 72 -22.30 -27.13 -5.69
CA LYS A 72 -21.40 -28.02 -6.42
C LYS A 72 -20.75 -27.28 -7.59
N LYS A 73 -19.42 -27.31 -7.63
CA LYS A 73 -18.67 -26.66 -8.69
C LYS A 73 -18.50 -27.59 -9.89
N ARG A 74 -18.91 -27.12 -11.07
CA ARG A 74 -18.80 -27.91 -12.28
C ARG A 74 -17.67 -27.39 -13.16
N LYS A 75 -17.03 -28.29 -13.90
CA LYS A 75 -15.93 -27.93 -14.79
C LYS A 75 -16.21 -28.39 -16.21
N SER A 76 -16.76 -27.49 -17.03
CA SER A 76 -17.08 -27.82 -18.41
C SER A 76 -15.85 -28.38 -19.13
N GLY A 77 -14.76 -27.61 -19.12
CA GLY A 77 -13.55 -28.05 -19.78
C GLY A 77 -12.96 -26.99 -20.69
N PRO A 78 -12.19 -26.06 -20.09
CA PRO A 78 -11.56 -24.97 -20.84
C PRO A 78 -10.44 -25.46 -21.75
N SER A 79 -10.10 -26.75 -21.62
CA SER A 79 -9.05 -27.33 -22.44
C SER A 79 -9.60 -27.88 -23.75
N SER A 80 -8.78 -27.83 -24.80
CA SER A 80 -9.19 -28.32 -26.11
C SER A 80 -8.40 -29.55 -26.51
N GLY A 81 -8.99 -30.38 -27.37
CA GLY A 81 -8.33 -31.58 -27.82
C GLY A 81 -9.30 -32.70 -28.13
N GLY A 1 -19.63 -4.06 -25.28
CA GLY A 1 -19.64 -4.49 -23.90
C GLY A 1 -18.49 -3.91 -23.09
N SER A 2 -18.63 -2.67 -22.66
CA SER A 2 -17.59 -2.00 -21.89
C SER A 2 -17.78 -2.24 -20.40
N SER A 3 -17.14 -3.27 -19.88
CA SER A 3 -17.24 -3.62 -18.47
C SER A 3 -15.86 -3.61 -17.81
N GLY A 4 -15.78 -2.94 -16.65
CA GLY A 4 -14.52 -2.86 -15.94
C GLY A 4 -13.94 -1.45 -15.93
N SER A 5 -12.65 -1.35 -16.20
CA SER A 5 -11.98 -0.05 -16.21
C SER A 5 -12.05 0.61 -14.83
N SER A 6 -11.86 -0.19 -13.78
CA SER A 6 -11.91 0.31 -12.42
C SER A 6 -10.51 0.75 -11.95
N GLY A 7 -9.55 -0.15 -12.09
CA GLY A 7 -8.18 0.15 -11.68
C GLY A 7 -7.39 -1.10 -11.35
N ARG A 8 -6.43 -0.96 -10.43
CA ARG A 8 -5.60 -2.07 -10.02
C ARG A 8 -5.78 -2.38 -8.54
N PRO A 9 -5.39 -3.59 -8.13
CA PRO A 9 -5.50 -4.04 -6.74
C PRO A 9 -4.52 -3.31 -5.82
N LYS A 10 -4.91 -3.17 -4.56
CA LYS A 10 -4.06 -2.49 -3.58
C LYS A 10 -2.82 -3.31 -3.28
N THR A 11 -1.81 -2.68 -2.68
CA THR A 11 -0.57 -3.35 -2.33
C THR A 11 -0.11 -2.97 -0.93
N GLY A 12 0.95 -3.62 -0.46
CA GLY A 12 1.47 -3.34 0.86
C GLY A 12 1.86 -1.89 1.03
N PHE A 13 2.54 -1.33 0.03
CA PHE A 13 2.98 0.06 0.08
C PHE A 13 1.78 0.99 0.18
N GLN A 14 0.67 0.61 -0.45
CA GLN A 14 -0.54 1.41 -0.43
C GLN A 14 -1.15 1.45 0.96
N MET A 15 -1.05 0.33 1.69
CA MET A 15 -1.59 0.23 3.03
C MET A 15 -0.69 0.95 4.03
N TRP A 16 0.61 0.72 3.91
CA TRP A 16 1.58 1.35 4.81
C TRP A 16 1.70 2.85 4.53
N LEU A 17 1.88 3.19 3.26
CA LEU A 17 2.01 4.58 2.86
C LEU A 17 0.84 5.41 3.38
N GLU A 18 -0.37 4.86 3.27
CA GLU A 18 -1.57 5.54 3.74
C GLU A 18 -1.69 5.47 5.27
N GLU A 19 -0.85 4.64 5.87
CA GLU A 19 -0.85 4.47 7.32
C GLU A 19 0.34 5.18 7.96
N ASN A 20 1.31 5.54 7.13
CA ASN A 20 2.51 6.23 7.61
C ASN A 20 2.57 7.66 7.09
N ARG A 21 1.92 7.90 5.95
CA ARG A 21 1.89 9.21 5.34
C ARG A 21 1.78 10.30 6.41
N SER A 22 0.85 10.11 7.35
CA SER A 22 0.64 11.08 8.42
C SER A 22 1.89 11.21 9.28
N ASN A 23 2.59 10.11 9.47
CA ASN A 23 3.80 10.09 10.29
C ASN A 23 4.96 10.73 9.53
N ILE A 24 4.97 10.57 8.22
CA ILE A 24 6.02 11.13 7.37
C ILE A 24 5.97 12.66 7.38
N LEU A 25 4.77 13.21 7.45
CA LEU A 25 4.58 14.65 7.47
C LEU A 25 4.91 15.22 8.84
N SER A 26 4.36 14.59 9.88
CA SER A 26 4.58 15.05 11.25
C SER A 26 6.06 15.35 11.49
N ASP A 27 6.93 14.59 10.82
CA ASP A 27 8.37 14.78 10.96
C ASP A 27 8.90 15.73 9.89
N ASN A 28 8.35 15.60 8.68
CA ASN A 28 8.77 16.45 7.57
C ASN A 28 7.57 17.13 6.92
N PRO A 29 7.22 18.33 7.43
CA PRO A 29 6.10 19.11 6.92
C PRO A 29 6.36 19.67 5.53
N ASP A 30 7.63 19.93 5.23
CA ASP A 30 8.02 20.47 3.93
C ASP A 30 7.25 19.79 2.80
N PHE A 31 6.92 18.52 3.00
CA PHE A 31 6.17 17.76 2.00
C PHE A 31 4.83 18.42 1.71
N SER A 32 4.67 18.88 0.47
CA SER A 32 3.44 19.53 0.05
C SER A 32 2.83 18.84 -1.16
N ASP A 33 3.57 17.89 -1.72
CA ASP A 33 3.12 17.14 -2.88
C ASP A 33 3.22 15.63 -2.65
N GLU A 34 2.25 14.89 -3.15
CA GLU A 34 2.24 13.44 -2.99
C GLU A 34 3.53 12.82 -3.52
N ALA A 35 4.07 13.42 -4.57
CA ALA A 35 5.32 12.93 -5.17
C ALA A 35 6.42 12.84 -4.13
N ASP A 36 6.45 13.79 -3.20
CA ASP A 36 7.46 13.81 -2.16
C ASP A 36 7.11 12.82 -1.05
N ILE A 37 5.82 12.59 -0.87
CA ILE A 37 5.35 11.67 0.17
C ILE A 37 5.59 10.22 -0.24
N ILE A 38 5.52 9.96 -1.54
CA ILE A 38 5.73 8.62 -2.06
C ILE A 38 7.22 8.26 -2.08
N LYS A 39 8.01 9.06 -2.77
CA LYS A 39 9.45 8.83 -2.88
C LYS A 39 10.03 8.51 -1.51
N GLU A 40 9.47 9.12 -0.47
CA GLU A 40 9.95 8.89 0.90
C GLU A 40 9.36 7.59 1.46
N GLY A 41 8.06 7.42 1.29
CA GLY A 41 7.40 6.23 1.78
C GLY A 41 8.14 4.96 1.43
N MET A 42 8.66 4.89 0.21
CA MET A 42 9.40 3.73 -0.26
C MET A 42 10.69 3.55 0.55
N ILE A 43 11.22 4.65 1.06
CA ILE A 43 12.45 4.61 1.84
C ILE A 43 12.21 3.99 3.21
N ARG A 44 11.10 4.38 3.84
CA ARG A 44 10.76 3.86 5.16
C ARG A 44 10.06 2.51 5.04
N PHE A 45 9.51 2.23 3.87
CA PHE A 45 8.82 0.97 3.63
C PHE A 45 9.80 -0.13 3.22
N ARG A 46 10.92 0.27 2.63
CA ARG A 46 11.94 -0.67 2.19
C ARG A 46 12.81 -1.10 3.37
N VAL A 47 12.96 -0.21 4.34
CA VAL A 47 13.77 -0.49 5.52
C VAL A 47 12.99 -1.31 6.54
N LEU A 48 11.67 -1.27 6.44
CA LEU A 48 10.80 -2.00 7.36
C LEU A 48 11.35 -3.41 7.61
N SER A 49 10.97 -4.00 8.74
CA SER A 49 11.42 -5.34 9.10
C SER A 49 10.94 -6.36 8.08
N THR A 50 11.83 -7.26 7.69
CA THR A 50 11.50 -8.29 6.71
C THR A 50 10.08 -8.81 6.92
N GLU A 51 9.63 -8.82 8.17
CA GLU A 51 8.30 -9.28 8.51
C GLU A 51 7.25 -8.21 8.21
N GLU A 52 7.55 -6.98 8.61
CA GLU A 52 6.64 -5.86 8.38
C GLU A 52 6.31 -5.72 6.90
N ARG A 53 7.35 -5.75 6.06
CA ARG A 53 7.16 -5.62 4.62
C ARG A 53 6.18 -6.67 4.10
N LYS A 54 6.59 -7.94 4.18
CA LYS A 54 5.74 -9.04 3.72
C LYS A 54 4.35 -8.95 4.32
N VAL A 55 4.29 -8.53 5.58
CA VAL A 55 3.01 -8.40 6.29
C VAL A 55 2.11 -7.37 5.61
N TRP A 56 2.59 -6.13 5.53
CA TRP A 56 1.83 -5.06 4.91
C TRP A 56 1.35 -5.46 3.52
N ALA A 57 2.20 -6.19 2.80
CA ALA A 57 1.86 -6.64 1.45
C ALA A 57 0.75 -7.68 1.49
N ASN A 58 0.59 -8.33 2.63
CA ASN A 58 -0.43 -9.35 2.80
C ASN A 58 -1.75 -8.73 3.25
N LYS A 59 -1.67 -7.54 3.82
CA LYS A 59 -2.86 -6.83 4.29
C LYS A 59 -3.62 -6.20 3.12
N ALA A 60 -2.91 -5.42 2.31
CA ALA A 60 -3.52 -4.77 1.16
C ALA A 60 -4.20 -5.78 0.25
N LYS A 61 -3.63 -6.98 0.18
CA LYS A 61 -4.18 -8.04 -0.66
C LYS A 61 -5.69 -8.14 -0.49
N GLY A 62 -6.14 -8.25 0.76
CA GLY A 62 -7.55 -8.35 1.04
C GLY A 62 -7.88 -9.50 1.99
N GLU A 63 -7.21 -10.62 1.80
CA GLU A 63 -7.43 -11.79 2.65
C GLU A 63 -6.51 -11.76 3.87
N THR A 64 -7.10 -11.85 5.05
CA THR A 64 -6.34 -11.83 6.30
C THR A 64 -6.99 -12.71 7.35
N ALA A 65 -6.18 -13.30 8.21
CA ALA A 65 -6.69 -14.15 9.29
C ALA A 65 -5.81 -14.05 10.53
N SER A 66 -6.39 -14.39 11.68
CA SER A 66 -5.67 -14.33 12.95
C SER A 66 -5.98 -15.55 13.80
N GLU A 67 -4.98 -16.01 14.56
CA GLU A 67 -5.14 -17.18 15.42
C GLU A 67 -5.46 -16.74 16.85
N GLY A 68 -6.63 -17.14 17.34
CA GLY A 68 -7.02 -16.78 18.69
C GLY A 68 -6.48 -17.75 19.73
N THR A 69 -5.16 -17.92 19.74
CA THR A 69 -4.51 -18.83 20.68
C THR A 69 -4.45 -18.21 22.07
N GLU A 70 -4.05 -19.01 23.05
CA GLU A 70 -3.94 -18.54 24.42
C GLU A 70 -2.76 -19.19 25.13
N ALA A 71 -2.36 -18.60 26.26
CA ALA A 71 -1.24 -19.12 27.03
C ALA A 71 -1.24 -18.56 28.45
N LYS A 72 -0.48 -19.21 29.33
CA LYS A 72 -0.40 -18.78 30.72
C LYS A 72 0.73 -17.78 30.92
N LYS A 73 0.52 -16.82 31.81
CA LYS A 73 1.53 -15.80 32.09
C LYS A 73 2.06 -15.95 33.51
N ARG A 74 1.37 -16.74 34.33
CA ARG A 74 1.79 -16.97 35.70
C ARG A 74 1.23 -18.29 36.23
N LYS A 75 1.79 -18.76 37.34
CA LYS A 75 1.36 -20.01 37.94
C LYS A 75 0.96 -19.80 39.40
N SER A 76 -0.12 -20.47 39.82
CA SER A 76 -0.61 -20.35 41.18
C SER A 76 -0.79 -21.73 41.80
N GLY A 77 -1.04 -21.75 43.11
CA GLY A 77 -1.24 -23.01 43.81
C GLY A 77 -0.58 -23.02 45.18
N PRO A 78 -1.29 -22.47 46.18
CA PRO A 78 -0.79 -22.41 47.56
C PRO A 78 -0.74 -23.78 48.22
N SER A 79 -0.09 -23.85 49.38
CA SER A 79 0.04 -25.10 50.11
C SER A 79 -0.66 -25.01 51.47
N SER A 80 -0.17 -24.12 52.32
CA SER A 80 -0.75 -23.95 53.64
C SER A 80 -1.95 -23.01 53.60
N GLY A 81 -1.73 -21.79 53.10
CA GLY A 81 -2.81 -20.82 53.01
C GLY A 81 -3.90 -21.27 52.07
N GLY A 1 -11.53 1.85 -26.20
CA GLY A 1 -11.70 0.93 -27.32
C GLY A 1 -11.97 -0.49 -26.88
N SER A 2 -11.20 -1.43 -27.40
CA SER A 2 -11.37 -2.84 -27.06
C SER A 2 -11.52 -3.02 -25.55
N SER A 3 -11.99 -4.20 -25.15
CA SER A 3 -12.19 -4.49 -23.73
C SER A 3 -11.09 -5.41 -23.21
N GLY A 4 -10.88 -5.38 -21.89
CA GLY A 4 -9.86 -6.21 -21.29
C GLY A 4 -9.93 -6.21 -19.78
N SER A 5 -10.53 -7.26 -19.22
CA SER A 5 -10.67 -7.37 -17.77
C SER A 5 -9.36 -7.84 -17.13
N SER A 6 -8.72 -6.93 -16.40
CA SER A 6 -7.45 -7.24 -15.75
C SER A 6 -7.11 -6.18 -14.71
N GLY A 7 -6.22 -6.54 -13.79
CA GLY A 7 -5.81 -5.60 -12.75
C GLY A 7 -5.37 -6.31 -11.48
N ARG A 8 -5.03 -5.52 -10.46
CA ARG A 8 -4.58 -6.07 -9.18
C ARG A 8 -5.03 -5.20 -8.03
N PRO A 9 -5.29 -5.82 -6.87
CA PRO A 9 -5.74 -5.13 -5.67
C PRO A 9 -4.63 -4.27 -5.05
N LYS A 10 -4.94 -3.59 -3.96
CA LYS A 10 -3.98 -2.73 -3.28
C LYS A 10 -2.71 -3.52 -2.93
N THR A 11 -1.66 -2.81 -2.53
CA THR A 11 -0.40 -3.44 -2.17
C THR A 11 0.07 -2.96 -0.79
N GLY A 12 1.04 -3.69 -0.23
CA GLY A 12 1.57 -3.32 1.07
C GLY A 12 1.92 -1.85 1.16
N PHE A 13 2.61 -1.34 0.13
CA PHE A 13 3.00 0.06 0.11
C PHE A 13 1.79 0.98 0.19
N GLN A 14 0.70 0.57 -0.44
CA GLN A 14 -0.53 1.35 -0.44
C GLN A 14 -1.16 1.39 0.95
N MET A 15 -0.97 0.31 1.70
CA MET A 15 -1.52 0.22 3.05
C MET A 15 -0.62 0.96 4.04
N TRP A 16 0.69 0.74 3.94
CA TRP A 16 1.65 1.38 4.83
C TRP A 16 1.76 2.87 4.52
N LEU A 17 1.93 3.19 3.25
CA LEU A 17 2.05 4.59 2.82
C LEU A 17 0.88 5.42 3.34
N GLU A 18 -0.32 4.86 3.25
CA GLU A 18 -1.53 5.55 3.70
C GLU A 18 -1.65 5.47 5.22
N GLU A 19 -0.84 4.62 5.83
CA GLU A 19 -0.85 4.45 7.28
C GLU A 19 0.35 5.14 7.93
N ASN A 20 1.31 5.53 7.10
CA ASN A 20 2.52 6.20 7.59
C ASN A 20 2.59 7.63 7.08
N ARG A 21 1.93 7.89 5.95
CA ARG A 21 1.92 9.22 5.36
C ARG A 21 1.77 10.29 6.43
N SER A 22 0.82 10.07 7.34
CA SER A 22 0.57 11.03 8.42
C SER A 22 1.80 11.18 9.31
N ASN A 23 2.52 10.07 9.49
CA ASN A 23 3.72 10.08 10.33
C ASN A 23 4.89 10.75 9.60
N ILE A 24 4.94 10.58 8.28
CA ILE A 24 5.99 11.17 7.47
C ILE A 24 5.91 12.69 7.48
N LEU A 25 4.69 13.21 7.50
CA LEU A 25 4.47 14.65 7.52
C LEU A 25 4.79 15.24 8.89
N SER A 26 4.27 14.60 9.93
CA SER A 26 4.50 15.05 11.30
C SER A 26 5.97 15.42 11.50
N ASP A 27 6.86 14.69 10.84
CA ASP A 27 8.29 14.93 10.95
C ASP A 27 8.77 15.89 9.86
N ASN A 28 8.24 15.70 8.65
CA ASN A 28 8.62 16.55 7.53
C ASN A 28 7.38 17.19 6.90
N PRO A 29 7.01 18.38 7.40
CA PRO A 29 5.85 19.12 6.91
C PRO A 29 6.08 19.67 5.50
N ASP A 30 7.33 19.94 5.16
CA ASP A 30 7.67 20.47 3.85
C ASP A 30 6.93 19.73 2.75
N PHE A 31 6.62 18.46 2.99
CA PHE A 31 5.91 17.64 2.03
C PHE A 31 4.51 18.20 1.77
N SER A 32 4.29 18.67 0.53
CA SER A 32 3.00 19.24 0.16
C SER A 32 2.39 18.48 -1.02
N ASP A 33 3.20 17.63 -1.64
CA ASP A 33 2.75 16.85 -2.78
C ASP A 33 3.01 15.36 -2.56
N GLU A 34 2.10 14.52 -3.03
CA GLU A 34 2.24 13.07 -2.88
C GLU A 34 3.58 12.59 -3.44
N ALA A 35 3.99 13.19 -4.55
CA ALA A 35 5.26 12.83 -5.18
C ALA A 35 6.39 12.79 -4.17
N ASP A 36 6.38 13.76 -3.25
CA ASP A 36 7.42 13.84 -2.22
C ASP A 36 7.15 12.83 -1.11
N ILE A 37 5.88 12.49 -0.92
CA ILE A 37 5.49 11.54 0.12
C ILE A 37 5.81 10.11 -0.29
N ILE A 38 5.73 9.84 -1.60
CA ILE A 38 6.01 8.52 -2.13
C ILE A 38 7.49 8.20 -2.06
N LYS A 39 8.30 9.09 -2.64
CA LYS A 39 9.75 8.92 -2.66
C LYS A 39 10.26 8.55 -1.26
N GLU A 40 9.68 9.16 -0.24
CA GLU A 40 10.10 8.90 1.13
C GLU A 40 9.46 7.61 1.65
N GLY A 41 8.19 7.41 1.32
CA GLY A 41 7.48 6.22 1.76
C GLY A 41 8.20 4.94 1.36
N MET A 42 8.84 4.97 0.20
CA MET A 42 9.57 3.80 -0.30
C MET A 42 10.83 3.57 0.53
N ILE A 43 11.42 4.64 1.04
CA ILE A 43 12.63 4.54 1.86
C ILE A 43 12.33 3.87 3.19
N ARG A 44 11.22 4.26 3.82
CA ARG A 44 10.82 3.69 5.09
C ARG A 44 10.12 2.34 4.91
N PHE A 45 9.52 2.16 3.73
CA PHE A 45 8.82 0.91 3.43
C PHE A 45 9.80 -0.19 3.04
N ARG A 46 10.93 0.21 2.47
CA ARG A 46 11.95 -0.74 2.05
C ARG A 46 12.85 -1.14 3.22
N VAL A 47 12.98 -0.23 4.19
CA VAL A 47 13.80 -0.49 5.37
C VAL A 47 13.03 -1.28 6.42
N LEU A 48 11.71 -1.32 6.27
CA LEU A 48 10.86 -2.04 7.20
C LEU A 48 11.41 -3.44 7.48
N SER A 49 11.02 -4.01 8.61
CA SER A 49 11.48 -5.35 8.99
C SER A 49 11.01 -6.39 7.98
N THR A 50 11.92 -7.26 7.57
CA THR A 50 11.59 -8.31 6.61
C THR A 50 10.19 -8.85 6.83
N GLU A 51 9.74 -8.81 8.08
CA GLU A 51 8.41 -9.30 8.43
C GLU A 51 7.34 -8.25 8.11
N GLU A 52 7.57 -7.02 8.59
CA GLU A 52 6.64 -5.93 8.36
C GLU A 52 6.29 -5.82 6.88
N ARG A 53 7.31 -5.77 6.04
CA ARG A 53 7.11 -5.67 4.60
C ARG A 53 6.10 -6.69 4.10
N LYS A 54 6.46 -7.97 4.19
CA LYS A 54 5.57 -9.04 3.77
C LYS A 54 4.20 -8.91 4.41
N VAL A 55 4.18 -8.49 5.66
CA VAL A 55 2.92 -8.31 6.38
C VAL A 55 2.02 -7.29 5.70
N TRP A 56 2.50 -6.06 5.60
CA TRP A 56 1.75 -4.98 4.96
C TRP A 56 1.26 -5.41 3.59
N ALA A 57 2.12 -6.09 2.85
CA ALA A 57 1.77 -6.56 1.51
C ALA A 57 0.65 -7.60 1.56
N ASN A 58 0.48 -8.22 2.73
CA ASN A 58 -0.55 -9.23 2.91
C ASN A 58 -1.87 -8.60 3.34
N LYS A 59 -1.77 -7.43 3.96
CA LYS A 59 -2.96 -6.71 4.42
C LYS A 59 -3.73 -6.12 3.25
N ALA A 60 -3.03 -5.34 2.41
CA ALA A 60 -3.65 -4.72 1.26
C ALA A 60 -4.27 -5.77 0.34
N LYS A 61 -3.68 -6.95 0.31
CA LYS A 61 -4.18 -8.03 -0.52
C LYS A 61 -5.64 -8.35 -0.19
N GLY A 62 -5.87 -8.79 1.04
CA GLY A 62 -7.23 -9.12 1.47
C GLY A 62 -8.04 -9.77 0.37
N GLU A 63 -7.55 -10.89 -0.15
CA GLU A 63 -8.24 -11.61 -1.22
C GLU A 63 -9.75 -11.57 -1.00
N THR A 64 -10.43 -10.72 -1.75
CA THR A 64 -11.88 -10.58 -1.65
C THR A 64 -12.53 -10.47 -3.03
N ALA A 65 -13.82 -10.73 -3.10
CA ALA A 65 -14.56 -10.65 -4.35
C ALA A 65 -14.82 -9.20 -4.74
N SER A 66 -14.11 -8.74 -5.77
CA SER A 66 -14.26 -7.36 -6.24
C SER A 66 -13.55 -7.17 -7.57
N GLU A 67 -13.72 -5.98 -8.15
CA GLU A 67 -13.09 -5.67 -9.43
C GLU A 67 -11.78 -4.90 -9.22
N GLY A 68 -11.86 -3.79 -8.51
CA GLY A 68 -10.67 -2.99 -8.25
C GLY A 68 -10.37 -2.02 -9.37
N THR A 69 -9.09 -1.72 -9.55
CA THR A 69 -8.66 -0.79 -10.60
C THR A 69 -8.97 -1.36 -11.98
N GLU A 70 -9.29 -0.47 -12.93
CA GLU A 70 -9.60 -0.87 -14.28
C GLU A 70 -8.72 -0.15 -15.29
N ALA A 71 -8.39 -0.83 -16.38
CA ALA A 71 -7.55 -0.26 -17.42
C ALA A 71 -6.17 0.10 -16.88
N LYS A 72 -5.58 -0.82 -16.12
CA LYS A 72 -4.27 -0.60 -15.53
C LYS A 72 -3.54 -1.92 -15.31
N LYS A 73 -2.25 -1.94 -15.61
CA LYS A 73 -1.43 -3.13 -15.44
C LYS A 73 -0.13 -2.82 -14.71
N ARG A 74 0.45 -3.83 -14.08
CA ARG A 74 1.70 -3.66 -13.35
C ARG A 74 2.82 -4.49 -13.97
N LYS A 75 2.57 -5.79 -14.12
CA LYS A 75 3.55 -6.70 -14.70
C LYS A 75 2.86 -7.81 -15.49
N SER A 76 3.47 -8.21 -16.60
CA SER A 76 2.92 -9.26 -17.45
C SER A 76 2.86 -10.58 -16.70
N GLY A 77 3.96 -10.92 -16.02
CA GLY A 77 4.02 -12.16 -15.28
C GLY A 77 4.87 -13.21 -15.96
N PRO A 78 5.54 -14.05 -15.16
CA PRO A 78 6.40 -15.11 -15.68
C PRO A 78 5.61 -16.24 -16.32
N SER A 79 5.89 -16.49 -17.60
CA SER A 79 5.20 -17.53 -18.34
C SER A 79 5.11 -18.82 -17.51
N SER A 80 6.25 -19.28 -17.02
CA SER A 80 6.30 -20.50 -16.22
C SER A 80 6.37 -20.16 -14.73
N GLY A 81 6.28 -21.19 -13.89
CA GLY A 81 6.33 -20.98 -12.45
C GLY A 81 5.50 -21.99 -11.70
N GLY A 1 -21.12 3.51 -20.55
CA GLY A 1 -21.36 2.15 -20.10
C GLY A 1 -20.23 1.62 -19.26
N SER A 2 -20.29 1.87 -17.95
CA SER A 2 -19.26 1.41 -17.02
C SER A 2 -19.02 -0.10 -17.18
N SER A 3 -17.91 -0.46 -17.81
CA SER A 3 -17.58 -1.86 -18.02
C SER A 3 -16.57 -2.34 -16.98
N GLY A 4 -16.70 -3.60 -16.59
CA GLY A 4 -15.80 -4.16 -15.60
C GLY A 4 -15.70 -3.31 -14.35
N SER A 5 -14.48 -2.98 -13.96
CA SER A 5 -14.25 -2.16 -12.78
C SER A 5 -13.63 -0.81 -13.15
N SER A 6 -13.72 0.14 -12.24
CA SER A 6 -13.17 1.48 -12.47
C SER A 6 -12.19 1.86 -11.38
N GLY A 7 -11.35 0.90 -10.97
CA GLY A 7 -10.38 1.16 -9.93
C GLY A 7 -9.18 0.23 -10.03
N ARG A 8 -8.41 0.14 -8.93
CA ARG A 8 -7.23 -0.71 -8.90
C ARG A 8 -7.01 -1.27 -7.49
N PRO A 9 -6.45 -2.49 -7.42
CA PRO A 9 -6.17 -3.16 -6.15
C PRO A 9 -5.04 -2.49 -5.38
N LYS A 10 -5.17 -2.44 -4.06
CA LYS A 10 -4.18 -1.82 -3.20
C LYS A 10 -3.07 -2.82 -2.86
N THR A 11 -1.86 -2.32 -2.65
CA THR A 11 -0.71 -3.15 -2.32
C THR A 11 -0.15 -2.80 -0.95
N GLY A 12 0.82 -3.59 -0.49
CA GLY A 12 1.43 -3.34 0.80
C GLY A 12 1.82 -1.89 0.98
N PHE A 13 2.49 -1.33 -0.02
CA PHE A 13 2.92 0.06 0.04
C PHE A 13 1.72 1.01 0.16
N GLN A 14 0.64 0.66 -0.53
CA GLN A 14 -0.57 1.48 -0.51
C GLN A 14 -1.18 1.50 0.88
N MET A 15 -1.02 0.39 1.62
CA MET A 15 -1.55 0.29 2.97
C MET A 15 -0.66 1.01 3.97
N TRP A 16 0.63 0.70 3.93
CA TRP A 16 1.59 1.32 4.83
C TRP A 16 1.72 2.81 4.54
N LEU A 17 1.93 3.15 3.28
CA LEU A 17 2.07 4.55 2.87
C LEU A 17 0.92 5.39 3.41
N GLU A 18 -0.29 4.83 3.36
CA GLU A 18 -1.47 5.54 3.85
C GLU A 18 -1.56 5.47 5.37
N GLU A 19 -0.77 4.58 5.97
CA GLU A 19 -0.76 4.43 7.41
C GLU A 19 0.45 5.11 8.03
N ASN A 20 1.38 5.55 7.18
CA ASN A 20 2.59 6.22 7.63
C ASN A 20 2.63 7.66 7.13
N ARG A 21 1.99 7.90 6.00
CA ARG A 21 1.96 9.23 5.40
C ARG A 21 1.81 10.30 6.48
N SER A 22 0.88 10.07 7.41
CA SER A 22 0.64 11.02 8.49
C SER A 22 1.88 11.18 9.36
N ASN A 23 2.61 10.07 9.56
CA ASN A 23 3.81 10.09 10.37
C ASN A 23 4.97 10.75 9.62
N ILE A 24 4.94 10.64 8.30
CA ILE A 24 5.98 11.21 7.46
C ILE A 24 5.91 12.74 7.46
N LEU A 25 4.69 13.26 7.52
CA LEU A 25 4.48 14.70 7.52
C LEU A 25 4.82 15.30 8.89
N SER A 26 4.31 14.67 9.95
CA SER A 26 4.55 15.13 11.31
C SER A 26 6.02 15.48 11.51
N ASP A 27 6.89 14.73 10.83
CA ASP A 27 8.34 14.97 10.93
C ASP A 27 8.81 15.91 9.83
N ASN A 28 8.26 15.73 8.63
CA ASN A 28 8.63 16.57 7.49
C ASN A 28 7.40 17.19 6.84
N PRO A 29 7.01 18.38 7.34
CA PRO A 29 5.84 19.10 6.82
C PRO A 29 6.07 19.65 5.41
N ASP A 30 7.32 19.97 5.10
CA ASP A 30 7.67 20.50 3.79
C ASP A 30 6.91 19.76 2.69
N PHE A 31 6.61 18.48 2.94
CA PHE A 31 5.90 17.67 1.97
C PHE A 31 4.50 18.24 1.70
N SER A 32 4.28 18.69 0.46
CA SER A 32 3.00 19.26 0.09
C SER A 32 2.39 18.50 -1.09
N ASP A 33 3.18 17.61 -1.68
CA ASP A 33 2.72 16.81 -2.81
C ASP A 33 2.99 15.34 -2.58
N GLU A 34 2.08 14.49 -3.07
CA GLU A 34 2.23 13.05 -2.92
C GLU A 34 3.56 12.57 -3.49
N ALA A 35 4.01 13.20 -4.56
CA ALA A 35 5.26 12.84 -5.20
C ALA A 35 6.40 12.78 -4.18
N ASP A 36 6.41 13.74 -3.26
CA ASP A 36 7.44 13.80 -2.23
C ASP A 36 7.15 12.80 -1.12
N ILE A 37 5.88 12.49 -0.92
CA ILE A 37 5.47 11.54 0.11
C ILE A 37 5.77 10.11 -0.30
N ILE A 38 5.70 9.86 -1.60
CA ILE A 38 5.97 8.52 -2.14
C ILE A 38 7.46 8.20 -2.08
N LYS A 39 8.28 9.08 -2.64
CA LYS A 39 9.72 8.90 -2.65
C LYS A 39 10.23 8.53 -1.25
N GLU A 40 9.65 9.15 -0.23
CA GLU A 40 10.05 8.90 1.14
C GLU A 40 9.43 7.61 1.66
N GLY A 41 8.13 7.45 1.42
CA GLY A 41 7.43 6.26 1.87
C GLY A 41 8.15 4.98 1.47
N MET A 42 8.84 5.03 0.34
CA MET A 42 9.57 3.86 -0.15
C MET A 42 10.85 3.65 0.66
N ILE A 43 11.45 4.74 1.11
CA ILE A 43 12.68 4.67 1.89
C ILE A 43 12.43 4.02 3.25
N ARG A 44 11.27 4.31 3.82
CA ARG A 44 10.91 3.75 5.12
C ARG A 44 10.23 2.38 4.96
N PHE A 45 9.56 2.19 3.82
CA PHE A 45 8.88 0.94 3.54
C PHE A 45 9.86 -0.13 3.10
N ARG A 46 10.99 0.28 2.55
CA ARG A 46 12.01 -0.64 2.08
C ARG A 46 12.91 -1.08 3.24
N VAL A 47 13.03 -0.22 4.24
CA VAL A 47 13.86 -0.53 5.41
C VAL A 47 13.07 -1.30 6.45
N LEU A 48 11.74 -1.26 6.34
CA LEU A 48 10.88 -1.96 7.29
C LEU A 48 11.40 -3.36 7.56
N SER A 49 10.94 -3.95 8.67
CA SER A 49 11.36 -5.30 9.05
C SER A 49 10.89 -6.33 8.03
N THR A 50 11.80 -7.22 7.64
CA THR A 50 11.48 -8.26 6.67
C THR A 50 10.06 -8.77 6.87
N GLU A 51 9.58 -8.74 8.11
CA GLU A 51 8.24 -9.20 8.43
C GLU A 51 7.20 -8.13 8.08
N GLU A 52 7.45 -6.90 8.53
CA GLU A 52 6.53 -5.80 8.27
C GLU A 52 6.23 -5.67 6.78
N ARG A 53 7.27 -5.80 5.96
CA ARG A 53 7.13 -5.71 4.51
C ARG A 53 6.12 -6.73 4.00
N LYS A 54 6.44 -8.01 4.18
CA LYS A 54 5.57 -9.09 3.74
C LYS A 54 4.18 -8.96 4.37
N VAL A 55 4.15 -8.53 5.62
CA VAL A 55 2.88 -8.36 6.34
C VAL A 55 1.99 -7.34 5.65
N TRP A 56 2.47 -6.11 5.55
CA TRP A 56 1.72 -5.05 4.90
C TRP A 56 1.25 -5.47 3.52
N ALA A 57 2.10 -6.21 2.81
CA ALA A 57 1.77 -6.68 1.47
C ALA A 57 0.68 -7.75 1.52
N ASN A 58 0.49 -8.36 2.69
CA ASN A 58 -0.52 -9.39 2.87
C ASN A 58 -1.84 -8.79 3.32
N LYS A 59 -1.78 -7.60 3.91
CA LYS A 59 -2.97 -6.92 4.40
C LYS A 59 -3.77 -6.35 3.23
N ALA A 60 -3.13 -5.54 2.40
CA ALA A 60 -3.78 -4.95 1.25
C ALA A 60 -4.45 -6.00 0.38
N LYS A 61 -3.93 -7.23 0.43
CA LYS A 61 -4.47 -8.32 -0.35
C LYS A 61 -6.00 -8.30 -0.34
N GLY A 62 -6.59 -8.69 0.79
CA GLY A 62 -8.04 -8.70 0.90
C GLY A 62 -8.53 -7.92 2.10
N GLU A 63 -7.89 -6.79 2.37
CA GLU A 63 -8.27 -5.95 3.51
C GLU A 63 -9.33 -4.93 3.10
N THR A 64 -10.57 -5.17 3.50
CA THR A 64 -11.67 -4.27 3.18
C THR A 64 -11.25 -2.82 3.33
N ALA A 65 -11.91 -1.94 2.59
CA ALA A 65 -11.61 -0.51 2.64
C ALA A 65 -12.80 0.32 2.17
N SER A 66 -12.72 1.63 2.39
CA SER A 66 -13.80 2.54 2.00
C SER A 66 -13.35 3.44 0.85
N GLU A 67 -13.94 3.25 -0.32
CA GLU A 67 -13.60 4.05 -1.49
C GLU A 67 -14.76 4.06 -2.49
N GLY A 68 -14.84 5.14 -3.27
CA GLY A 68 -15.90 5.26 -4.25
C GLY A 68 -15.37 5.24 -5.67
N THR A 69 -15.60 6.33 -6.40
CA THR A 69 -15.14 6.43 -7.78
C THR A 69 -14.22 7.63 -7.97
N GLU A 70 -13.49 7.64 -9.08
CA GLU A 70 -12.57 8.73 -9.38
C GLU A 70 -12.03 8.62 -10.81
N ALA A 71 -11.72 9.76 -11.41
CA ALA A 71 -11.19 9.79 -12.77
C ALA A 71 -9.68 9.66 -12.77
N LYS A 72 -9.19 8.42 -12.82
CA LYS A 72 -7.76 8.15 -12.83
C LYS A 72 -7.26 7.94 -14.26
N LYS A 73 -6.32 8.78 -14.68
CA LYS A 73 -5.75 8.69 -16.02
C LYS A 73 -4.85 7.46 -16.14
N ARG A 74 -4.70 6.97 -17.36
CA ARG A 74 -3.86 5.80 -17.62
C ARG A 74 -3.62 5.61 -19.11
N LYS A 75 -2.35 5.56 -19.50
CA LYS A 75 -1.99 5.39 -20.91
C LYS A 75 -1.54 3.95 -21.17
N SER A 76 -2.44 3.15 -21.74
CA SER A 76 -2.14 1.76 -22.04
C SER A 76 -2.35 1.48 -23.52
N GLY A 77 -1.31 0.96 -24.18
CA GLY A 77 -1.40 0.65 -25.60
C GLY A 77 -0.54 -0.54 -25.98
N PRO A 78 -1.08 -1.75 -25.77
CA PRO A 78 -0.36 -3.00 -26.11
C PRO A 78 -0.22 -3.20 -27.61
N SER A 79 0.19 -4.41 -28.00
CA SER A 79 0.37 -4.73 -29.41
C SER A 79 0.97 -3.55 -30.16
N SER A 80 2.01 -2.95 -29.58
CA SER A 80 2.67 -1.81 -30.19
C SER A 80 3.53 -2.25 -31.38
N GLY A 81 4.45 -3.17 -31.12
CA GLY A 81 5.32 -3.66 -32.18
C GLY A 81 4.90 -5.03 -32.69
N GLY A 1 -11.64 19.10 -13.99
CA GLY A 1 -12.57 18.04 -14.28
C GLY A 1 -12.39 16.84 -13.37
N SER A 2 -12.39 15.65 -13.94
CA SER A 2 -12.23 14.42 -13.17
C SER A 2 -11.20 13.50 -13.81
N SER A 3 -10.40 12.85 -12.97
CA SER A 3 -9.37 11.94 -13.46
C SER A 3 -9.75 10.49 -13.19
N GLY A 4 -9.15 9.57 -13.94
CA GLY A 4 -9.44 8.17 -13.77
C GLY A 4 -8.24 7.29 -14.06
N SER A 5 -7.82 6.51 -13.06
CA SER A 5 -6.67 5.62 -13.21
C SER A 5 -7.09 4.17 -13.02
N SER A 6 -6.25 3.25 -13.49
CA SER A 6 -6.52 1.82 -13.36
C SER A 6 -5.24 1.04 -13.05
N GLY A 7 -5.41 -0.20 -12.61
CA GLY A 7 -4.26 -1.03 -12.29
C GLY A 7 -4.47 -1.82 -11.00
N ARG A 8 -3.54 -2.73 -10.72
CA ARG A 8 -3.63 -3.55 -9.52
C ARG A 8 -4.19 -2.76 -8.35
N PRO A 9 -4.98 -3.42 -7.50
CA PRO A 9 -5.60 -2.80 -6.33
C PRO A 9 -4.57 -2.46 -5.25
N LYS A 10 -5.02 -1.77 -4.21
CA LYS A 10 -4.14 -1.38 -3.11
C LYS A 10 -3.11 -2.47 -2.83
N THR A 11 -1.87 -2.04 -2.65
CA THR A 11 -0.77 -2.98 -2.38
C THR A 11 -0.14 -2.71 -1.02
N GLY A 12 0.91 -3.47 -0.70
CA GLY A 12 1.58 -3.28 0.57
C GLY A 12 2.04 -1.86 0.79
N PHE A 13 2.62 -1.25 -0.24
CA PHE A 13 3.10 0.13 -0.14
C PHE A 13 1.93 1.09 0.05
N GLN A 14 0.83 0.82 -0.64
CA GLN A 14 -0.35 1.67 -0.55
C GLN A 14 -0.95 1.62 0.86
N MET A 15 -0.96 0.43 1.45
CA MET A 15 -1.51 0.25 2.79
C MET A 15 -0.63 0.96 3.83
N TRP A 16 0.66 0.63 3.82
CA TRP A 16 1.60 1.24 4.76
C TRP A 16 1.72 2.74 4.52
N LEU A 17 1.93 3.13 3.28
CA LEU A 17 2.06 4.53 2.93
C LEU A 17 0.89 5.35 3.48
N GLU A 18 -0.32 4.81 3.33
CA GLU A 18 -1.52 5.48 3.81
C GLU A 18 -1.63 5.37 5.32
N GLU A 19 -0.78 4.54 5.92
CA GLU A 19 -0.78 4.34 7.37
C GLU A 19 0.45 5.00 8.00
N ASN A 20 1.42 5.36 7.17
CA ASN A 20 2.64 5.99 7.65
C ASN A 20 2.75 7.42 7.15
N ARG A 21 2.00 7.74 6.09
CA ARG A 21 2.01 9.08 5.51
C ARG A 21 1.89 10.14 6.61
N SER A 22 0.94 9.96 7.50
CA SER A 22 0.72 10.90 8.59
C SER A 22 1.97 11.01 9.47
N ASN A 23 2.77 9.95 9.48
CA ASN A 23 3.99 9.93 10.28
C ASN A 23 5.14 10.63 9.55
N ILE A 24 5.11 10.55 8.23
CA ILE A 24 6.14 11.18 7.41
C ILE A 24 5.99 12.70 7.40
N LEU A 25 4.75 13.16 7.40
CA LEU A 25 4.46 14.60 7.39
C LEU A 25 4.69 15.20 8.77
N SER A 26 4.13 14.56 9.80
CA SER A 26 4.27 15.04 11.17
C SER A 26 5.71 15.45 11.45
N ASP A 27 6.65 14.74 10.84
CA ASP A 27 8.08 15.03 11.03
C ASP A 27 8.57 16.00 9.97
N ASN A 28 8.11 15.82 8.73
CA ASN A 28 8.51 16.67 7.62
C ASN A 28 7.30 17.33 6.98
N PRO A 29 6.91 18.52 7.49
CA PRO A 29 5.77 19.27 6.99
C PRO A 29 6.02 19.84 5.60
N ASP A 30 7.30 19.90 5.21
CA ASP A 30 7.68 20.43 3.90
C ASP A 30 6.93 19.70 2.78
N PHE A 31 6.62 18.43 3.02
CA PHE A 31 5.91 17.62 2.04
C PHE A 31 4.53 18.20 1.75
N SER A 32 4.35 18.69 0.53
CA SER A 32 3.07 19.28 0.12
C SER A 32 2.50 18.56 -1.10
N ASP A 33 3.30 17.67 -1.67
CA ASP A 33 2.88 16.92 -2.85
C ASP A 33 3.10 15.42 -2.64
N GLU A 34 2.15 14.61 -3.09
CA GLU A 34 2.25 13.16 -2.96
C GLU A 34 3.57 12.65 -3.50
N ALA A 35 4.03 13.25 -4.60
CA ALA A 35 5.29 12.85 -5.22
C ALA A 35 6.41 12.76 -4.19
N ASP A 36 6.44 13.73 -3.28
CA ASP A 36 7.45 13.76 -2.22
C ASP A 36 7.13 12.76 -1.12
N ILE A 37 5.84 12.50 -0.94
CA ILE A 37 5.38 11.57 0.09
C ILE A 37 5.63 10.12 -0.33
N ILE A 38 5.70 9.89 -1.63
CA ILE A 38 5.94 8.56 -2.17
C ILE A 38 7.42 8.22 -2.15
N LYS A 39 8.24 9.11 -2.69
CA LYS A 39 9.68 8.91 -2.73
C LYS A 39 10.22 8.56 -1.34
N GLU A 40 9.63 9.17 -0.32
CA GLU A 40 10.05 8.92 1.05
C GLU A 40 9.44 7.63 1.60
N GLY A 41 8.18 7.41 1.28
CA GLY A 41 7.49 6.21 1.74
C GLY A 41 8.21 4.94 1.33
N MET A 42 8.83 4.96 0.15
CA MET A 42 9.56 3.81 -0.34
C MET A 42 10.84 3.58 0.46
N ILE A 43 11.44 4.67 0.93
CA ILE A 43 12.66 4.58 1.71
C ILE A 43 12.41 3.92 3.07
N ARG A 44 11.26 4.26 3.67
CA ARG A 44 10.90 3.70 4.96
C ARG A 44 10.25 2.33 4.80
N PHE A 45 9.60 2.11 3.65
CA PHE A 45 8.94 0.85 3.38
C PHE A 45 9.95 -0.23 3.01
N ARG A 46 11.08 0.19 2.46
CA ARG A 46 12.14 -0.73 2.07
C ARG A 46 12.97 -1.16 3.27
N VAL A 47 13.12 -0.26 4.23
CA VAL A 47 13.89 -0.54 5.43
C VAL A 47 13.07 -1.33 6.44
N LEU A 48 11.75 -1.27 6.31
CA LEU A 48 10.85 -1.98 7.20
C LEU A 48 11.37 -3.38 7.50
N SER A 49 10.95 -3.94 8.63
CA SER A 49 11.38 -5.27 9.04
C SER A 49 10.88 -6.33 8.05
N THR A 50 11.75 -7.27 7.71
CA THR A 50 11.41 -8.33 6.78
C THR A 50 9.99 -8.83 7.02
N GLU A 51 9.50 -8.66 8.24
CA GLU A 51 8.16 -9.10 8.60
C GLU A 51 7.13 -8.04 8.24
N GLU A 52 7.43 -6.78 8.56
CA GLU A 52 6.53 -5.69 8.26
C GLU A 52 6.22 -5.62 6.77
N ARG A 53 7.25 -5.83 5.95
CA ARG A 53 7.08 -5.80 4.50
C ARG A 53 6.10 -6.86 4.03
N LYS A 54 6.41 -8.12 4.33
CA LYS A 54 5.55 -9.23 3.95
C LYS A 54 4.15 -9.07 4.54
N VAL A 55 4.09 -8.62 5.79
CA VAL A 55 2.81 -8.42 6.46
C VAL A 55 1.99 -7.34 5.77
N TRP A 56 2.53 -6.13 5.73
CA TRP A 56 1.84 -5.01 5.11
C TRP A 56 1.36 -5.38 3.71
N ALA A 57 2.19 -6.12 2.98
CA ALA A 57 1.85 -6.54 1.63
C ALA A 57 0.67 -7.51 1.64
N ASN A 58 0.47 -8.18 2.77
CA ASN A 58 -0.63 -9.14 2.91
C ASN A 58 -1.91 -8.44 3.32
N LYS A 59 -1.77 -7.30 3.98
CA LYS A 59 -2.93 -6.53 4.43
C LYS A 59 -3.74 -6.03 3.25
N ALA A 60 -3.07 -5.37 2.30
CA ALA A 60 -3.74 -4.85 1.12
C ALA A 60 -4.59 -5.92 0.45
N LYS A 61 -4.14 -7.17 0.54
CA LYS A 61 -4.86 -8.28 -0.06
C LYS A 61 -6.37 -8.14 0.15
N GLY A 62 -6.80 -8.29 1.41
CA GLY A 62 -8.21 -8.17 1.72
C GLY A 62 -8.45 -7.46 3.04
N GLU A 63 -7.61 -6.47 3.34
CA GLU A 63 -7.73 -5.71 4.57
C GLU A 63 -8.00 -6.64 5.76
N THR A 64 -7.27 -7.75 5.81
CA THR A 64 -7.42 -8.72 6.88
C THR A 64 -7.24 -8.07 8.24
N ALA A 65 -7.97 -8.56 9.24
CA ALA A 65 -7.88 -8.03 10.59
C ALA A 65 -6.43 -7.93 11.05
N SER A 66 -6.08 -6.80 11.64
CA SER A 66 -4.72 -6.58 12.13
C SER A 66 -4.73 -5.91 13.50
N GLU A 67 -3.93 -6.44 14.42
CA GLU A 67 -3.84 -5.89 15.76
C GLU A 67 -2.72 -4.88 15.87
N GLY A 68 -2.86 -3.94 16.80
CA GLY A 68 -1.84 -2.92 16.99
C GLY A 68 -2.42 -1.52 17.07
N THR A 69 -1.85 -0.61 16.30
CA THR A 69 -2.32 0.78 16.30
C THR A 69 -3.83 0.85 16.10
N GLU A 70 -4.45 1.90 16.63
CA GLU A 70 -5.88 2.08 16.51
C GLU A 70 -6.26 2.56 15.10
N ALA A 71 -7.56 2.60 14.83
CA ALA A 71 -8.04 3.05 13.53
C ALA A 71 -8.49 4.51 13.58
N LYS A 72 -8.54 5.14 12.40
CA LYS A 72 -8.93 6.54 12.31
C LYS A 72 -9.24 6.92 10.86
N LYS A 73 -10.50 7.24 10.60
CA LYS A 73 -10.92 7.63 9.26
C LYS A 73 -10.47 9.06 8.94
N ARG A 74 -10.23 9.33 7.66
CA ARG A 74 -9.80 10.65 7.22
C ARG A 74 -10.74 11.20 6.15
N LYS A 75 -10.50 12.44 5.74
CA LYS A 75 -11.32 13.09 4.73
C LYS A 75 -10.63 13.05 3.36
N SER A 76 -11.26 12.39 2.40
CA SER A 76 -10.71 12.27 1.06
C SER A 76 -10.42 13.65 0.48
N GLY A 77 -11.46 14.44 0.28
CA GLY A 77 -11.30 15.77 -0.28
C GLY A 77 -12.49 16.21 -1.11
N PRO A 78 -13.53 16.72 -0.44
CA PRO A 78 -14.75 17.19 -1.10
C PRO A 78 -14.51 18.46 -1.92
N SER A 79 -14.63 18.33 -3.23
CA SER A 79 -14.43 19.47 -4.12
C SER A 79 -15.67 20.37 -4.16
N SER A 80 -16.82 19.77 -4.45
CA SER A 80 -18.08 20.50 -4.52
C SER A 80 -18.93 20.22 -3.28
N GLY A 81 -18.82 21.11 -2.29
CA GLY A 81 -19.59 20.94 -1.07
C GLY A 81 -20.59 22.06 -0.86
N GLY A 1 -2.30 -13.64 -10.31
CA GLY A 1 -2.43 -13.67 -11.75
C GLY A 1 -2.12 -12.32 -12.38
N SER A 2 -1.37 -12.34 -13.48
CA SER A 2 -1.01 -11.12 -14.18
C SER A 2 -2.07 -10.74 -15.21
N SER A 3 -2.85 -9.71 -14.90
CA SER A 3 -3.89 -9.25 -15.80
C SER A 3 -4.38 -7.86 -15.40
N GLY A 4 -5.26 -7.29 -16.22
CA GLY A 4 -5.79 -5.97 -15.94
C GLY A 4 -5.42 -4.95 -17.00
N SER A 5 -6.08 -3.80 -16.96
CA SER A 5 -5.80 -2.74 -17.93
C SER A 5 -5.61 -1.40 -17.22
N SER A 6 -6.47 -1.10 -16.26
CA SER A 6 -6.39 0.15 -15.52
C SER A 6 -6.98 -0.02 -14.11
N GLY A 7 -6.73 0.97 -13.26
CA GLY A 7 -7.24 0.92 -11.90
C GLY A 7 -6.81 -0.33 -11.17
N ARG A 8 -5.65 -0.26 -10.51
CA ARG A 8 -5.12 -1.39 -9.77
C ARG A 8 -5.55 -1.33 -8.31
N PRO A 9 -5.63 -2.50 -7.66
CA PRO A 9 -6.03 -2.60 -6.25
C PRO A 9 -4.96 -2.05 -5.31
N LYS A 10 -5.28 -2.00 -4.02
CA LYS A 10 -4.36 -1.49 -3.02
C LYS A 10 -3.27 -2.53 -2.71
N THR A 11 -2.02 -2.09 -2.72
CA THR A 11 -0.90 -2.97 -2.44
C THR A 11 -0.28 -2.67 -1.08
N GLY A 12 0.69 -3.48 -0.69
CA GLY A 12 1.36 -3.28 0.59
C GLY A 12 1.81 -1.84 0.79
N PHE A 13 2.37 -1.25 -0.26
CA PHE A 13 2.85 0.13 -0.20
C PHE A 13 1.69 1.11 -0.05
N GLN A 14 0.57 0.78 -0.68
CA GLN A 14 -0.61 1.63 -0.61
C GLN A 14 -1.24 1.59 0.78
N MET A 15 -1.06 0.48 1.47
CA MET A 15 -1.61 0.31 2.81
C MET A 15 -0.72 0.99 3.85
N TRP A 16 0.58 0.73 3.77
CA TRP A 16 1.53 1.32 4.71
C TRP A 16 1.67 2.82 4.45
N LEU A 17 1.88 3.20 3.20
CA LEU A 17 2.03 4.60 2.84
C LEU A 17 0.86 5.43 3.36
N GLU A 18 -0.34 4.87 3.23
CA GLU A 18 -1.55 5.56 3.69
C GLU A 18 -1.70 5.45 5.20
N GLU A 19 -0.84 4.64 5.81
CA GLU A 19 -0.88 4.44 7.26
C GLU A 19 0.31 5.12 7.93
N ASN A 20 1.29 5.52 7.12
CA ASN A 20 2.49 6.17 7.64
C ASN A 20 2.58 7.60 7.13
N ARG A 21 1.96 7.85 5.99
CA ARG A 21 1.98 9.19 5.38
C ARG A 21 1.87 10.27 6.46
N SER A 22 0.92 10.10 7.36
CA SER A 22 0.72 11.06 8.44
C SER A 22 1.96 11.16 9.32
N ASN A 23 2.60 10.02 9.56
CA ASN A 23 3.79 9.99 10.40
C ASN A 23 4.98 10.63 9.67
N ILE A 24 4.97 10.55 8.35
CA ILE A 24 6.04 11.12 7.55
C ILE A 24 5.94 12.64 7.49
N LEU A 25 4.71 13.15 7.59
CA LEU A 25 4.47 14.58 7.56
C LEU A 25 4.77 15.22 8.91
N SER A 26 4.25 14.60 9.98
CA SER A 26 4.45 15.10 11.33
C SER A 26 5.92 15.48 11.55
N ASP A 27 6.82 14.73 10.92
CA ASP A 27 8.25 14.98 11.05
C ASP A 27 8.74 15.91 9.93
N ASN A 28 8.21 15.70 8.73
CA ASN A 28 8.60 16.52 7.58
C ASN A 28 7.39 17.17 6.94
N PRO A 29 7.05 18.37 7.41
CA PRO A 29 5.90 19.13 6.91
C PRO A 29 6.13 19.64 5.49
N ASP A 30 7.38 19.97 5.18
CA ASP A 30 7.73 20.47 3.86
C ASP A 30 6.96 19.73 2.77
N PHE A 31 6.69 18.45 3.00
CA PHE A 31 5.96 17.64 2.04
C PHE A 31 4.56 18.22 1.79
N SER A 32 4.33 18.66 0.55
CA SER A 32 3.04 19.24 0.18
C SER A 32 2.44 18.51 -1.02
N ASP A 33 3.23 17.62 -1.62
CA ASP A 33 2.78 16.86 -2.77
C ASP A 33 3.07 15.38 -2.59
N GLU A 34 2.16 14.53 -3.08
CA GLU A 34 2.32 13.08 -2.96
C GLU A 34 3.67 12.65 -3.50
N ALA A 35 4.11 13.27 -4.59
CA ALA A 35 5.39 12.93 -5.20
C ALA A 35 6.50 12.89 -4.15
N ASP A 36 6.46 13.83 -3.21
CA ASP A 36 7.46 13.91 -2.15
C ASP A 36 7.16 12.90 -1.05
N ILE A 37 5.88 12.54 -0.93
CA ILE A 37 5.47 11.58 0.09
C ILE A 37 5.79 10.15 -0.33
N ILE A 38 5.78 9.91 -1.63
CA ILE A 38 6.07 8.58 -2.16
C ILE A 38 7.57 8.28 -2.11
N LYS A 39 8.37 9.22 -2.60
CA LYS A 39 9.82 9.06 -2.60
C LYS A 39 10.33 8.72 -1.21
N GLU A 40 9.60 9.17 -0.19
CA GLU A 40 9.98 8.91 1.20
C GLU A 40 9.38 7.61 1.70
N GLY A 41 8.10 7.39 1.38
CA GLY A 41 7.43 6.17 1.80
C GLY A 41 8.16 4.92 1.37
N MET A 42 8.82 4.99 0.22
CA MET A 42 9.57 3.86 -0.31
C MET A 42 10.84 3.62 0.50
N ILE A 43 11.38 4.69 1.05
CA ILE A 43 12.61 4.60 1.86
C ILE A 43 12.34 3.94 3.19
N ARG A 44 11.19 4.24 3.78
CA ARG A 44 10.82 3.67 5.06
C ARG A 44 10.15 2.30 4.89
N PHE A 45 9.46 2.14 3.76
CA PHE A 45 8.78 0.89 3.46
C PHE A 45 9.77 -0.19 3.04
N ARG A 46 10.87 0.24 2.44
CA ARG A 46 11.90 -0.69 1.98
C ARG A 46 12.79 -1.14 3.15
N VAL A 47 13.04 -0.22 4.08
CA VAL A 47 13.87 -0.52 5.24
C VAL A 47 13.09 -1.35 6.27
N LEU A 48 11.76 -1.31 6.17
CA LEU A 48 10.91 -2.05 7.09
C LEU A 48 11.49 -3.44 7.37
N SER A 49 11.09 -4.02 8.50
CA SER A 49 11.57 -5.35 8.88
C SER A 49 11.02 -6.42 7.95
N THR A 50 11.86 -7.36 7.57
CA THR A 50 11.47 -8.45 6.67
C THR A 50 10.04 -8.90 6.97
N GLU A 51 9.64 -8.77 8.23
CA GLU A 51 8.29 -9.17 8.64
C GLU A 51 7.27 -8.10 8.27
N GLU A 52 7.51 -6.87 8.73
CA GLU A 52 6.61 -5.76 8.45
C GLU A 52 6.30 -5.68 6.95
N ARG A 53 7.35 -5.79 6.14
CA ARG A 53 7.18 -5.72 4.69
C ARG A 53 6.16 -6.74 4.20
N LYS A 54 6.48 -8.02 4.40
CA LYS A 54 5.59 -9.10 3.98
C LYS A 54 4.21 -8.93 4.61
N VAL A 55 4.17 -8.47 5.86
CA VAL A 55 2.91 -8.26 6.55
C VAL A 55 2.02 -7.26 5.82
N TRP A 56 2.51 -6.04 5.68
CA TRP A 56 1.77 -4.99 4.99
C TRP A 56 1.32 -5.46 3.61
N ALA A 57 2.17 -6.24 2.94
CA ALA A 57 1.86 -6.75 1.62
C ALA A 57 0.70 -7.74 1.67
N ASN A 58 0.50 -8.35 2.84
CA ASN A 58 -0.57 -9.32 3.01
C ASN A 58 -1.87 -8.62 3.40
N LYS A 59 -1.75 -7.51 4.11
CA LYS A 59 -2.92 -6.75 4.54
C LYS A 59 -3.71 -6.23 3.34
N ALA A 60 -2.99 -5.64 2.38
CA ALA A 60 -3.62 -5.11 1.19
C ALA A 60 -4.36 -6.20 0.42
N LYS A 61 -3.90 -7.44 0.58
CA LYS A 61 -4.53 -8.58 -0.10
C LYS A 61 -6.05 -8.46 -0.08
N GLY A 62 -6.63 -8.49 1.12
CA GLY A 62 -8.07 -8.38 1.25
C GLY A 62 -8.67 -9.53 2.03
N GLU A 63 -8.33 -10.75 1.64
CA GLU A 63 -8.85 -11.94 2.31
C GLU A 63 -7.85 -12.46 3.35
N THR A 64 -8.34 -12.72 4.56
CA THR A 64 -7.48 -13.22 5.64
C THR A 64 -7.08 -14.66 5.40
N ALA A 65 -8.05 -15.47 4.96
CA ALA A 65 -7.79 -16.88 4.70
C ALA A 65 -8.98 -17.53 4.00
N SER A 66 -8.74 -18.69 3.39
CA SER A 66 -9.80 -19.41 2.68
C SER A 66 -10.03 -20.78 3.31
N GLU A 67 -11.13 -20.90 4.06
CA GLU A 67 -11.47 -22.16 4.71
C GLU A 67 -11.96 -23.19 3.69
N GLY A 68 -12.82 -22.75 2.79
CA GLY A 68 -13.36 -23.65 1.78
C GLY A 68 -12.57 -23.58 0.48
N THR A 69 -13.28 -23.67 -0.64
CA THR A 69 -12.65 -23.61 -1.96
C THR A 69 -11.30 -24.34 -1.94
N GLU A 70 -11.25 -25.46 -1.23
CA GLU A 70 -10.02 -26.24 -1.14
C GLU A 70 -10.33 -27.71 -0.88
N ALA A 71 -9.80 -28.58 -1.74
CA ALA A 71 -10.02 -30.02 -1.61
C ALA A 71 -8.77 -30.72 -1.06
N LYS A 72 -8.96 -31.89 -0.49
CA LYS A 72 -7.86 -32.67 0.06
C LYS A 72 -7.04 -33.32 -1.06
N LYS A 73 -5.73 -33.37 -0.87
CA LYS A 73 -4.84 -33.97 -1.86
C LYS A 73 -4.28 -35.31 -1.35
N ARG A 74 -4.20 -36.29 -2.25
CA ARG A 74 -3.70 -37.60 -1.89
C ARG A 74 -2.49 -37.96 -2.74
N LYS A 75 -1.53 -38.66 -2.14
CA LYS A 75 -0.32 -39.07 -2.84
C LYS A 75 -0.04 -40.56 -2.64
N SER A 76 0.74 -41.14 -3.54
CA SER A 76 1.08 -42.56 -3.45
C SER A 76 2.30 -42.88 -4.31
N GLY A 77 2.94 -44.01 -4.01
CA GLY A 77 4.12 -44.40 -4.75
C GLY A 77 4.24 -45.91 -4.87
N PRO A 78 5.14 -46.36 -5.77
CA PRO A 78 5.37 -47.80 -5.99
C PRO A 78 6.07 -48.46 -4.81
N SER A 79 6.08 -49.79 -4.81
CA SER A 79 6.71 -50.55 -3.73
C SER A 79 7.81 -51.46 -4.28
N SER A 80 8.60 -52.02 -3.39
CA SER A 80 9.69 -52.91 -3.77
C SER A 80 9.58 -54.27 -3.07
N GLY A 81 10.45 -55.19 -3.43
CA GLY A 81 10.44 -56.51 -2.82
C GLY A 81 9.16 -57.28 -3.15
N GLY A 1 -3.07 14.01 -20.36
CA GLY A 1 -1.89 13.85 -21.19
C GLY A 1 -1.42 12.41 -21.27
N SER A 2 -0.28 12.13 -20.64
CA SER A 2 0.27 10.79 -20.65
C SER A 2 0.60 10.33 -19.23
N SER A 3 -0.23 9.44 -18.70
CA SER A 3 -0.05 8.92 -17.35
C SER A 3 -0.54 7.48 -17.25
N GLY A 4 0.20 6.66 -16.49
CA GLY A 4 -0.18 5.27 -16.33
C GLY A 4 -0.28 4.86 -14.87
N SER A 5 0.10 3.62 -14.58
CA SER A 5 0.05 3.11 -13.21
C SER A 5 -1.30 3.40 -12.57
N SER A 6 -2.37 3.17 -13.33
CA SER A 6 -3.73 3.41 -12.84
C SER A 6 -4.64 2.23 -13.18
N GLY A 7 -5.01 1.47 -12.15
CA GLY A 7 -5.88 0.33 -12.36
C GLY A 7 -5.64 -0.78 -11.36
N ARG A 8 -4.42 -1.32 -11.36
CA ARG A 8 -4.05 -2.39 -10.44
C ARG A 8 -4.67 -2.16 -9.07
N PRO A 9 -4.88 -3.26 -8.33
CA PRO A 9 -5.47 -3.20 -6.98
C PRO A 9 -4.52 -2.57 -5.97
N LYS A 10 -4.89 -2.66 -4.68
CA LYS A 10 -4.08 -2.10 -3.62
C LYS A 10 -2.85 -2.98 -3.36
N THR A 11 -1.83 -2.38 -2.76
CA THR A 11 -0.60 -3.09 -2.46
C THR A 11 -0.06 -2.70 -1.08
N GLY A 12 0.84 -3.53 -0.54
CA GLY A 12 1.41 -3.24 0.76
C GLY A 12 1.81 -1.79 0.91
N PHE A 13 2.53 -1.26 -0.08
CA PHE A 13 2.98 0.13 -0.06
C PHE A 13 1.78 1.08 0.10
N GLN A 14 0.66 0.72 -0.50
CA GLN A 14 -0.54 1.53 -0.42
C GLN A 14 -1.12 1.52 0.99
N MET A 15 -1.05 0.36 1.64
CA MET A 15 -1.56 0.21 3.00
C MET A 15 -0.67 0.94 3.99
N TRP A 16 0.64 0.73 3.88
CA TRP A 16 1.59 1.35 4.78
C TRP A 16 1.71 2.84 4.49
N LEU A 17 1.90 3.19 3.23
CA LEU A 17 2.02 4.59 2.84
C LEU A 17 0.86 5.41 3.37
N GLU A 18 -0.35 4.86 3.26
CA GLU A 18 -1.55 5.54 3.73
C GLU A 18 -1.68 5.43 5.25
N GLU A 19 -0.81 4.62 5.85
CA GLU A 19 -0.83 4.42 7.30
C GLU A 19 0.36 5.12 7.96
N ASN A 20 1.34 5.50 7.14
CA ASN A 20 2.52 6.18 7.64
C ASN A 20 2.59 7.62 7.15
N ARG A 21 1.98 7.87 5.99
CA ARG A 21 1.96 9.20 5.41
C ARG A 21 1.83 10.27 6.50
N SER A 22 0.90 10.06 7.42
CA SER A 22 0.67 11.01 8.50
C SER A 22 1.92 11.17 9.36
N ASN A 23 2.61 10.06 9.60
CA ASN A 23 3.84 10.08 10.40
C ASN A 23 4.98 10.73 9.62
N ILE A 24 4.95 10.58 8.31
CA ILE A 24 5.98 11.17 7.45
C ILE A 24 5.90 12.70 7.46
N LEU A 25 4.69 13.22 7.50
CA LEU A 25 4.49 14.66 7.51
C LEU A 25 4.80 15.25 8.88
N SER A 26 4.30 14.60 9.93
CA SER A 26 4.54 15.06 11.30
C SER A 26 6.02 15.38 11.51
N ASP A 27 6.88 14.65 10.83
CA ASP A 27 8.33 14.85 10.95
C ASP A 27 8.83 15.81 9.86
N ASN A 28 8.27 15.68 8.67
CA ASN A 28 8.66 16.52 7.54
C ASN A 28 7.43 17.18 6.90
N PRO A 29 7.07 18.36 7.41
CA PRO A 29 5.91 19.11 6.89
C PRO A 29 6.15 19.67 5.50
N ASP A 30 7.42 19.95 5.19
CA ASP A 30 7.79 20.49 3.89
C ASP A 30 7.02 19.78 2.77
N PHE A 31 6.74 18.50 2.96
CA PHE A 31 6.01 17.71 1.98
C PHE A 31 4.64 18.32 1.71
N SER A 32 4.43 18.77 0.48
CA SER A 32 3.16 19.37 0.10
C SER A 32 2.53 18.62 -1.07
N ASP A 33 3.30 17.71 -1.67
CA ASP A 33 2.82 16.92 -2.79
C ASP A 33 3.08 15.43 -2.56
N GLU A 34 2.15 14.61 -3.02
CA GLU A 34 2.27 13.16 -2.87
C GLU A 34 3.60 12.67 -3.43
N ALA A 35 4.04 13.29 -4.51
CA ALA A 35 5.30 12.90 -5.14
C ALA A 35 6.42 12.78 -4.12
N ASP A 36 6.46 13.73 -3.18
CA ASP A 36 7.48 13.72 -2.13
C ASP A 36 7.15 12.70 -1.06
N ILE A 37 5.86 12.47 -0.85
CA ILE A 37 5.41 11.52 0.16
C ILE A 37 5.69 10.08 -0.28
N ILE A 38 5.62 9.83 -1.58
CA ILE A 38 5.88 8.51 -2.12
C ILE A 38 7.37 8.18 -2.11
N LYS A 39 8.17 9.07 -2.66
CA LYS A 39 9.62 8.88 -2.71
C LYS A 39 10.17 8.56 -1.33
N GLU A 40 9.56 9.15 -0.30
CA GLU A 40 9.98 8.92 1.08
C GLU A 40 9.38 7.63 1.62
N GLY A 41 8.11 7.41 1.31
CA GLY A 41 7.43 6.21 1.79
C GLY A 41 8.16 4.93 1.39
N MET A 42 8.76 4.95 0.20
CA MET A 42 9.48 3.78 -0.29
C MET A 42 10.76 3.56 0.51
N ILE A 43 11.34 4.65 1.00
CA ILE A 43 12.57 4.57 1.79
C ILE A 43 12.31 3.93 3.15
N ARG A 44 11.20 4.31 3.77
CA ARG A 44 10.83 3.78 5.08
C ARG A 44 10.15 2.42 4.94
N PHE A 45 9.52 2.19 3.79
CA PHE A 45 8.84 0.93 3.54
C PHE A 45 9.84 -0.16 3.14
N ARG A 46 10.93 0.25 2.50
CA ARG A 46 11.95 -0.68 2.06
C ARG A 46 12.84 -1.11 3.23
N VAL A 47 13.02 -0.20 4.19
CA VAL A 47 13.84 -0.48 5.35
C VAL A 47 13.07 -1.28 6.39
N LEU A 48 11.74 -1.23 6.30
CA LEU A 48 10.88 -1.96 7.23
C LEU A 48 11.42 -3.35 7.50
N SER A 49 10.98 -3.95 8.61
CA SER A 49 11.43 -5.29 8.99
C SER A 49 10.89 -6.33 8.01
N THR A 50 11.75 -7.27 7.61
CA THR A 50 11.36 -8.33 6.69
C THR A 50 9.94 -8.79 6.96
N GLU A 51 9.51 -8.67 8.21
CA GLU A 51 8.16 -9.08 8.61
C GLU A 51 7.13 -8.03 8.21
N GLU A 52 7.42 -6.77 8.54
CA GLU A 52 6.52 -5.68 8.22
C GLU A 52 6.25 -5.61 6.73
N ARG A 53 7.30 -5.83 5.93
CA ARG A 53 7.18 -5.79 4.48
C ARG A 53 6.20 -6.86 3.99
N LYS A 54 6.46 -8.11 4.36
CA LYS A 54 5.61 -9.22 3.95
C LYS A 54 4.20 -9.07 4.55
N VAL A 55 4.13 -8.52 5.76
CA VAL A 55 2.86 -8.33 6.44
C VAL A 55 2.02 -7.27 5.73
N TRP A 56 2.55 -6.06 5.66
CA TRP A 56 1.84 -4.95 5.00
C TRP A 56 1.40 -5.35 3.60
N ALA A 57 2.23 -6.15 2.92
CA ALA A 57 1.91 -6.59 1.57
C ALA A 57 0.79 -7.62 1.59
N ASN A 58 0.59 -8.26 2.72
CA ASN A 58 -0.45 -9.28 2.86
C ASN A 58 -1.78 -8.64 3.29
N LYS A 59 -1.69 -7.50 3.96
CA LYS A 59 -2.87 -6.79 4.41
C LYS A 59 -3.66 -6.22 3.24
N ALA A 60 -2.96 -5.52 2.34
CA ALA A 60 -3.58 -4.93 1.17
C ALA A 60 -4.17 -6.00 0.26
N LYS A 61 -3.56 -7.18 0.27
CA LYS A 61 -4.01 -8.29 -0.55
C LYS A 61 -5.45 -8.67 -0.21
N GLY A 62 -5.66 -9.14 1.02
CA GLY A 62 -6.98 -9.53 1.44
C GLY A 62 -7.81 -8.34 1.91
N GLU A 63 -7.52 -7.17 1.36
CA GLU A 63 -8.25 -5.96 1.73
C GLU A 63 -9.73 -6.25 1.97
N THR A 64 -10.23 -7.28 1.29
CA THR A 64 -11.63 -7.66 1.42
C THR A 64 -11.88 -8.39 2.75
N ALA A 65 -12.77 -7.84 3.55
CA ALA A 65 -13.10 -8.43 4.84
C ALA A 65 -14.52 -9.00 4.85
N SER A 66 -14.66 -10.21 5.37
CA SER A 66 -15.96 -10.87 5.42
C SER A 66 -15.92 -12.07 6.36
N GLU A 67 -17.09 -12.65 6.61
CA GLU A 67 -17.20 -13.81 7.49
C GLU A 67 -16.50 -15.02 6.87
N GLY A 68 -16.96 -15.41 5.68
CA GLY A 68 -16.38 -16.55 5.00
C GLY A 68 -16.17 -17.73 5.92
N THR A 69 -14.93 -17.91 6.38
CA THR A 69 -14.59 -19.01 7.27
C THR A 69 -14.94 -18.67 8.71
N GLU A 70 -15.20 -19.71 9.51
CA GLU A 70 -15.54 -19.51 10.92
C GLU A 70 -14.45 -20.07 11.83
N ALA A 71 -14.35 -19.51 13.03
CA ALA A 71 -13.35 -19.95 14.00
C ALA A 71 -13.75 -21.28 14.64
N LYS A 72 -12.77 -22.14 14.87
CA LYS A 72 -13.02 -23.44 15.49
C LYS A 72 -14.12 -23.34 16.54
N LYS A 73 -13.92 -22.45 17.51
CA LYS A 73 -14.90 -22.27 18.59
C LYS A 73 -14.69 -20.92 19.26
N ARG A 74 -15.79 -20.19 19.49
CA ARG A 74 -15.72 -18.89 20.13
C ARG A 74 -15.75 -19.03 21.65
N LYS A 75 -14.96 -18.21 22.33
CA LYS A 75 -14.90 -18.24 23.80
C LYS A 75 -16.05 -17.45 24.40
N SER A 76 -16.45 -17.84 25.62
CA SER A 76 -17.53 -17.17 26.31
C SER A 76 -17.46 -17.42 27.81
N GLY A 77 -18.23 -16.66 28.57
CA GLY A 77 -18.24 -16.81 30.03
C GLY A 77 -17.98 -15.50 30.74
N PRO A 78 -19.05 -14.71 30.92
CA PRO A 78 -18.97 -13.42 31.61
C PRO A 78 -18.70 -13.56 33.10
N SER A 79 -18.54 -14.81 33.55
CA SER A 79 -18.28 -15.08 34.96
C SER A 79 -17.35 -14.03 35.55
N SER A 80 -17.92 -13.13 36.35
CA SER A 80 -17.14 -12.07 36.98
C SER A 80 -17.50 -11.94 38.45
N GLY A 81 -16.74 -11.11 39.17
CA GLY A 81 -17.00 -10.91 40.59
C GLY A 81 -16.56 -12.09 41.42
#